data_4Y8W
#
_entry.id   4Y8W
#
_cell.length_a   150.383
_cell.length_b   86.860
_cell.length_c   108.923
_cell.angle_alpha   90.00
_cell.angle_beta   102.11
_cell.angle_gamma   90.00
#
_symmetry.space_group_name_H-M   'C 1 2 1'
#
loop_
_entity.id
_entity.type
_entity.pdbx_description
1 polymer 'Cytochrome P450 21-hydroxylase'
2 non-polymer 'SULFATE ION'
3 non-polymer 'PROTOPORPHYRIN IX CONTAINING FE'
4 non-polymer PROGESTERONE
5 water water
#
_entity_poly.entity_id   1
_entity_poly.type   'polypeptide(L)'
_entity_poly.pdbx_seq_one_letter_code
;MAKKTSSKGKLPPLAPGFLHLLQPDLPIYLLGLTQKFGPIYRLHLGLQDVVVLNSKRTIEEAMVKKWADFAGRPEPLTYK
LVSRNYPDLSLGDYSLLWKAHKKLTRSALLLGIRDSMEPVVEQLTQEFCERMRAQPGTPVAIEEEFSLLTCSIICYLTFG
DKIKDDNLMPAYYKCIQEVLKTWSHWSIQIVDVIPFLRFFPNPGLRRLKQAIEKRDHIVEMQLRQHKESLVAGQWRDMMD
YMLQGVAQPSMEEGSGQLLEGHVHMAAVDLLIGGTETTANTLSWAVVFLLHHPEIQQRLQEELDHELGPGASSSRVPYKD
RARLPLLNATIAEVLRLRPVVPLALPHRTTRPSSISGYDIPEGTVIIPNLQGAHLDETVWERPHEFWPDRFLEPGKNSRA
LAFGCGARVCLGEPLARLELFVVLTRLLQAFTLLPSGDALPSLQPLPHCSVILKMQPFQVRLQPRGMGAHSPGQSQHHHH
HH
;
_entity_poly.pdbx_strand_id   A,B,C
#
loop_
_chem_comp.id
_chem_comp.type
_chem_comp.name
_chem_comp.formula
HEM non-polymer 'PROTOPORPHYRIN IX CONTAINING FE' 'C34 H32 Fe N4 O4'
SO4 non-polymer 'SULFATE ION' 'O4 S -2'
STR non-polymer PROGESTERONE 'C21 H30 O2'
#
# COMPACT_ATOMS: atom_id res chain seq x y z
N LYS A 10 23.02 4.24 26.03
CA LYS A 10 23.09 5.57 25.36
C LYS A 10 21.71 6.15 25.05
N LEU A 11 21.31 7.13 25.86
CA LEU A 11 20.08 7.91 25.71
C LEU A 11 20.14 8.83 24.46
N PRO A 12 18.97 9.21 23.88
CA PRO A 12 18.98 10.16 22.76
C PRO A 12 19.52 11.55 23.16
N PRO A 13 20.27 12.24 22.25
CA PRO A 13 20.97 13.49 22.57
C PRO A 13 20.09 14.56 23.20
N LEU A 14 20.66 15.30 24.15
CA LEU A 14 19.91 16.26 24.98
C LEU A 14 20.11 17.70 24.51
N ALA A 15 19.01 18.30 24.03
CA ALA A 15 18.98 19.71 23.64
C ALA A 15 18.97 20.60 24.89
N PRO A 16 19.82 21.65 24.92
CA PRO A 16 19.90 22.51 26.10
C PRO A 16 18.76 23.51 26.20
N GLY A 17 18.38 23.85 27.43
CA GLY A 17 17.33 24.83 27.70
C GLY A 17 16.16 24.36 28.54
N PHE A 18 15.22 25.30 28.73
CA PHE A 18 13.99 25.20 29.53
C PHE A 18 13.40 26.61 29.40
N LEU A 19 12.09 26.83 29.58
CA LEU A 19 11.02 25.88 29.32
C LEU A 19 10.72 26.16 27.87
N HIS A 20 10.99 25.17 27.01
CA HIS A 20 10.71 25.29 25.56
C HIS A 20 9.20 25.41 25.27
N LEU A 21 8.38 25.22 26.30
CA LEU A 21 6.92 25.44 26.24
C LEU A 21 6.57 26.85 25.78
N LEU A 22 7.32 27.83 26.26
CA LEU A 22 7.05 29.24 25.99
C LEU A 22 7.32 29.67 24.54
N GLN A 23 7.87 28.75 23.75
CA GLN A 23 8.06 28.97 22.31
C GLN A 23 6.73 29.14 21.57
N PRO A 24 6.65 30.17 20.69
CA PRO A 24 5.41 30.54 19.98
C PRO A 24 4.71 29.37 19.27
N ASP A 25 5.33 28.79 18.25
CA ASP A 25 4.76 27.63 17.56
C ASP A 25 5.53 26.36 17.92
N LEU A 26 5.21 25.80 19.08
CA LEU A 26 5.95 24.69 19.70
C LEU A 26 6.22 23.50 18.75
N PRO A 27 5.18 22.91 18.10
CA PRO A 27 5.44 21.80 17.16
C PRO A 27 6.43 22.14 16.03
N ILE A 28 6.40 23.39 15.58
CA ILE A 28 7.31 23.85 14.52
C ILE A 28 8.71 24.18 15.10
N TYR A 29 8.75 24.66 16.34
CA TYR A 29 10.02 24.85 17.07
C TYR A 29 10.73 23.52 17.31
N LEU A 30 9.95 22.49 17.63
CA LEU A 30 10.48 21.14 17.86
C LEU A 30 11.03 20.52 16.57
N LEU A 31 10.37 20.80 15.45
CA LEU A 31 10.83 20.38 14.11
C LEU A 31 12.16 21.03 13.75
N GLY A 32 12.31 22.31 14.07
CA GLY A 32 13.54 23.06 13.83
C GLY A 32 14.76 22.50 14.52
N LEU A 33 14.54 21.86 15.68
CA LEU A 33 15.61 21.24 16.46
C LEU A 33 16.13 19.91 15.90
N THR A 34 15.40 19.34 14.93
CA THR A 34 15.81 18.08 14.28
C THR A 34 17.00 18.25 13.35
N GLN A 35 17.17 19.48 12.84
CA GLN A 35 18.32 19.85 12.02
C GLN A 35 19.65 19.59 12.73
N LYS A 36 19.72 19.94 14.01
CA LYS A 36 20.93 19.78 14.80
C LYS A 36 20.98 18.46 15.58
N PHE A 37 19.83 18.00 16.07
CA PHE A 37 19.79 16.83 16.97
C PHE A 37 19.22 15.53 16.37
N GLY A 38 18.69 15.61 15.16
CA GLY A 38 18.07 14.45 14.51
C GLY A 38 16.59 14.34 14.83
N PRO A 39 15.91 13.31 14.27
CA PRO A 39 14.46 13.14 14.47
C PRO A 39 14.06 12.86 15.92
N ILE A 40 14.96 12.22 16.68
CA ILE A 40 14.71 11.85 18.09
C ILE A 40 15.77 12.48 19.01
N TYR A 41 15.29 13.13 20.07
CA TYR A 41 16.14 13.80 21.07
C TYR A 41 15.42 13.97 22.42
N ARG A 42 16.21 14.30 23.46
CA ARG A 42 15.69 14.69 24.77
C ARG A 42 15.72 16.20 24.94
N LEU A 43 14.72 16.75 25.64
CA LEU A 43 14.72 18.17 26.04
C LEU A 43 13.78 18.43 27.23
N HIS A 44 14.02 19.55 27.93
CA HIS A 44 13.21 19.95 29.08
C HIS A 44 11.94 20.72 28.71
N LEU A 45 10.85 19.98 28.51
CA LEU A 45 9.53 20.59 28.43
C LEU A 45 9.06 20.87 29.85
N GLY A 46 9.03 22.15 30.20
CA GLY A 46 8.80 22.58 31.57
C GLY A 46 10.05 22.34 32.41
N LEU A 47 9.88 21.59 33.49
CA LEU A 47 10.97 21.24 34.39
C LEU A 47 11.36 19.76 34.25
N GLN A 48 10.58 19.05 33.45
CA GLN A 48 10.69 17.61 33.27
C GLN A 48 11.52 17.26 32.04
N ASP A 49 12.29 16.17 32.13
CA ASP A 49 13.02 15.60 30.99
C ASP A 49 12.08 14.71 30.17
N VAL A 50 11.98 15.01 28.87
CA VAL A 50 11.04 14.34 27.95
C VAL A 50 11.71 14.12 26.58
N VAL A 51 11.44 12.97 25.95
CA VAL A 51 11.91 12.72 24.57
C VAL A 51 10.82 13.04 23.54
N VAL A 52 11.23 13.63 22.43
CA VAL A 52 10.31 14.09 21.38
C VAL A 52 10.62 13.36 20.06
N LEU A 53 9.55 12.87 19.41
CA LEU A 53 9.65 12.21 18.11
C LEU A 53 9.12 13.15 17.03
N ASN A 54 9.87 13.28 15.93
CA ASN A 54 9.57 14.28 14.89
C ASN A 54 9.52 13.74 13.46
N SER A 55 9.52 12.40 13.32
CA SER A 55 9.36 11.74 12.02
C SER A 55 8.43 10.55 12.14
N LYS A 56 7.66 10.33 11.07
CA LYS A 56 6.76 9.18 10.92
C LYS A 56 7.45 7.85 11.25
N ARG A 57 8.66 7.67 10.73
CA ARG A 57 9.48 6.47 11.00
C ARG A 57 9.72 6.21 12.50
N THR A 58 10.09 7.25 13.24
CA THR A 58 10.33 7.15 14.69
C THR A 58 9.05 6.98 15.51
N ILE A 59 7.97 7.65 15.08
CA ILE A 59 6.65 7.52 15.72
C ILE A 59 6.07 6.10 15.52
N GLU A 60 6.19 5.58 14.30
CA GLU A 60 5.71 4.23 13.98
C GLU A 60 6.54 3.12 14.61
N GLU A 61 7.85 3.34 14.71
CA GLU A 61 8.74 2.40 15.40
C GLU A 61 8.32 2.29 16.87
N ALA A 62 8.04 3.43 17.49
CA ALA A 62 7.62 3.46 18.90
C ALA A 62 6.21 2.90 19.08
N MET A 63 5.24 3.47 18.35
CA MET A 63 3.82 3.17 18.60
C MET A 63 3.26 1.92 17.91
N VAL A 64 3.80 1.58 16.73
CA VAL A 64 3.30 0.44 15.94
C VAL A 64 4.16 -0.81 16.12
N LYS A 65 5.48 -0.66 15.99
CA LYS A 65 6.40 -1.79 16.15
C LYS A 65 6.55 -2.22 17.61
N LYS A 66 6.75 -1.24 18.49
CA LYS A 66 6.90 -1.47 19.93
C LYS A 66 5.61 -1.15 20.69
N TRP A 67 4.51 -1.73 20.21
CA TRP A 67 3.14 -1.55 20.71
C TRP A 67 3.00 -1.27 22.22
N ALA A 68 3.35 -2.25 23.03
CA ALA A 68 3.18 -2.18 24.48
C ALA A 68 4.19 -1.26 25.16
N ASP A 69 5.36 -1.10 24.54
CA ASP A 69 6.50 -0.40 25.14
C ASP A 69 6.24 1.06 25.48
N PHE A 70 5.32 1.70 24.75
CA PHE A 70 5.07 3.14 24.95
C PHE A 70 3.62 3.52 25.29
N ALA A 71 2.66 2.73 24.78
CA ALA A 71 1.25 2.66 25.24
C ALA A 71 0.71 3.37 26.52
N GLY A 72 1.58 3.73 27.47
CA GLY A 72 1.16 4.33 28.73
C GLY A 72 0.88 5.83 28.72
N ARG A 73 0.32 6.33 29.83
CA ARG A 73 0.11 7.76 30.04
C ARG A 73 0.86 8.23 31.31
N PRO A 74 1.30 9.51 31.35
CA PRO A 74 1.77 10.04 32.64
C PRO A 74 0.58 10.44 33.50
N GLU A 75 0.83 10.79 34.76
CA GLU A 75 -0.26 11.20 35.66
C GLU A 75 0.07 12.48 36.45
N PRO A 76 0.11 13.66 35.77
CA PRO A 76 0.25 14.90 36.53
C PRO A 76 -1.10 15.31 37.13
N LEU A 77 -1.11 16.33 38.00
CA LEU A 77 -2.27 16.67 38.84
C LEU A 77 -3.63 16.82 38.13
N THR A 78 -3.64 17.46 36.96
CA THR A 78 -4.89 17.75 36.23
C THR A 78 -5.59 16.49 35.69
N TYR A 79 -4.81 15.44 35.43
CA TYR A 79 -5.33 14.12 35.06
C TYR A 79 -6.15 13.53 36.22
N LYS A 80 -5.61 13.66 37.43
CA LYS A 80 -6.29 13.26 38.66
C LYS A 80 -7.51 14.15 38.95
N LEU A 81 -7.34 15.47 38.78
CA LEU A 81 -8.40 16.47 39.03
C LEU A 81 -9.67 16.28 38.18
N VAL A 82 -9.51 15.83 36.93
CA VAL A 82 -10.66 15.65 36.02
C VAL A 82 -11.35 14.30 36.19
N SER A 83 -10.69 13.39 36.92
CA SER A 83 -11.23 12.05 37.16
C SER A 83 -10.90 11.60 38.58
N ARG A 84 -11.45 12.28 39.55
CA ARG A 84 -11.26 11.92 40.95
C ARG A 84 -11.95 10.63 41.27
N ASN A 85 -13.15 10.48 40.76
CA ASN A 85 -13.93 9.28 40.91
C ASN A 85 -13.37 8.18 40.04
N TYR A 86 -12.72 8.61 38.96
CA TYR A 86 -12.01 7.82 37.95
C TYR A 86 -12.99 7.10 37.15
N PRO A 87 -12.53 6.17 36.21
CA PRO A 87 -11.13 6.22 35.77
C PRO A 87 -11.21 6.52 34.25
N ASP A 88 -10.44 7.45 33.77
CA ASP A 88 -10.49 7.88 32.39
C ASP A 88 -9.88 6.94 31.37
N LEU A 89 -10.39 6.98 30.14
CA LEU A 89 -9.83 6.19 29.05
C LEU A 89 -8.64 6.93 28.44
N SER A 90 -8.87 8.15 27.97
CA SER A 90 -7.89 8.92 27.21
C SER A 90 -6.63 9.28 28.00
N LEU A 91 -6.78 9.44 29.31
CA LEU A 91 -5.67 9.76 30.21
C LEU A 91 -5.27 8.58 31.09
N GLY A 92 -6.01 7.48 30.98
CA GLY A 92 -5.70 6.25 31.72
C GLY A 92 -4.43 5.60 31.24
N ASP A 93 -3.64 5.10 32.19
CA ASP A 93 -2.41 4.36 31.93
C ASP A 93 -2.72 3.02 31.24
N TYR A 94 -1.72 2.48 30.55
CA TYR A 94 -1.85 1.18 29.89
C TYR A 94 -1.90 0.06 30.91
N SER A 95 -2.99 -0.71 30.86
CA SER A 95 -3.23 -1.85 31.74
C SER A 95 -4.12 -2.85 31.01
N LEU A 96 -4.35 -4.01 31.62
CA LEU A 96 -5.26 -5.00 31.04
C LEU A 96 -6.72 -4.51 31.10
N LEU A 97 -7.06 -3.82 32.19
CA LEU A 97 -8.39 -3.22 32.38
C LEU A 97 -8.66 -2.01 31.46
N TRP A 98 -7.64 -1.19 31.22
CA TRP A 98 -7.74 -0.08 30.25
C TRP A 98 -8.04 -0.59 28.83
N LYS A 99 -7.41 -1.70 28.44
CA LYS A 99 -7.63 -2.32 27.13
C LYS A 99 -9.07 -2.74 26.96
N ALA A 100 -9.63 -3.38 27.99
CA ALA A 100 -11.04 -3.75 28.04
C ALA A 100 -11.94 -2.51 28.03
N HIS A 101 -11.50 -1.46 28.72
CA HIS A 101 -12.19 -0.16 28.73
C HIS A 101 -12.33 0.38 27.30
N LYS A 102 -11.21 0.53 26.60
CA LYS A 102 -11.19 1.07 25.23
C LYS A 102 -11.93 0.18 24.22
N LYS A 103 -11.69 -1.13 24.31
CA LYS A 103 -12.37 -2.14 23.47
C LYS A 103 -13.89 -1.95 23.47
N LEU A 104 -14.46 -1.74 24.66
CA LEU A 104 -15.90 -1.61 24.87
C LEU A 104 -16.50 -0.36 24.22
N THR A 105 -15.85 0.79 24.42
CA THR A 105 -16.31 2.07 23.88
C THR A 105 -16.10 2.13 22.36
N ARG A 106 -15.05 1.45 21.90
CA ARG A 106 -14.76 1.24 20.48
C ARG A 106 -15.90 0.45 19.82
N SER A 107 -16.41 -0.55 20.53
CA SER A 107 -17.55 -1.36 20.09
C SER A 107 -18.88 -0.57 20.05
N ALA A 108 -19.04 0.38 20.98
CA ALA A 108 -20.21 1.25 21.02
C ALA A 108 -20.29 2.17 19.81
N LEU A 109 -19.13 2.67 19.38
CA LEU A 109 -19.02 3.52 18.21
C LEU A 109 -19.17 2.73 16.90
N LEU A 110 -18.64 1.52 16.86
CA LEU A 110 -18.60 0.73 15.62
C LEU A 110 -19.79 -0.21 15.39
N LEU A 111 -20.31 -0.80 16.46
CA LEU A 111 -21.46 -1.73 16.37
C LEU A 111 -22.73 -1.19 17.00
N GLY A 112 -22.60 -0.51 18.14
CA GLY A 112 -23.74 0.08 18.86
C GLY A 112 -24.52 1.07 18.03
N ILE A 113 -23.78 1.90 17.30
CA ILE A 113 -24.34 2.81 16.31
C ILE A 113 -23.78 2.47 14.92
N ARG A 114 -23.92 1.19 14.52
CA ARG A 114 -23.50 0.72 13.18
C ARG A 114 -24.36 1.40 12.11
N ASP A 115 -25.68 1.26 12.26
CA ASP A 115 -26.66 2.13 11.59
C ASP A 115 -26.74 3.40 12.44
N SER A 116 -27.63 4.34 12.12
CA SER A 116 -27.74 5.62 12.87
C SER A 116 -26.60 6.62 12.61
N MET A 117 -25.35 6.17 12.75
CA MET A 117 -24.15 7.02 12.61
C MET A 117 -24.18 7.88 11.32
N GLU A 118 -24.49 7.25 10.20
CA GLU A 118 -24.69 7.96 8.92
C GLU A 118 -25.92 8.90 8.94
N PRO A 119 -27.16 8.35 9.18
CA PRO A 119 -28.37 9.20 9.21
C PRO A 119 -28.38 10.36 10.21
N VAL A 120 -27.84 10.15 11.42
CA VAL A 120 -27.74 11.19 12.45
C VAL A 120 -26.79 12.31 11.97
N VAL A 121 -25.65 11.93 11.39
CA VAL A 121 -24.71 12.89 10.82
C VAL A 121 -25.35 13.64 9.65
N GLU A 122 -25.96 12.92 8.71
CA GLU A 122 -26.58 13.57 7.55
C GLU A 122 -27.81 14.45 7.88
N GLN A 123 -28.55 14.09 8.93
CA GLN A 123 -29.69 14.90 9.38
C GLN A 123 -29.25 16.23 9.99
N LEU A 124 -28.24 16.17 10.85
CA LEU A 124 -27.75 17.35 11.56
C LEU A 124 -26.97 18.34 10.69
N THR A 125 -26.26 17.82 9.68
CA THR A 125 -25.57 18.69 8.72
C THR A 125 -26.58 19.40 7.80
N GLN A 126 -27.69 18.71 7.50
CA GLN A 126 -28.76 19.30 6.69
C GLN A 126 -29.48 20.43 7.43
N GLU A 127 -29.70 20.24 8.74
CA GLU A 127 -30.20 21.30 9.63
C GLU A 127 -29.25 22.49 9.68
N PHE A 128 -27.95 22.20 9.75
CA PHE A 128 -26.87 23.19 9.68
C PHE A 128 -26.93 24.00 8.38
N CYS A 129 -27.05 23.31 7.24
CA CYS A 129 -27.17 23.97 5.93
C CYS A 129 -28.43 24.83 5.81
N GLU A 130 -29.54 24.34 6.36
CA GLU A 130 -30.81 25.08 6.45
C GLU A 130 -30.67 26.34 7.32
N ARG A 131 -29.92 26.20 8.42
CA ARG A 131 -29.64 27.30 9.35
C ARG A 131 -28.78 28.38 8.71
N MET A 132 -27.90 27.98 7.81
CA MET A 132 -27.02 28.90 7.08
C MET A 132 -27.77 29.67 5.99
N ARG A 133 -28.87 29.08 5.51
CA ARG A 133 -29.73 29.72 4.51
C ARG A 133 -30.59 30.87 5.08
N ALA A 134 -30.53 31.06 6.39
CA ALA A 134 -31.31 32.10 7.09
C ALA A 134 -31.06 33.51 6.56
N GLN A 135 -29.77 33.86 6.44
CA GLN A 135 -29.36 35.16 5.91
C GLN A 135 -28.15 34.98 4.98
N PRO A 136 -28.40 34.66 3.69
CA PRO A 136 -27.31 34.47 2.72
C PRO A 136 -26.47 35.73 2.54
N GLY A 137 -25.15 35.56 2.39
CA GLY A 137 -24.21 36.67 2.21
C GLY A 137 -23.98 37.56 3.42
N THR A 138 -24.28 37.05 4.61
CA THR A 138 -24.01 37.74 5.87
C THR A 138 -22.79 37.08 6.54
N PRO A 139 -21.85 37.90 7.10
CA PRO A 139 -20.67 37.38 7.83
C PRO A 139 -21.05 36.37 8.91
N VAL A 140 -20.48 35.16 8.80
CA VAL A 140 -20.81 34.06 9.71
C VAL A 140 -19.61 33.60 10.53
N ALA A 141 -19.78 33.54 11.85
CA ALA A 141 -18.81 32.92 12.75
C ALA A 141 -18.89 31.39 12.63
N ILE A 142 -18.21 30.88 11.60
CA ILE A 142 -18.32 29.47 11.18
C ILE A 142 -17.66 28.48 12.16
N GLU A 143 -16.69 28.97 12.93
CA GLU A 143 -16.07 28.22 14.03
C GLU A 143 -17.14 27.71 15.00
N GLU A 144 -17.98 28.64 15.46
CA GLU A 144 -19.06 28.38 16.41
C GLU A 144 -20.16 27.51 15.83
N GLU A 145 -20.41 27.66 14.52
CA GLU A 145 -21.40 26.85 13.79
C GLU A 145 -20.97 25.39 13.64
N PHE A 146 -19.71 25.18 13.22
CA PHE A 146 -19.13 23.82 13.13
C PHE A 146 -19.06 23.13 14.49
N SER A 147 -18.72 23.91 15.53
CA SER A 147 -18.70 23.43 16.92
C SER A 147 -20.05 22.94 17.41
N LEU A 148 -21.13 23.65 17.05
CA LEU A 148 -22.48 23.26 17.41
C LEU A 148 -22.90 21.99 16.66
N LEU A 149 -22.49 21.90 15.39
CA LEU A 149 -22.77 20.74 14.53
C LEU A 149 -22.13 19.48 15.09
N THR A 150 -20.82 19.55 15.33
CA THR A 150 -20.02 18.40 15.78
C THR A 150 -20.40 17.96 17.19
N CYS A 151 -20.70 18.93 18.06
CA CYS A 151 -21.15 18.67 19.43
C CYS A 151 -22.52 17.99 19.43
N SER A 152 -23.43 18.51 18.60
CA SER A 152 -24.76 17.92 18.41
C SER A 152 -24.64 16.45 18.00
N ILE A 153 -23.87 16.20 16.94
CA ILE A 153 -23.60 14.85 16.43
C ILE A 153 -23.17 13.86 17.54
N ILE A 154 -22.12 14.21 18.28
CA ILE A 154 -21.59 13.32 19.33
C ILE A 154 -22.55 13.15 20.51
N CYS A 155 -23.33 14.20 20.81
CA CYS A 155 -24.36 14.13 21.85
C CYS A 155 -25.47 13.15 21.46
N TYR A 156 -26.08 13.35 20.29
CA TYR A 156 -27.15 12.48 19.76
C TYR A 156 -26.74 11.01 19.68
N LEU A 157 -25.48 10.78 19.31
CA LEU A 157 -24.96 9.42 19.19
C LEU A 157 -24.62 8.77 20.53
N THR A 158 -24.27 9.60 21.52
CA THR A 158 -24.00 9.10 22.88
C THR A 158 -25.26 9.01 23.72
N PHE A 159 -26.10 10.05 23.67
CA PHE A 159 -27.23 10.18 24.58
C PHE A 159 -28.62 9.86 23.99
N GLY A 160 -28.73 9.91 22.66
CA GLY A 160 -29.98 9.57 21.97
C GLY A 160 -30.94 10.72 21.72
N ASP A 161 -32.23 10.40 21.64
CA ASP A 161 -33.28 11.32 21.18
C ASP A 161 -33.60 12.49 22.12
N LYS A 162 -33.52 12.24 23.42
CA LYS A 162 -33.89 13.21 24.47
C LYS A 162 -33.19 14.58 24.40
N ILE A 163 -32.13 14.67 23.59
CA ILE A 163 -31.29 15.86 23.50
C ILE A 163 -32.02 17.07 22.90
N LYS A 164 -32.64 16.93 21.74
CA LYS A 164 -33.59 17.96 21.30
C LYS A 164 -34.98 17.37 21.21
N ASP A 165 -35.65 17.48 22.36
CA ASP A 165 -36.84 16.74 22.76
C ASP A 165 -37.11 17.27 24.17
N ASP A 166 -36.04 17.27 24.98
CA ASP A 166 -35.95 18.08 26.20
C ASP A 166 -35.12 19.35 25.92
N ASN A 167 -34.71 19.53 24.66
CA ASN A 167 -33.91 20.67 24.16
C ASN A 167 -32.68 20.97 25.03
N LEU A 168 -31.75 20.01 25.06
CA LEU A 168 -30.59 20.02 25.96
C LEU A 168 -29.28 20.47 25.31
N MET A 169 -29.24 20.55 23.98
CA MET A 169 -28.05 21.06 23.26
C MET A 169 -27.49 22.41 23.73
N PRO A 170 -28.36 23.43 24.00
CA PRO A 170 -27.85 24.68 24.58
C PRO A 170 -26.96 24.52 25.82
N ALA A 171 -27.49 23.88 26.87
CA ALA A 171 -26.77 23.66 28.13
C ALA A 171 -25.55 22.73 27.97
N TYR A 172 -25.70 21.70 27.13
CA TYR A 172 -24.66 20.70 26.89
C TYR A 172 -23.47 21.28 26.13
N TYR A 173 -23.75 22.05 25.08
CA TYR A 173 -22.73 22.78 24.33
C TYR A 173 -21.94 23.70 25.27
N LYS A 174 -22.65 24.54 26.02
CA LYS A 174 -22.06 25.46 26.99
C LYS A 174 -21.10 24.75 27.95
N CYS A 175 -21.54 23.63 28.50
CA CYS A 175 -20.77 22.84 29.46
C CYS A 175 -19.54 22.21 28.82
N ILE A 176 -19.73 21.48 27.71
CA ILE A 176 -18.62 20.83 27.00
C ILE A 176 -17.53 21.82 26.57
N GLN A 177 -17.95 22.97 26.03
CA GLN A 177 -17.01 24.03 25.63
C GLN A 177 -16.17 24.52 26.83
N GLU A 178 -16.86 24.82 27.94
CA GLU A 178 -16.22 25.34 29.15
C GLU A 178 -15.19 24.41 29.78
N VAL A 179 -15.51 23.11 29.81
CA VAL A 179 -14.65 22.07 30.38
C VAL A 179 -13.29 22.05 29.68
N LEU A 180 -13.32 21.99 28.34
CA LEU A 180 -12.09 22.02 27.54
C LEU A 180 -11.40 23.39 27.58
N LYS A 181 -12.21 24.46 27.59
CA LYS A 181 -11.72 25.84 27.67
C LYS A 181 -10.87 26.07 28.93
N THR A 182 -11.36 25.57 30.06
CA THR A 182 -10.67 25.73 31.34
C THR A 182 -9.43 24.85 31.40
N TRP A 183 -9.59 23.56 31.12
CA TRP A 183 -8.50 22.57 31.21
C TRP A 183 -7.27 22.92 30.36
N SER A 184 -7.51 23.41 29.14
CA SER A 184 -6.42 23.72 28.19
C SER A 184 -5.76 25.10 28.39
N HIS A 185 -6.31 25.91 29.29
CA HIS A 185 -5.75 27.23 29.61
C HIS A 185 -4.36 27.12 30.26
N TRP A 186 -3.53 28.16 30.11
CA TRP A 186 -2.17 28.16 30.67
C TRP A 186 -2.16 27.98 32.19
N SER A 187 -3.03 28.71 32.89
CA SER A 187 -3.38 28.39 34.28
C SER A 187 -4.15 27.07 34.23
N ILE A 188 -3.82 26.15 35.13
CA ILE A 188 -4.20 24.71 35.07
C ILE A 188 -3.07 23.89 34.44
N GLN A 189 -2.76 24.16 33.16
CA GLN A 189 -1.68 23.44 32.44
C GLN A 189 -0.29 23.70 33.02
N ILE A 190 -0.13 24.85 33.69
CA ILE A 190 1.14 25.23 34.33
C ILE A 190 1.42 24.44 35.62
N VAL A 191 0.37 23.90 36.23
CA VAL A 191 0.49 23.07 37.43
C VAL A 191 1.04 21.68 37.06
N ASP A 192 0.67 21.19 35.87
CA ASP A 192 1.18 19.91 35.34
C ASP A 192 2.68 19.93 35.09
N VAL A 193 3.18 21.03 34.53
CA VAL A 193 4.60 21.16 34.17
C VAL A 193 5.49 21.57 35.35
N ILE A 194 4.94 22.39 36.25
CA ILE A 194 5.60 22.79 37.49
C ILE A 194 4.70 22.44 38.70
N PRO A 195 4.86 21.22 39.27
CA PRO A 195 3.93 20.63 40.24
C PRO A 195 3.67 21.45 41.52
N PHE A 196 4.67 22.19 42.00
CA PHE A 196 4.57 22.91 43.29
C PHE A 196 3.63 24.12 43.31
N LEU A 197 3.25 24.61 42.12
CA LEU A 197 2.28 25.70 41.99
C LEU A 197 0.83 25.28 42.28
N ARG A 198 0.65 24.03 42.73
CA ARG A 198 -0.64 23.51 43.15
C ARG A 198 -1.14 24.18 44.44
N PHE A 199 -0.21 24.54 45.32
CA PHE A 199 -0.51 25.17 46.60
C PHE A 199 -0.75 26.67 46.46
N PHE A 200 -0.25 27.24 45.38
CA PHE A 200 -0.51 28.64 44.97
C PHE A 200 -2.00 28.87 44.67
N PRO A 201 -2.51 30.07 44.98
CA PRO A 201 -3.87 30.44 44.54
C PRO A 201 -3.96 30.54 43.01
N ASN A 202 -5.01 29.93 42.46
CA ASN A 202 -5.19 29.82 41.01
C ASN A 202 -6.66 29.89 40.64
N PRO A 203 -7.15 31.07 40.21
CA PRO A 203 -8.44 31.13 39.52
C PRO A 203 -8.26 30.47 38.15
N GLY A 204 -8.97 29.37 37.97
CA GLY A 204 -8.72 28.46 36.85
C GLY A 204 -8.99 27.07 37.37
N LEU A 205 -8.24 26.67 38.40
CA LEU A 205 -8.46 25.40 39.10
C LEU A 205 -9.85 25.33 39.73
N ARG A 206 -10.26 26.44 40.35
CA ARG A 206 -11.57 26.58 40.99
C ARG A 206 -12.68 26.68 39.95
N ARG A 207 -12.35 27.29 38.81
CA ARG A 207 -13.24 27.35 37.64
C ARG A 207 -13.40 25.96 36.99
N LEU A 208 -12.31 25.18 36.99
CA LEU A 208 -12.26 23.82 36.45
C LEU A 208 -13.10 22.84 37.28
N LYS A 209 -12.90 22.87 38.60
CA LYS A 209 -13.69 22.05 39.55
C LYS A 209 -15.20 22.26 39.41
N GLN A 210 -15.60 23.53 39.29
CA GLN A 210 -17.01 23.91 39.06
C GLN A 210 -17.52 23.48 37.68
N ALA A 211 -16.59 23.28 36.74
CA ALA A 211 -16.90 22.79 35.39
C ALA A 211 -16.88 21.26 35.28
N ILE A 212 -16.33 20.59 36.29
CA ILE A 212 -16.34 19.12 36.34
C ILE A 212 -17.61 18.60 37.04
N GLU A 213 -18.12 19.35 38.03
CA GLU A 213 -19.34 19.00 38.79
C GLU A 213 -20.52 18.62 37.88
N LYS A 214 -20.83 19.50 36.94
CA LYS A 214 -21.38 19.14 35.64
C LYS A 214 -20.30 19.75 34.75
N ARG A 215 -19.65 19.03 33.84
CA ARG A 215 -19.97 17.73 33.17
C ARG A 215 -20.48 16.47 33.91
N ASP A 216 -20.09 16.27 35.16
CA ASP A 216 -20.51 15.05 35.89
C ASP A 216 -22.01 14.93 36.16
N HIS A 217 -22.69 16.03 36.49
CA HIS A 217 -24.15 16.02 36.68
C HIS A 217 -24.87 15.62 35.40
N ILE A 218 -24.44 16.20 34.26
CA ILE A 218 -24.98 15.90 32.93
C ILE A 218 -24.87 14.41 32.56
N VAL A 219 -23.65 13.88 32.64
CA VAL A 219 -23.34 12.50 32.23
C VAL A 219 -24.02 11.49 33.16
N GLU A 220 -24.06 11.82 34.46
CA GLU A 220 -24.72 10.99 35.47
C GLU A 220 -26.24 10.97 35.34
N MET A 221 -26.84 12.14 35.11
CA MET A 221 -28.28 12.26 34.85
C MET A 221 -28.69 11.45 33.64
N GLN A 222 -27.87 11.49 32.61
CA GLN A 222 -28.09 10.76 31.38
C GLN A 222 -27.80 9.25 31.54
N LEU A 223 -26.83 8.92 32.38
CA LEU A 223 -26.48 7.54 32.74
C LEU A 223 -27.68 6.81 33.38
N ARG A 224 -28.23 7.45 34.41
CA ARG A 224 -29.39 6.94 35.14
C ARG A 224 -30.66 6.90 34.30
N GLN A 225 -30.86 7.91 33.45
CA GLN A 225 -32.01 7.97 32.53
C GLN A 225 -31.98 6.87 31.47
N HIS A 226 -30.77 6.49 31.03
CA HIS A 226 -30.59 5.36 30.12
C HIS A 226 -30.82 4.03 30.80
N LYS A 227 -30.44 3.93 32.08
CA LYS A 227 -30.59 2.72 32.90
C LYS A 227 -32.05 2.31 33.13
N GLU A 228 -32.89 3.28 33.47
CA GLU A 228 -34.34 3.14 33.34
C GLU A 228 -34.58 3.19 31.84
N SER A 229 -35.57 2.44 31.35
CA SER A 229 -35.92 2.44 29.91
C SER A 229 -34.94 1.64 29.00
N LEU A 230 -33.88 1.08 29.60
CA LEU A 230 -32.94 0.20 28.90
C LEU A 230 -33.56 -1.18 28.66
N VAL A 231 -33.45 -1.65 27.44
CA VAL A 231 -33.91 -3.01 27.07
C VAL A 231 -32.68 -3.86 26.75
N ALA A 232 -32.57 -5.01 27.42
CA ALA A 232 -31.47 -5.95 27.20
C ALA A 232 -31.58 -6.59 25.82
N GLY A 233 -30.52 -6.43 25.01
CA GLY A 233 -30.48 -6.90 23.62
C GLY A 233 -30.65 -5.80 22.58
N GLN A 234 -31.19 -4.66 23.01
CA GLN A 234 -31.43 -3.51 22.14
C GLN A 234 -30.62 -2.29 22.57
N TRP A 235 -30.20 -1.48 21.59
CA TRP A 235 -29.45 -0.24 21.85
C TRP A 235 -29.77 0.88 20.86
N ARG A 236 -30.23 2.00 21.42
CA ARG A 236 -30.61 3.19 20.64
C ARG A 236 -29.43 4.15 20.42
N ASP A 237 -28.44 4.07 21.31
CA ASP A 237 -27.25 4.93 21.28
C ASP A 237 -26.02 4.21 21.86
N MET A 238 -24.93 4.95 22.07
CA MET A 238 -23.68 4.39 22.58
C MET A 238 -23.69 4.07 24.07
N MET A 239 -24.52 4.79 24.83
CA MET A 239 -24.64 4.56 26.28
C MET A 239 -25.44 3.30 26.59
N ASP A 240 -26.48 3.04 25.81
CA ASP A 240 -27.23 1.79 25.88
C ASP A 240 -26.31 0.59 25.66
N TYR A 241 -25.41 0.71 24.68
CA TYR A 241 -24.44 -0.32 24.37
C TYR A 241 -23.45 -0.56 25.51
N MET A 242 -22.82 0.51 25.99
CA MET A 242 -21.80 0.43 27.03
C MET A 242 -22.30 -0.05 28.40
N LEU A 243 -23.54 0.31 28.75
CA LEU A 243 -24.19 -0.15 29.99
C LEU A 243 -24.36 -1.67 30.06
N GLN A 244 -24.68 -2.28 28.92
CA GLN A 244 -24.91 -3.72 28.80
C GLN A 244 -23.64 -4.57 28.71
N GLY A 245 -22.49 -3.93 28.55
CA GLY A 245 -21.18 -4.61 28.61
C GLY A 245 -20.48 -4.40 29.93
N VAL A 246 -21.27 -4.03 30.95
CA VAL A 246 -20.78 -3.54 32.23
C VAL A 246 -21.68 -4.06 33.37
N ALA A 247 -21.15 -3.94 34.60
CA ALA A 247 -21.80 -4.25 35.90
C ALA A 247 -21.28 -5.57 36.47
N GLN A 257 -15.58 -6.53 36.02
CA GLN A 257 -14.64 -5.52 36.52
C GLN A 257 -14.76 -4.15 35.85
N LEU A 258 -15.28 -4.12 34.62
CA LEU A 258 -15.67 -2.86 34.01
C LEU A 258 -16.99 -2.42 34.63
N LEU A 259 -16.94 -1.26 35.28
CA LEU A 259 -18.07 -0.72 36.04
C LEU A 259 -18.71 0.46 35.31
N GLU A 260 -19.83 0.95 35.84
CA GLU A 260 -20.55 2.10 35.28
C GLU A 260 -19.73 3.39 35.30
N GLY A 261 -18.74 3.46 36.19
CA GLY A 261 -17.75 4.54 36.23
C GLY A 261 -16.86 4.62 34.99
N HIS A 262 -16.57 3.46 34.39
CA HIS A 262 -15.87 3.39 33.11
C HIS A 262 -16.72 3.98 31.99
N VAL A 263 -18.03 3.69 32.02
CA VAL A 263 -19.00 4.21 31.04
C VAL A 263 -19.09 5.74 31.15
N HIS A 264 -19.22 6.24 32.37
CA HIS A 264 -19.31 7.67 32.69
C HIS A 264 -18.18 8.47 32.02
N MET A 265 -16.94 8.07 32.29
CA MET A 265 -15.75 8.70 31.72
C MET A 265 -15.60 8.47 30.22
N ALA A 266 -16.06 7.31 29.75
CA ALA A 266 -16.05 6.97 28.32
C ALA A 266 -16.94 7.90 27.50
N ALA A 267 -18.08 8.28 28.08
CA ALA A 267 -18.98 9.26 27.49
C ALA A 267 -18.33 10.64 27.47
N VAL A 268 -17.68 11.00 28.58
CA VAL A 268 -16.93 12.26 28.73
C VAL A 268 -15.86 12.41 27.64
N ASP A 269 -15.09 11.34 27.43
CA ASP A 269 -14.02 11.29 26.43
C ASP A 269 -14.55 11.39 25.00
N LEU A 270 -15.65 10.69 24.72
CA LEU A 270 -16.42 10.85 23.48
C LEU A 270 -16.87 12.29 23.27
N LEU A 271 -17.56 12.86 24.27
CA LEU A 271 -18.10 14.21 24.20
C LEU A 271 -17.04 15.28 23.95
N ILE A 272 -16.07 15.40 24.84
CA ILE A 272 -15.03 16.46 24.75
C ILE A 272 -14.05 16.20 23.62
N GLY A 273 -13.66 14.94 23.44
CA GLY A 273 -12.75 14.56 22.35
C GLY A 273 -13.35 14.68 20.96
N GLY A 274 -14.67 14.74 20.89
CA GLY A 274 -15.40 14.71 19.62
C GLY A 274 -15.94 16.00 19.06
N THR A 275 -15.97 17.09 19.85
CA THR A 275 -16.55 18.36 19.38
C THR A 275 -15.51 19.28 18.71
N GLU A 276 -14.60 19.84 19.50
CA GLU A 276 -13.65 20.85 19.05
C GLU A 276 -12.60 20.36 18.04
N THR A 277 -12.34 19.05 18.04
CA THR A 277 -11.37 18.43 17.12
C THR A 277 -11.86 18.42 15.66
N THR A 278 -13.07 17.89 15.45
CA THR A 278 -13.67 17.81 14.12
C THR A 278 -14.15 19.17 13.62
N ALA A 279 -14.56 20.03 14.55
CA ALA A 279 -15.00 21.40 14.23
C ALA A 279 -13.86 22.29 13.72
N ASN A 280 -12.69 22.19 14.36
CA ASN A 280 -11.52 22.97 13.95
C ASN A 280 -10.87 22.46 12.66
N THR A 281 -10.91 21.14 12.46
CA THR A 281 -10.46 20.54 11.19
C THR A 281 -11.31 21.06 10.03
N LEU A 282 -12.64 21.10 10.23
CA LEU A 282 -13.58 21.66 9.26
C LEU A 282 -13.29 23.13 8.95
N SER A 283 -13.04 23.91 10.00
CA SER A 283 -12.68 25.32 9.89
C SER A 283 -11.37 25.52 9.14
N TRP A 284 -10.38 24.66 9.40
CA TRP A 284 -9.10 24.68 8.68
C TRP A 284 -9.28 24.47 7.17
N ALA A 285 -10.07 23.45 6.82
CA ALA A 285 -10.45 23.17 5.43
C ALA A 285 -11.09 24.38 4.76
N VAL A 286 -11.94 25.10 5.49
CA VAL A 286 -12.60 26.32 4.99
C VAL A 286 -11.58 27.41 4.61
N VAL A 287 -10.68 27.74 5.54
CA VAL A 287 -9.65 28.78 5.33
C VAL A 287 -8.72 28.40 4.17
N PHE A 288 -8.33 27.13 4.10
CA PHE A 288 -7.54 26.59 2.99
C PHE A 288 -8.27 26.72 1.65
N LEU A 289 -9.56 26.36 1.64
CA LEU A 289 -10.40 26.51 0.45
C LEU A 289 -10.49 27.95 0.00
N LEU A 290 -10.65 28.87 0.97
CA LEU A 290 -10.71 30.32 0.71
C LEU A 290 -9.45 30.86 0.05
N HIS A 291 -8.30 30.29 0.42
CA HIS A 291 -7.01 30.66 -0.16
C HIS A 291 -6.77 30.04 -1.53
N HIS A 292 -7.50 28.97 -1.83
CA HIS A 292 -7.35 28.25 -3.11
C HIS A 292 -8.71 28.08 -3.81
N PRO A 293 -9.22 29.15 -4.47
CA PRO A 293 -10.48 29.03 -5.24
C PRO A 293 -10.35 28.07 -6.43
N GLU A 294 -9.11 27.81 -6.85
CA GLU A 294 -8.75 26.74 -7.77
C GLU A 294 -9.21 25.36 -7.31
N ILE A 295 -9.07 25.10 -6.00
CA ILE A 295 -9.41 23.81 -5.39
C ILE A 295 -10.93 23.69 -5.16
N GLN A 296 -11.52 24.75 -4.60
CA GLN A 296 -12.97 24.79 -4.37
C GLN A 296 -13.76 24.53 -5.66
N GLN A 297 -13.39 25.23 -6.73
CA GLN A 297 -14.02 25.07 -8.06
C GLN A 297 -13.86 23.65 -8.60
N ARG A 298 -12.64 23.10 -8.51
CA ARG A 298 -12.36 21.71 -8.90
C ARG A 298 -13.16 20.70 -8.08
N LEU A 299 -13.44 21.05 -6.82
CA LEU A 299 -14.28 20.26 -5.92
C LEU A 299 -15.77 20.39 -6.21
N GLN A 300 -16.19 21.59 -6.65
CA GLN A 300 -17.56 21.84 -7.08
C GLN A 300 -17.89 21.09 -8.37
N GLU A 301 -16.88 20.98 -9.25
CA GLU A 301 -16.99 20.26 -10.53
C GLU A 301 -17.04 18.74 -10.36
N GLU A 302 -16.38 18.24 -9.32
CA GLU A 302 -16.32 16.81 -9.03
C GLU A 302 -17.66 16.26 -8.52
N LEU A 303 -18.27 16.98 -7.57
CA LEU A 303 -19.59 16.65 -7.03
C LEU A 303 -20.69 16.67 -8.10
N ASP A 304 -20.71 17.73 -8.91
CA ASP A 304 -21.60 17.85 -10.06
C ASP A 304 -21.08 17.01 -11.22
N HIS A 305 -21.40 15.71 -11.16
CA HIS A 305 -20.93 14.67 -12.09
C HIS A 305 -21.26 13.34 -11.43
N GLU A 306 -21.06 13.29 -10.11
CA GLU A 306 -21.65 12.26 -9.28
C GLU A 306 -23.15 12.56 -9.16
N LEU A 307 -23.50 13.86 -9.11
CA LEU A 307 -24.89 14.33 -9.07
C LEU A 307 -25.22 15.12 -10.35
N SER A 314 -29.76 12.74 -3.63
CA SER A 314 -29.00 13.91 -4.09
C SER A 314 -27.93 14.32 -3.06
N ARG A 315 -27.25 13.32 -2.49
CA ARG A 315 -26.31 13.57 -1.38
C ARG A 315 -24.88 13.02 -1.52
N VAL A 316 -24.71 11.93 -2.29
CA VAL A 316 -23.47 11.13 -2.37
C VAL A 316 -23.15 10.49 -1.00
N PRO A 317 -23.55 9.23 -0.79
CA PRO A 317 -23.36 8.55 0.50
C PRO A 317 -21.90 8.20 0.75
N TYR A 318 -21.56 7.96 2.02
CA TYR A 318 -20.20 7.59 2.44
C TYR A 318 -19.76 6.26 1.83
N LYS A 319 -20.73 5.40 1.54
CA LYS A 319 -20.55 4.14 0.82
C LYS A 319 -19.77 4.33 -0.49
N ASP A 320 -20.11 5.41 -1.21
CA ASP A 320 -19.45 5.73 -2.49
C ASP A 320 -18.05 6.28 -2.24
N ARG A 321 -17.96 7.54 -1.80
CA ARG A 321 -16.72 8.19 -1.30
C ARG A 321 -15.57 8.22 -2.32
N ALA A 322 -15.19 7.03 -2.81
CA ALA A 322 -14.20 6.85 -3.87
C ALA A 322 -14.55 7.60 -5.15
N ARG A 323 -15.84 7.79 -5.41
CA ARG A 323 -16.32 8.60 -6.54
C ARG A 323 -15.92 10.09 -6.47
N LEU A 324 -15.43 10.52 -5.31
CA LEU A 324 -14.89 11.88 -5.15
C LEU A 324 -13.43 11.83 -4.69
N PRO A 325 -12.49 11.50 -5.61
CA PRO A 325 -11.09 11.27 -5.21
C PRO A 325 -10.33 12.51 -4.75
N LEU A 326 -10.68 13.68 -5.29
CA LEU A 326 -10.01 14.94 -4.95
C LEU A 326 -10.46 15.49 -3.59
N LEU A 327 -11.71 15.17 -3.22
CA LEU A 327 -12.28 15.57 -1.93
C LEU A 327 -11.62 14.86 -0.76
N ASN A 328 -11.41 13.55 -0.92
CA ASN A 328 -10.68 12.73 0.04
C ASN A 328 -9.20 13.11 0.10
N ALA A 329 -8.65 13.53 -1.04
CA ALA A 329 -7.28 14.03 -1.12
C ALA A 329 -7.14 15.40 -0.44
N THR A 330 -8.17 16.25 -0.60
CA THR A 330 -8.22 17.57 0.05
C THR A 330 -8.35 17.43 1.58
N ILE A 331 -9.27 16.57 2.03
CA ILE A 331 -9.46 16.27 3.47
C ILE A 331 -8.16 15.76 4.12
N ALA A 332 -7.50 14.81 3.45
CA ALA A 332 -6.22 14.25 3.89
C ALA A 332 -5.12 15.30 4.03
N GLU A 333 -5.13 16.31 3.14
CA GLU A 333 -4.15 17.40 3.17
C GLU A 333 -4.34 18.35 4.33
N VAL A 334 -5.60 18.67 4.65
CA VAL A 334 -5.93 19.50 5.81
C VAL A 334 -5.47 18.78 7.09
N LEU A 335 -5.75 17.48 7.18
CA LEU A 335 -5.28 16.62 8.28
C LEU A 335 -3.76 16.55 8.36
N ARG A 336 -3.10 16.50 7.19
CA ARG A 336 -1.64 16.43 7.08
C ARG A 336 -0.99 17.76 7.48
N LEU A 337 -1.55 18.87 7.00
CA LEU A 337 -0.92 20.19 7.14
C LEU A 337 -1.34 20.95 8.39
N ARG A 338 -2.56 20.72 8.86
CA ARG A 338 -3.05 21.28 10.12
C ARG A 338 -3.70 20.21 11.00
N PRO A 339 -2.88 19.30 11.60
CA PRO A 339 -3.45 18.27 12.45
C PRO A 339 -3.92 18.90 13.76
N VAL A 340 -5.21 18.72 14.02
CA VAL A 340 -5.91 19.45 15.08
C VAL A 340 -5.41 19.13 16.50
N VAL A 341 -4.78 17.96 16.67
CA VAL A 341 -4.07 17.61 17.90
C VAL A 341 -2.58 17.45 17.53
N PRO A 342 -1.85 18.58 17.42
CA PRO A 342 -0.52 18.61 16.77
C PRO A 342 0.60 17.85 17.49
N LEU A 343 0.50 17.73 18.82
CA LEU A 343 1.51 16.99 19.60
C LEU A 343 0.94 15.71 20.22
N ALA A 344 -0.16 15.21 19.64
CA ALA A 344 -0.94 14.09 20.17
C ALA A 344 -1.26 14.30 21.67
N LEU A 345 -1.22 13.21 22.45
CA LEU A 345 -1.23 13.27 23.91
C LEU A 345 0.07 12.64 24.42
N PRO A 346 0.52 13.00 25.64
CA PRO A 346 1.78 12.43 26.15
C PRO A 346 1.73 10.91 26.38
N HIS A 347 2.79 10.23 25.96
CA HIS A 347 2.95 8.79 26.15
C HIS A 347 3.98 8.52 27.25
N ARG A 348 3.76 7.46 28.03
CA ARG A 348 4.72 7.02 29.04
C ARG A 348 5.22 5.61 28.72
N THR A 349 6.53 5.43 28.81
CA THR A 349 7.20 4.13 28.58
C THR A 349 6.82 3.14 29.70
N THR A 350 6.36 1.96 29.29
CA THR A 350 5.85 0.93 30.23
C THR A 350 6.94 -0.02 30.73
N ARG A 351 7.91 -0.32 29.88
CA ARG A 351 9.08 -1.15 30.23
C ARG A 351 10.34 -0.68 29.46
N PRO A 352 11.55 -0.95 29.98
CA PRO A 352 12.79 -0.56 29.28
C PRO A 352 12.79 -0.96 27.81
N SER A 353 13.09 0.00 26.94
CA SER A 353 12.98 -0.18 25.49
C SER A 353 13.96 0.72 24.73
N SER A 354 13.81 0.75 23.41
CA SER A 354 14.61 1.61 22.55
C SER A 354 13.81 2.17 21.38
N ILE A 355 14.18 3.37 20.93
CA ILE A 355 13.71 3.92 19.66
C ILE A 355 14.94 4.41 18.89
N SER A 356 15.03 3.99 17.62
CA SER A 356 16.06 4.44 16.66
C SER A 356 17.50 4.15 17.12
N GLY A 357 17.66 3.10 17.91
CA GLY A 357 18.98 2.67 18.42
C GLY A 357 19.38 3.26 19.77
N TYR A 358 18.50 4.07 20.37
CA TYR A 358 18.76 4.74 21.64
C TYR A 358 18.01 4.10 22.78
N ASP A 359 18.68 3.91 23.90
CA ASP A 359 18.06 3.40 25.13
C ASP A 359 16.98 4.34 25.66
N ILE A 360 15.81 3.77 25.96
CA ILE A 360 14.66 4.50 26.49
C ILE A 360 14.21 3.83 27.80
N PRO A 361 14.52 4.45 28.97
CA PRO A 361 14.15 3.88 30.28
C PRO A 361 12.64 3.89 30.54
N GLU A 362 12.21 3.08 31.51
CA GLU A 362 10.83 3.01 31.99
C GLU A 362 10.43 4.31 32.69
N GLY A 363 9.22 4.78 32.41
CA GLY A 363 8.68 6.00 33.02
C GLY A 363 8.94 7.30 32.26
N THR A 364 9.74 7.22 31.19
CA THR A 364 10.06 8.39 30.36
C THR A 364 8.88 8.80 29.48
N VAL A 365 8.56 10.10 29.55
CA VAL A 365 7.46 10.69 28.78
C VAL A 365 7.91 10.96 27.33
N ILE A 366 7.01 10.70 26.39
CA ILE A 366 7.25 10.84 24.95
C ILE A 366 6.20 11.73 24.31
N ILE A 367 6.65 12.73 23.55
CA ILE A 367 5.77 13.60 22.78
C ILE A 367 5.84 13.22 21.30
N PRO A 368 4.76 12.63 20.75
CA PRO A 368 4.74 12.43 19.30
C PRO A 368 4.31 13.73 18.63
N ASN A 369 5.31 14.44 18.10
CA ASN A 369 5.08 15.67 17.34
C ASN A 369 4.53 15.32 15.96
N LEU A 370 3.20 15.33 15.86
CA LEU A 370 2.51 14.97 14.63
C LEU A 370 2.61 16.03 13.53
N GLN A 371 2.46 17.30 13.90
CA GLN A 371 2.56 18.41 12.94
C GLN A 371 3.94 18.51 12.28
N GLY A 372 5.00 18.42 13.10
CA GLY A 372 6.39 18.40 12.64
C GLY A 372 6.69 17.24 11.70
N ALA A 373 6.24 16.04 12.09
CA ALA A 373 6.43 14.81 11.31
C ALA A 373 5.85 14.90 9.91
N HIS A 374 4.70 15.56 9.77
CA HIS A 374 4.03 15.77 8.48
C HIS A 374 4.77 16.75 7.58
N LEU A 375 5.65 17.55 8.18
CA LEU A 375 6.43 18.55 7.47
C LEU A 375 7.81 18.04 7.01
N ASP A 376 7.98 16.71 7.05
CA ASP A 376 9.19 16.04 6.58
C ASP A 376 9.27 16.06 5.05
N GLU A 377 10.26 16.78 4.53
CA GLU A 377 10.49 16.93 3.07
C GLU A 377 10.88 15.61 2.39
N THR A 378 11.46 14.69 3.17
CA THR A 378 11.90 13.38 2.68
C THR A 378 10.70 12.47 2.40
N VAL A 379 9.61 12.73 3.11
CA VAL A 379 8.37 11.94 2.98
C VAL A 379 7.35 12.68 2.10
N TRP A 380 7.28 14.01 2.26
CA TRP A 380 6.37 14.87 1.48
C TRP A 380 7.11 16.04 0.85
N GLU A 381 7.27 15.99 -0.48
CA GLU A 381 7.92 17.06 -1.24
C GLU A 381 7.07 18.34 -1.23
N ARG A 382 7.75 19.49 -1.29
CA ARG A 382 7.15 20.83 -1.10
C ARG A 382 6.20 20.85 0.12
N PRO A 383 6.75 20.62 1.34
CA PRO A 383 5.94 20.23 2.50
C PRO A 383 5.04 21.29 3.17
N HIS A 384 5.39 22.57 3.06
CA HIS A 384 4.60 23.65 3.68
C HIS A 384 3.45 24.15 2.80
N GLU A 385 3.31 23.52 1.64
CA GLU A 385 2.35 23.89 0.61
C GLU A 385 1.08 23.05 0.71
N PHE A 386 -0.06 23.71 0.52
CA PHE A 386 -1.34 23.01 0.45
C PHE A 386 -1.51 22.47 -0.95
N TRP A 387 -1.58 21.15 -1.06
CA TRP A 387 -1.53 20.47 -2.34
C TRP A 387 -2.27 19.13 -2.32
N PRO A 388 -3.61 19.15 -2.48
CA PRO A 388 -4.42 17.92 -2.47
C PRO A 388 -4.04 16.90 -3.55
N ASP A 389 -3.54 17.38 -4.69
CA ASP A 389 -3.12 16.52 -5.81
C ASP A 389 -2.06 15.48 -5.47
N ARG A 390 -1.24 15.80 -4.46
CA ARG A 390 -0.23 14.90 -3.89
C ARG A 390 -0.78 13.52 -3.48
N PHE A 391 -2.01 13.50 -2.96
CA PHE A 391 -2.68 12.25 -2.56
C PHE A 391 -3.51 11.56 -3.66
N LEU A 392 -3.33 12.00 -4.92
CA LEU A 392 -3.96 11.36 -6.09
C LEU A 392 -2.97 10.49 -6.87
N GLY A 395 -5.61 5.62 -3.41
CA GLY A 395 -4.73 5.86 -2.27
C GLY A 395 -3.27 6.00 -2.67
N LYS A 396 -2.88 7.22 -3.01
CA LYS A 396 -1.49 7.54 -3.40
C LYS A 396 -0.53 7.51 -2.22
N ASN A 397 0.77 7.49 -2.54
CA ASN A 397 1.86 7.12 -1.62
C ASN A 397 2.01 7.95 -0.33
N SER A 398 2.33 7.24 0.74
CA SER A 398 2.71 7.78 2.07
C SER A 398 1.63 8.53 2.85
N ARG A 399 1.18 7.89 3.92
CA ARG A 399 0.06 8.32 4.76
C ARG A 399 0.53 9.13 5.96
N ALA A 400 -0.24 10.16 6.30
CA ALA A 400 -0.03 10.95 7.51
C ALA A 400 -0.68 10.28 8.73
N LEU A 401 -0.49 10.87 9.91
CA LEU A 401 -1.07 10.33 11.14
C LEU A 401 -1.64 11.42 12.04
N ALA A 402 -2.63 12.16 11.54
CA ALA A 402 -3.35 13.17 12.33
C ALA A 402 -4.09 12.55 13.53
N PHE A 403 -4.34 11.24 13.44
CA PHE A 403 -5.06 10.47 14.46
C PHE A 403 -4.13 9.61 15.31
N GLY A 404 -2.83 9.71 15.05
CA GLY A 404 -1.83 8.87 15.71
C GLY A 404 -1.84 7.46 15.17
N CYS A 405 -1.18 6.56 15.89
CA CYS A 405 -1.06 5.16 15.52
C CYS A 405 -0.76 4.31 16.76
N GLY A 406 -1.09 3.03 16.70
CA GLY A 406 -0.83 2.10 17.80
C GLY A 406 -1.98 2.00 18.79
N ALA A 407 -1.70 1.51 19.98
CA ALA A 407 -2.70 1.30 21.04
C ALA A 407 -3.51 2.56 21.42
N ARG A 408 -2.92 3.73 21.20
CA ARG A 408 -3.54 5.00 21.58
C ARG A 408 -4.20 5.76 20.43
N VAL A 409 -4.39 5.11 19.28
CA VAL A 409 -5.12 5.69 18.14
C VAL A 409 -6.40 6.39 18.59
N CYS A 410 -6.68 7.52 17.97
CA CYS A 410 -7.91 8.25 18.21
C CYS A 410 -9.11 7.30 18.19
N LEU A 411 -9.87 7.31 19.28
CA LEU A 411 -11.04 6.45 19.45
C LEU A 411 -12.11 6.78 18.40
N GLY A 412 -12.24 8.07 18.06
CA GLY A 412 -13.32 8.54 17.22
C GLY A 412 -12.99 8.76 15.75
N GLU A 413 -11.82 8.29 15.31
CA GLU A 413 -11.42 8.38 13.88
C GLU A 413 -12.53 7.98 12.88
N PRO A 414 -13.16 6.77 13.00
CA PRO A 414 -14.18 6.41 12.00
C PRO A 414 -15.33 7.41 11.92
N LEU A 415 -15.81 7.87 13.07
CA LEU A 415 -16.85 8.90 13.16
C LEU A 415 -16.35 10.28 12.72
N ALA A 416 -15.07 10.56 12.97
CA ALA A 416 -14.44 11.84 12.57
C ALA A 416 -14.34 12.01 11.06
N ARG A 417 -13.87 10.95 10.36
CA ARG A 417 -13.69 10.97 8.91
C ARG A 417 -15.04 11.03 8.16
N LEU A 418 -16.07 10.43 8.76
CA LEU A 418 -17.44 10.50 8.25
C LEU A 418 -18.01 11.92 8.30
N GLU A 419 -17.78 12.60 9.43
CA GLU A 419 -18.22 13.98 9.62
C GLU A 419 -17.56 14.90 8.60
N LEU A 420 -16.24 14.76 8.43
CA LEU A 420 -15.49 15.58 7.47
C LEU A 420 -15.97 15.38 6.04
N PHE A 421 -16.30 14.14 5.68
CA PHE A 421 -16.89 13.82 4.38
C PHE A 421 -18.28 14.45 4.24
N VAL A 422 -19.21 14.08 5.13
CA VAL A 422 -20.62 14.50 5.05
C VAL A 422 -20.80 16.01 5.15
N VAL A 423 -20.11 16.65 6.10
CA VAL A 423 -20.21 18.12 6.27
C VAL A 423 -19.71 18.88 5.04
N LEU A 424 -18.47 18.60 4.61
CA LEU A 424 -17.86 19.28 3.46
C LEU A 424 -18.50 18.94 2.11
N THR A 425 -19.02 17.72 1.99
CA THR A 425 -19.70 17.28 0.77
C THR A 425 -21.04 17.99 0.59
N ARG A 426 -21.73 18.24 1.71
CA ARG A 426 -23.01 18.94 1.73
C ARG A 426 -22.86 20.47 1.81
N LEU A 427 -21.64 20.93 2.08
CA LEU A 427 -21.33 22.36 2.10
C LEU A 427 -20.96 22.86 0.71
N LEU A 428 -20.11 22.10 0.01
CA LEU A 428 -19.56 22.48 -1.31
C LEU A 428 -20.61 22.50 -2.41
N GLN A 429 -21.50 21.51 -2.42
CA GLN A 429 -22.78 21.65 -3.12
C GLN A 429 -23.69 22.44 -2.20
N ALA A 430 -24.52 23.31 -2.78
CA ALA A 430 -25.43 24.23 -2.07
C ALA A 430 -24.81 25.54 -1.57
N PHE A 431 -23.49 25.60 -1.41
CA PHE A 431 -22.81 26.87 -1.03
C PHE A 431 -21.47 27.11 -1.71
N THR A 432 -21.17 28.39 -1.91
CA THR A 432 -19.84 28.84 -2.32
C THR A 432 -19.26 29.64 -1.15
N LEU A 433 -18.06 29.25 -0.73
CA LEU A 433 -17.34 29.89 0.36
C LEU A 433 -16.63 31.13 -0.16
N LEU A 434 -16.98 32.27 0.40
CA LEU A 434 -16.40 33.57 0.06
C LEU A 434 -15.84 34.24 1.32
N PRO A 435 -14.74 35.01 1.18
CA PRO A 435 -14.23 35.78 2.33
C PRO A 435 -15.25 36.77 2.87
N SER A 436 -15.29 36.94 4.19
CA SER A 436 -16.19 37.88 4.85
C SER A 436 -15.80 39.32 4.52
N GLY A 437 -14.56 39.68 4.84
CA GLY A 437 -14.00 40.97 4.46
C GLY A 437 -13.48 40.95 3.03
N ASP A 438 -12.89 42.07 2.62
CA ASP A 438 -12.23 42.20 1.32
C ASP A 438 -10.87 41.49 1.28
N ALA A 439 -10.29 41.27 2.46
CA ALA A 439 -9.01 40.55 2.61
C ALA A 439 -9.20 39.06 2.94
N LEU A 440 -8.10 38.32 2.93
CA LEU A 440 -8.11 36.88 3.23
C LEU A 440 -7.77 36.57 4.69
N PRO A 441 -8.45 35.58 5.31
CA PRO A 441 -8.13 35.19 6.69
C PRO A 441 -6.83 34.39 6.79
N SER A 442 -6.02 34.72 7.79
CA SER A 442 -4.67 34.17 7.95
C SER A 442 -4.68 32.67 8.20
N LEU A 443 -3.76 31.97 7.52
CA LEU A 443 -3.52 30.55 7.74
C LEU A 443 -2.71 30.27 9.01
N GLN A 444 -2.08 31.32 9.55
CA GLN A 444 -1.26 31.21 10.76
C GLN A 444 -2.09 30.90 12.01
N PRO A 445 -1.81 29.74 12.65
CA PRO A 445 -2.51 29.38 13.89
C PRO A 445 -1.95 30.19 15.06
N LEU A 446 -2.82 30.60 15.99
CA LEU A 446 -2.39 31.43 17.11
C LEU A 446 -1.33 30.73 17.98
N PRO A 447 -0.29 31.49 18.42
CA PRO A 447 0.91 30.87 18.99
C PRO A 447 0.67 29.96 20.21
N HIS A 448 0.14 30.51 21.30
CA HIS A 448 0.00 29.76 22.54
C HIS A 448 -1.19 28.81 22.52
N CYS A 449 -0.97 27.70 21.81
CA CYS A 449 -1.93 26.61 21.71
C CYS A 449 -1.60 25.50 22.71
N SER A 450 -2.62 25.06 23.43
CA SER A 450 -2.52 23.87 24.24
C SER A 450 -3.52 22.84 23.73
N VAL A 451 -2.99 21.68 23.35
CA VAL A 451 -3.76 20.48 22.97
C VAL A 451 -4.47 20.59 21.59
N ILE A 452 -5.18 21.69 21.35
CA ILE A 452 -5.89 21.89 20.08
C ILE A 452 -5.29 23.03 19.24
N LEU A 453 -5.00 22.72 17.97
CA LEU A 453 -4.45 23.68 17.02
C LEU A 453 -5.55 24.56 16.41
N LYS A 454 -5.67 25.77 16.95
CA LYS A 454 -6.74 26.72 16.59
C LYS A 454 -6.27 27.79 15.63
N MET A 455 -7.14 28.14 14.68
CA MET A 455 -6.89 29.25 13.75
C MET A 455 -7.36 30.58 14.34
N GLN A 456 -6.76 31.68 13.88
CA GLN A 456 -7.19 33.03 14.24
C GLN A 456 -8.67 33.24 13.88
N PRO A 457 -9.48 33.73 14.86
CA PRO A 457 -10.92 33.94 14.64
C PRO A 457 -11.21 34.65 13.32
N PHE A 458 -11.94 33.95 12.45
CA PHE A 458 -12.30 34.47 11.13
C PHE A 458 -13.80 34.36 10.92
N GLN A 459 -14.28 34.99 9.85
CA GLN A 459 -15.68 34.90 9.45
C GLN A 459 -15.77 34.57 7.98
N VAL A 460 -16.84 33.88 7.60
CA VAL A 460 -17.02 33.42 6.21
C VAL A 460 -18.34 33.96 5.63
N ARG A 461 -18.40 34.02 4.30
CA ARG A 461 -19.60 34.37 3.56
C ARG A 461 -20.08 33.16 2.79
N LEU A 462 -21.33 32.76 3.02
CA LEU A 462 -21.93 31.63 2.31
C LEU A 462 -23.00 32.06 1.31
N GLN A 463 -22.68 31.88 0.03
CA GLN A 463 -23.58 32.21 -1.07
C GLN A 463 -24.14 30.93 -1.70
N PRO A 464 -25.48 30.76 -1.68
CA PRO A 464 -26.19 29.62 -2.30
C PRO A 464 -25.83 29.34 -3.75
N ARG A 465 -25.99 28.07 -4.15
CA ARG A 465 -25.51 27.49 -5.43
C ARG A 465 -23.99 27.51 -5.54
N GLY A 466 -23.39 26.32 -5.54
CA GLY A 466 -21.94 26.14 -5.63
C GLY A 466 -21.55 24.96 -6.49
N LYS B 10 22.54 -17.45 20.38
CA LYS B 10 21.30 -17.41 21.22
C LYS B 10 20.06 -17.90 20.44
N LEU B 11 19.62 -19.11 20.77
CA LEU B 11 18.42 -19.72 20.17
C LEU B 11 17.13 -19.07 20.68
N PRO B 12 16.01 -19.21 19.93
CA PRO B 12 14.71 -18.77 20.46
C PRO B 12 14.34 -19.51 21.75
N PRO B 13 13.67 -18.81 22.72
CA PRO B 13 13.36 -19.40 24.03
C PRO B 13 12.58 -20.72 23.96
N LEU B 14 12.93 -21.66 24.83
CA LEU B 14 12.30 -22.98 24.84
C LEU B 14 11.08 -23.00 25.75
N ALA B 15 9.92 -23.24 25.15
CA ALA B 15 8.70 -23.52 25.88
C ALA B 15 8.78 -24.95 26.45
N PRO B 16 8.50 -25.12 27.75
CA PRO B 16 8.67 -26.44 28.37
C PRO B 16 7.54 -27.42 28.03
N GLY B 17 7.79 -28.70 28.27
CA GLY B 17 6.82 -29.76 28.00
C GLY B 17 6.88 -30.29 26.58
N PHE B 18 6.34 -31.50 26.42
CA PHE B 18 6.20 -32.15 25.13
C PHE B 18 4.71 -32.45 24.89
N LEU B 19 4.41 -33.28 23.88
CA LEU B 19 3.02 -33.65 23.49
C LEU B 19 2.03 -32.49 23.32
N HIS B 20 2.52 -31.39 22.73
CA HIS B 20 1.68 -30.22 22.43
C HIS B 20 0.72 -30.47 21.26
N LEU B 21 1.00 -31.51 20.47
CA LEU B 21 0.12 -31.93 19.37
C LEU B 21 -1.30 -32.27 19.82
N LEU B 22 -1.42 -32.83 21.03
CA LEU B 22 -2.70 -33.26 21.57
C LEU B 22 -3.61 -32.10 21.95
N GLN B 23 -3.03 -30.89 22.00
CA GLN B 23 -3.78 -29.66 22.27
C GLN B 23 -4.85 -29.41 21.21
N PRO B 24 -6.11 -29.25 21.66
CA PRO B 24 -7.15 -28.74 20.76
C PRO B 24 -6.93 -27.26 20.46
N ASP B 25 -7.33 -26.83 19.26
CA ASP B 25 -7.00 -25.51 18.71
C ASP B 25 -5.50 -25.24 18.81
N LEU B 26 -4.73 -26.11 18.12
CA LEU B 26 -3.27 -26.01 18.06
C LEU B 26 -2.77 -24.62 17.61
N PRO B 27 -3.33 -24.04 16.52
CA PRO B 27 -2.89 -22.67 16.15
C PRO B 27 -3.18 -21.61 17.20
N ILE B 28 -4.27 -21.79 17.97
CA ILE B 28 -4.71 -20.82 18.99
C ILE B 28 -3.90 -21.00 20.29
N TYR B 29 -3.65 -22.25 20.67
CA TYR B 29 -2.77 -22.60 21.80
C TYR B 29 -1.37 -22.00 21.64
N LEU B 30 -0.82 -22.12 20.42
CA LEU B 30 0.51 -21.61 20.10
C LEU B 30 0.61 -20.08 20.15
N LEU B 31 -0.49 -19.40 19.77
CA LEU B 31 -0.62 -17.95 19.91
C LEU B 31 -0.60 -17.50 21.38
N GLY B 32 -1.24 -18.29 22.25
CA GLY B 32 -1.26 -18.04 23.69
C GLY B 32 0.11 -18.03 24.35
N LEU B 33 1.04 -18.79 23.76
CA LEU B 33 2.42 -18.89 24.26
C LEU B 33 3.25 -17.64 23.99
N THR B 34 2.83 -16.82 23.02
CA THR B 34 3.53 -15.58 22.67
C THR B 34 3.44 -14.52 23.78
N GLN B 35 2.42 -14.65 24.62
CA GLN B 35 2.25 -13.83 25.82
C GLN B 35 3.46 -13.95 26.75
N LYS B 36 3.92 -15.19 26.94
CA LYS B 36 5.11 -15.49 27.75
C LYS B 36 6.43 -15.49 26.97
N PHE B 37 6.41 -15.99 25.72
CA PHE B 37 7.65 -16.33 25.00
C PHE B 37 7.97 -15.51 23.75
N GLY B 38 7.10 -14.56 23.41
CA GLY B 38 7.27 -13.75 22.20
C GLY B 38 6.79 -14.47 20.95
N PRO B 39 6.86 -13.80 19.78
CA PRO B 39 6.31 -14.36 18.55
C PRO B 39 7.13 -15.53 17.96
N ILE B 40 8.37 -15.67 18.43
CA ILE B 40 9.28 -16.74 17.99
C ILE B 40 9.85 -17.48 19.22
N TYR B 41 9.58 -18.78 19.28
CA TYR B 41 10.03 -19.65 20.38
C TYR B 41 10.20 -21.11 19.91
N ARG B 42 10.91 -21.90 20.71
CA ARG B 42 11.06 -23.34 20.47
C ARG B 42 10.11 -24.14 21.34
N LEU B 43 9.62 -25.26 20.82
CA LEU B 43 8.88 -26.26 21.61
C LEU B 43 8.90 -27.64 20.96
N HIS B 44 8.57 -28.67 21.74
CA HIS B 44 8.51 -30.04 21.27
C HIS B 44 7.11 -30.39 20.74
N LEU B 45 6.90 -30.16 19.45
CA LEU B 45 5.72 -30.69 18.75
C LEU B 45 5.96 -32.19 18.59
N GLY B 46 5.14 -32.97 19.30
CA GLY B 46 5.36 -34.41 19.42
C GLY B 46 6.53 -34.70 20.33
N LEU B 47 7.68 -35.01 19.72
CA LEU B 47 8.86 -35.50 20.45
C LEU B 47 10.17 -34.84 20.01
N GLN B 48 10.06 -33.84 19.14
CA GLN B 48 11.21 -33.20 18.47
C GLN B 48 11.15 -31.67 18.58
N ASP B 49 12.32 -31.05 18.78
CA ASP B 49 12.48 -29.61 18.90
C ASP B 49 12.23 -28.87 17.58
N VAL B 50 11.31 -27.91 17.61
CA VAL B 50 10.86 -27.14 16.44
C VAL B 50 10.62 -25.68 16.87
N VAL B 51 10.93 -24.72 16.00
CA VAL B 51 10.58 -23.30 16.26
C VAL B 51 9.27 -22.91 15.54
N VAL B 52 8.47 -22.06 16.19
CA VAL B 52 7.18 -21.60 15.67
C VAL B 52 7.17 -20.08 15.55
N LEU B 53 6.70 -19.59 14.41
CA LEU B 53 6.55 -18.16 14.16
C LEU B 53 5.07 -17.80 14.22
N ASN B 54 4.73 -16.82 15.06
CA ASN B 54 3.32 -16.50 15.32
C ASN B 54 2.92 -15.06 14.94
N SER B 55 3.78 -14.37 14.21
CA SER B 55 3.50 -13.02 13.75
C SER B 55 3.81 -12.82 12.27
N LYS B 56 3.10 -11.87 11.65
CA LYS B 56 3.34 -11.43 10.28
C LYS B 56 4.76 -10.89 10.09
N ARG B 57 5.26 -10.17 11.10
CA ARG B 57 6.64 -9.66 11.11
C ARG B 57 7.67 -10.77 10.99
N THR B 58 7.59 -11.77 11.88
CA THR B 58 8.52 -12.91 11.90
C THR B 58 8.44 -13.83 10.67
N ILE B 59 7.21 -14.13 10.24
CA ILE B 59 6.95 -14.99 9.07
C ILE B 59 7.50 -14.35 7.79
N GLU B 60 7.21 -13.06 7.57
CA GLU B 60 7.73 -12.31 6.42
C GLU B 60 9.24 -12.13 6.47
N GLU B 61 9.79 -11.97 7.68
CA GLU B 61 11.25 -11.90 7.87
C GLU B 61 11.92 -13.20 7.46
N ALA B 62 11.28 -14.32 7.82
CA ALA B 62 11.78 -15.66 7.50
C ALA B 62 11.58 -16.02 6.03
N MET B 63 10.36 -15.78 5.50
CA MET B 63 10.00 -16.26 4.16
C MET B 63 10.27 -15.26 3.03
N VAL B 64 10.03 -13.97 3.29
CA VAL B 64 10.22 -12.94 2.27
C VAL B 64 11.65 -12.38 2.29
N LYS B 65 12.05 -11.79 3.43
CA LYS B 65 13.35 -11.13 3.56
C LYS B 65 14.54 -12.06 3.35
N LYS B 66 14.54 -13.19 4.07
CA LYS B 66 15.63 -14.17 3.99
C LYS B 66 15.28 -15.37 3.08
N TRP B 67 14.76 -15.06 1.90
CA TRP B 67 14.20 -16.00 0.90
C TRP B 67 14.67 -17.47 0.93
N ALA B 68 15.96 -17.68 0.66
CA ALA B 68 16.52 -19.02 0.49
C ALA B 68 16.68 -19.80 1.81
N ASP B 69 16.85 -19.05 2.90
CA ASP B 69 17.23 -19.60 4.20
C ASP B 69 16.24 -20.55 4.86
N PHE B 70 14.94 -20.36 4.59
CA PHE B 70 13.89 -21.17 5.23
C PHE B 70 12.91 -21.77 4.22
N ALA B 71 13.39 -21.96 2.99
CA ALA B 71 12.56 -22.42 1.87
C ALA B 71 12.58 -23.94 1.64
N GLY B 72 13.13 -24.69 2.60
CA GLY B 72 13.23 -26.13 2.49
C GLY B 72 12.05 -26.91 3.08
N ARG B 73 12.12 -28.24 2.98
CA ARG B 73 11.13 -29.13 3.58
C ARG B 73 11.79 -30.27 4.36
N PRO B 74 11.18 -30.69 5.49
CA PRO B 74 11.61 -31.93 6.15
C PRO B 74 11.20 -33.17 5.35
N GLU B 75 11.80 -34.31 5.66
CA GLU B 75 11.45 -35.57 5.01
C GLU B 75 11.07 -36.66 6.03
N PRO B 76 9.85 -36.54 6.65
CA PRO B 76 9.37 -37.64 7.46
C PRO B 76 8.82 -38.76 6.56
N LEU B 77 8.63 -39.95 7.13
CA LEU B 77 8.25 -41.14 6.34
C LEU B 77 7.02 -40.98 5.41
N THR B 78 6.01 -40.24 5.86
CA THR B 78 4.78 -40.02 5.08
C THR B 78 5.03 -39.30 3.76
N TYR B 79 6.01 -38.38 3.77
CA TYR B 79 6.46 -37.66 2.57
C TYR B 79 7.13 -38.63 1.60
N LYS B 80 7.90 -39.57 2.15
CA LYS B 80 8.54 -40.64 1.38
C LYS B 80 7.52 -41.65 0.84
N LEU B 81 6.51 -41.98 1.64
CA LEU B 81 5.47 -42.96 1.26
C LEU B 81 4.54 -42.50 0.14
N VAL B 82 4.34 -41.18 0.03
CA VAL B 82 3.50 -40.63 -1.03
C VAL B 82 4.31 -40.32 -2.31
N SER B 83 5.62 -40.52 -2.24
CA SER B 83 6.55 -40.06 -3.29
C SER B 83 7.72 -41.03 -3.52
N ARG B 84 7.43 -42.33 -3.47
CA ARG B 84 8.43 -43.39 -3.66
C ARG B 84 9.09 -43.40 -5.04
N ASN B 85 8.29 -43.10 -6.06
CA ASN B 85 8.74 -43.15 -7.46
C ASN B 85 9.34 -41.84 -7.96
N TYR B 86 8.64 -40.73 -7.70
CA TYR B 86 8.98 -39.42 -8.25
C TYR B 86 9.00 -38.35 -7.17
N PRO B 87 9.84 -37.28 -7.35
CA PRO B 87 9.87 -36.19 -6.36
C PRO B 87 8.61 -35.33 -6.40
N ASP B 88 8.17 -34.91 -5.23
CA ASP B 88 6.99 -34.08 -5.09
C ASP B 88 7.37 -32.61 -5.12
N LEU B 89 6.44 -31.76 -5.55
CA LEU B 89 6.64 -30.31 -5.51
C LEU B 89 6.38 -29.78 -4.09
N SER B 90 5.18 -30.04 -3.57
CA SER B 90 4.71 -29.49 -2.29
C SER B 90 5.55 -29.93 -1.10
N LEU B 91 6.13 -31.13 -1.22
CA LEU B 91 6.94 -31.74 -0.17
C LEU B 91 8.40 -31.84 -0.60
N GLY B 92 8.71 -31.22 -1.75
CA GLY B 92 10.07 -31.17 -2.27
C GLY B 92 10.93 -30.17 -1.53
N ASP B 93 12.12 -30.60 -1.12
CA ASP B 93 13.12 -29.76 -0.48
C ASP B 93 13.65 -28.74 -1.48
N TYR B 94 14.02 -27.57 -0.98
CA TYR B 94 14.58 -26.48 -1.80
C TYR B 94 15.83 -26.93 -2.54
N SER B 95 15.77 -26.87 -3.87
CA SER B 95 16.90 -27.12 -4.77
C SER B 95 16.73 -26.30 -6.04
N LEU B 96 17.68 -26.44 -6.97
CA LEU B 96 17.56 -25.85 -8.31
C LEU B 96 16.53 -26.60 -9.15
N LEU B 97 16.50 -27.92 -9.01
CA LEU B 97 15.55 -28.77 -9.73
C LEU B 97 14.10 -28.54 -9.29
N TRP B 98 13.90 -28.41 -7.97
CA TRP B 98 12.59 -28.04 -7.40
C TRP B 98 12.10 -26.67 -7.89
N LYS B 99 13.03 -25.72 -8.03
CA LYS B 99 12.74 -24.38 -8.55
C LYS B 99 12.18 -24.45 -9.97
N ALA B 100 12.83 -25.25 -10.82
CA ALA B 100 12.39 -25.48 -12.20
C ALA B 100 11.08 -26.28 -12.23
N HIS B 101 10.93 -27.17 -11.25
CA HIS B 101 9.69 -27.92 -11.04
C HIS B 101 8.54 -26.94 -10.84
N LYS B 102 8.62 -26.11 -9.80
CA LYS B 102 7.57 -25.13 -9.49
C LYS B 102 7.31 -24.14 -10.62
N LYS B 103 8.39 -23.58 -11.19
CA LYS B 103 8.33 -22.65 -12.34
C LYS B 103 7.46 -23.18 -13.49
N LEU B 104 7.65 -24.46 -13.85
CA LEU B 104 6.91 -25.11 -14.93
C LEU B 104 5.41 -25.21 -14.64
N THR B 105 5.04 -25.80 -13.50
CA THR B 105 3.65 -25.99 -13.11
C THR B 105 2.94 -24.68 -12.77
N ARG B 106 3.72 -23.69 -12.32
CA ARG B 106 3.26 -22.31 -12.15
C ARG B 106 2.91 -21.66 -13.49
N SER B 107 3.69 -21.97 -14.53
CA SER B 107 3.39 -21.54 -15.89
C SER B 107 2.21 -22.28 -16.51
N ALA B 108 1.97 -23.52 -16.08
CA ALA B 108 0.79 -24.30 -16.51
C ALA B 108 -0.53 -23.69 -16.03
N LEU B 109 -0.55 -23.27 -14.76
CA LEU B 109 -1.73 -22.63 -14.17
C LEU B 109 -1.97 -21.22 -14.69
N LEU B 110 -0.89 -20.53 -15.05
CA LEU B 110 -0.96 -19.12 -15.45
C LEU B 110 -1.03 -18.92 -16.97
N LEU B 111 -0.08 -19.50 -17.71
CA LEU B 111 -0.02 -19.35 -19.17
C LEU B 111 -0.74 -20.48 -19.89
N GLY B 112 -0.55 -21.71 -19.40
CA GLY B 112 -1.15 -22.91 -19.99
C GLY B 112 -2.66 -22.89 -20.05
N ILE B 113 -3.30 -22.58 -18.92
CA ILE B 113 -4.75 -22.47 -18.88
C ILE B 113 -5.26 -21.02 -18.86
N ARG B 114 -4.45 -20.09 -19.37
CA ARG B 114 -4.93 -18.74 -19.70
C ARG B 114 -5.94 -18.87 -20.85
N ASP B 115 -6.95 -17.99 -20.83
CA ASP B 115 -8.09 -17.98 -21.77
C ASP B 115 -9.17 -19.03 -21.46
N SER B 116 -8.77 -20.13 -20.82
CA SER B 116 -9.70 -21.21 -20.47
C SER B 116 -9.97 -21.35 -18.96
N MET B 117 -9.10 -20.79 -18.13
CA MET B 117 -9.24 -20.81 -16.67
C MET B 117 -10.57 -20.22 -16.21
N GLU B 118 -10.87 -19.01 -16.68
CA GLU B 118 -12.12 -18.33 -16.34
C GLU B 118 -13.39 -19.01 -16.90
N PRO B 119 -13.44 -19.36 -18.22
CA PRO B 119 -14.62 -20.05 -18.76
C PRO B 119 -15.00 -21.36 -18.07
N VAL B 120 -14.00 -22.13 -17.64
CA VAL B 120 -14.23 -23.43 -16.99
C VAL B 120 -14.87 -23.25 -15.60
N VAL B 121 -14.37 -22.27 -14.85
CA VAL B 121 -14.93 -21.92 -13.53
C VAL B 121 -16.36 -21.37 -13.66
N GLU B 122 -16.56 -20.43 -14.61
CA GLU B 122 -17.89 -19.89 -14.97
C GLU B 122 -18.97 -20.97 -15.12
N GLN B 123 -18.72 -21.92 -16.02
CA GLN B 123 -19.67 -22.96 -16.43
C GLN B 123 -20.00 -23.96 -15.31
N LEU B 124 -18.97 -24.38 -14.57
CA LEU B 124 -19.14 -25.37 -13.51
C LEU B 124 -19.88 -24.82 -12.28
N THR B 125 -19.70 -23.53 -12.01
CA THR B 125 -20.45 -22.86 -10.94
C THR B 125 -21.87 -22.53 -11.37
N GLN B 126 -22.07 -22.32 -12.68
CA GLN B 126 -23.40 -22.16 -13.26
C GLN B 126 -24.21 -23.46 -13.19
N GLU B 127 -23.54 -24.58 -13.48
CA GLU B 127 -24.05 -25.93 -13.25
C GLU B 127 -24.37 -26.19 -11.78
N PHE B 128 -23.50 -25.68 -10.90
CA PHE B 128 -23.69 -25.77 -9.44
C PHE B 128 -24.97 -25.07 -8.98
N CYS B 129 -25.20 -23.86 -9.47
CA CYS B 129 -26.39 -23.08 -9.15
C CYS B 129 -27.67 -23.71 -9.69
N GLU B 130 -27.56 -24.42 -10.81
CA GLU B 130 -28.65 -25.19 -11.39
C GLU B 130 -28.91 -26.47 -10.57
N ARG B 131 -27.83 -27.05 -10.05
CA ARG B 131 -27.88 -28.22 -9.18
C ARG B 131 -28.53 -27.91 -7.82
N MET B 132 -28.46 -26.64 -7.41
CA MET B 132 -29.06 -26.18 -6.15
C MET B 132 -30.52 -25.74 -6.28
N ARG B 133 -30.99 -25.64 -7.52
CA ARG B 133 -32.41 -25.37 -7.82
C ARG B 133 -33.25 -26.65 -7.77
N ALA B 134 -32.57 -27.80 -7.64
CA ALA B 134 -33.20 -29.12 -7.61
C ALA B 134 -34.25 -29.26 -6.50
N GLN B 135 -33.89 -28.79 -5.30
CA GLN B 135 -34.80 -28.77 -4.15
C GLN B 135 -34.71 -27.39 -3.47
N PRO B 136 -35.55 -26.42 -3.92
CA PRO B 136 -35.48 -25.02 -3.45
C PRO B 136 -35.96 -24.82 -2.01
N GLY B 137 -35.12 -24.15 -1.21
CA GLY B 137 -35.39 -23.90 0.21
C GLY B 137 -35.31 -25.12 1.11
N THR B 138 -34.52 -26.11 0.68
CA THR B 138 -34.31 -27.38 1.41
C THR B 138 -32.89 -27.36 1.99
N PRO B 139 -32.69 -27.89 3.22
CA PRO B 139 -31.35 -27.93 3.80
C PRO B 139 -30.38 -28.83 3.02
N VAL B 140 -29.27 -28.25 2.56
CA VAL B 140 -28.25 -28.97 1.78
C VAL B 140 -26.94 -29.04 2.55
N ALA B 141 -26.32 -30.22 2.55
CA ALA B 141 -24.97 -30.42 3.09
C ALA B 141 -23.95 -29.79 2.15
N ILE B 142 -23.84 -28.45 2.24
CA ILE B 142 -23.14 -27.64 1.24
C ILE B 142 -21.61 -27.83 1.18
N GLU B 143 -21.01 -28.38 2.25
CA GLU B 143 -19.59 -28.74 2.28
C GLU B 143 -19.24 -29.70 1.14
N GLU B 144 -20.06 -30.75 0.97
CA GLU B 144 -19.92 -31.76 -0.07
C GLU B 144 -20.10 -31.18 -1.48
N GLU B 145 -21.04 -30.25 -1.61
CA GLU B 145 -21.33 -29.58 -2.89
C GLU B 145 -20.18 -28.70 -3.36
N PHE B 146 -19.60 -27.93 -2.42
CA PHE B 146 -18.40 -27.15 -2.69
C PHE B 146 -17.21 -28.03 -3.04
N SER B 147 -17.08 -29.15 -2.32
CA SER B 147 -16.04 -30.17 -2.57
C SER B 147 -16.09 -30.73 -3.98
N LEU B 148 -17.29 -31.11 -4.41
CA LEU B 148 -17.52 -31.65 -5.75
C LEU B 148 -17.24 -30.61 -6.82
N LEU B 149 -17.57 -29.35 -6.51
CA LEU B 149 -17.38 -28.20 -7.41
C LEU B 149 -15.90 -27.91 -7.65
N THR B 150 -15.16 -27.70 -6.56
CA THR B 150 -13.73 -27.36 -6.60
C THR B 150 -12.89 -28.47 -7.23
N CYS B 151 -13.23 -29.72 -6.89
CA CYS B 151 -12.60 -30.90 -7.47
C CYS B 151 -12.82 -30.99 -8.98
N SER B 152 -14.06 -30.77 -9.40
CA SER B 152 -14.40 -30.71 -10.82
C SER B 152 -13.52 -29.68 -11.51
N ILE B 153 -13.56 -28.45 -11.01
CA ILE B 153 -12.78 -27.32 -11.55
C ILE B 153 -11.31 -27.70 -11.76
N ILE B 154 -10.66 -28.25 -10.72
CA ILE B 154 -9.25 -28.61 -10.82
C ILE B 154 -8.97 -29.81 -11.75
N CYS B 155 -9.86 -30.80 -11.74
CA CYS B 155 -9.75 -31.96 -12.63
C CYS B 155 -9.89 -31.58 -14.11
N TYR B 156 -10.88 -30.74 -14.42
CA TYR B 156 -11.09 -30.20 -15.78
C TYR B 156 -9.89 -29.38 -16.26
N LEU B 157 -9.30 -28.59 -15.36
CA LEU B 157 -8.20 -27.71 -15.71
C LEU B 157 -6.86 -28.43 -15.82
N THR B 158 -6.74 -29.59 -15.15
CA THR B 158 -5.54 -30.42 -15.26
C THR B 158 -5.67 -31.44 -16.41
N PHE B 159 -6.84 -32.06 -16.53
CA PHE B 159 -7.05 -33.22 -17.39
C PHE B 159 -7.86 -32.97 -18.68
N GLY B 160 -8.55 -31.83 -18.75
CA GLY B 160 -9.31 -31.47 -19.95
C GLY B 160 -10.66 -32.14 -20.09
N ASP B 161 -11.19 -32.14 -21.32
CA ASP B 161 -12.56 -32.54 -21.64
C ASP B 161 -12.97 -33.98 -21.32
N LYS B 162 -12.02 -34.90 -21.44
CA LYS B 162 -12.28 -36.36 -21.35
C LYS B 162 -12.97 -36.83 -20.06
N ILE B 163 -12.68 -36.17 -18.94
CA ILE B 163 -13.13 -36.60 -17.61
C ILE B 163 -14.64 -36.64 -17.39
N LYS B 164 -15.37 -35.70 -17.99
CA LYS B 164 -16.83 -35.79 -18.01
C LYS B 164 -17.34 -35.84 -19.45
N ASP B 165 -17.36 -37.09 -19.92
CA ASP B 165 -17.55 -37.49 -21.31
C ASP B 165 -17.32 -39.00 -21.22
N ASP B 166 -16.43 -39.36 -20.29
CA ASP B 166 -16.26 -40.73 -19.79
C ASP B 166 -16.84 -40.81 -18.36
N ASN B 167 -17.37 -39.68 -17.89
CA ASN B 167 -17.88 -39.51 -16.51
C ASN B 167 -16.95 -40.12 -15.45
N LEU B 168 -15.71 -39.62 -15.43
CA LEU B 168 -14.67 -40.09 -14.53
C LEU B 168 -14.73 -39.43 -13.15
N MET B 169 -15.48 -38.33 -13.05
CA MET B 169 -15.68 -37.59 -11.78
C MET B 169 -16.03 -38.43 -10.54
N PRO B 170 -17.01 -39.37 -10.64
CA PRO B 170 -17.34 -40.18 -9.46
C PRO B 170 -16.12 -40.85 -8.84
N ALA B 171 -15.33 -41.55 -9.66
CA ALA B 171 -14.12 -42.23 -9.22
C ALA B 171 -13.04 -41.23 -8.77
N TYR B 172 -12.89 -40.15 -9.53
CA TYR B 172 -11.85 -39.14 -9.30
C TYR B 172 -12.09 -38.37 -8.01
N TYR B 173 -13.34 -37.97 -7.77
CA TYR B 173 -13.73 -37.37 -6.49
C TYR B 173 -13.52 -38.33 -5.32
N LYS B 174 -13.95 -39.59 -5.48
CA LYS B 174 -13.79 -40.63 -4.46
C LYS B 174 -12.32 -40.91 -4.10
N CYS B 175 -11.47 -40.93 -5.12
CA CYS B 175 -10.04 -41.17 -4.95
C CYS B 175 -9.34 -39.98 -4.29
N ILE B 176 -9.53 -38.78 -4.84
CA ILE B 176 -8.91 -37.55 -4.33
C ILE B 176 -9.28 -37.28 -2.86
N GLN B 177 -10.54 -37.51 -2.51
CA GLN B 177 -11.01 -37.39 -1.12
C GLN B 177 -10.31 -38.38 -0.20
N GLU B 178 -10.28 -39.65 -0.60
CA GLU B 178 -9.63 -40.72 0.16
C GLU B 178 -8.15 -40.46 0.48
N VAL B 179 -7.39 -39.99 -0.51
CA VAL B 179 -5.94 -39.75 -0.37
C VAL B 179 -5.65 -38.75 0.75
N LEU B 180 -6.39 -37.64 0.77
CA LEU B 180 -6.23 -36.62 1.81
C LEU B 180 -6.79 -37.08 3.17
N LYS B 181 -7.98 -37.70 3.13
CA LYS B 181 -8.66 -38.25 4.32
C LYS B 181 -7.78 -39.24 5.09
N THR B 182 -7.13 -40.14 4.35
CA THR B 182 -6.23 -41.13 4.95
C THR B 182 -4.97 -40.43 5.46
N TRP B 183 -4.26 -39.74 4.57
CA TRP B 183 -2.96 -39.13 4.90
C TRP B 183 -2.99 -38.23 6.14
N SER B 184 -4.07 -37.46 6.29
CA SER B 184 -4.19 -36.50 7.39
C SER B 184 -4.77 -37.08 8.71
N HIS B 185 -5.07 -38.39 8.71
CA HIS B 185 -5.54 -39.08 9.91
C HIS B 185 -4.41 -39.31 10.89
N TRP B 186 -4.73 -39.26 12.19
CA TRP B 186 -3.73 -39.38 13.26
C TRP B 186 -2.87 -40.65 13.17
N SER B 187 -3.48 -41.75 12.75
CA SER B 187 -2.79 -43.05 12.63
C SER B 187 -1.70 -43.06 11.56
N ILE B 188 -1.79 -42.13 10.60
CA ILE B 188 -0.72 -41.92 9.62
C ILE B 188 0.21 -40.79 10.06
N GLN B 189 -0.35 -39.65 10.46
CA GLN B 189 0.43 -38.48 10.90
C GLN B 189 1.34 -38.76 12.10
N ILE B 190 0.94 -39.71 12.95
CA ILE B 190 1.71 -40.11 14.14
C ILE B 190 3.09 -40.70 13.82
N VAL B 191 3.23 -41.25 12.61
CA VAL B 191 4.48 -41.85 12.13
C VAL B 191 5.55 -40.78 11.86
N ASP B 192 5.11 -39.58 11.49
CA ASP B 192 6.00 -38.43 11.32
C ASP B 192 6.56 -37.89 12.64
N VAL B 193 5.77 -38.01 13.70
CA VAL B 193 6.12 -37.43 15.01
C VAL B 193 6.75 -38.46 15.96
N ILE B 194 6.24 -39.69 15.91
CA ILE B 194 6.77 -40.84 16.64
C ILE B 194 7.28 -41.82 15.56
N PRO B 195 8.54 -41.63 15.11
CA PRO B 195 9.05 -42.37 13.94
C PRO B 195 9.29 -43.86 14.14
N PHE B 196 9.38 -44.32 15.40
CA PHE B 196 9.56 -45.75 15.69
C PHE B 196 8.26 -46.56 15.56
N LEU B 197 7.13 -45.86 15.48
CA LEU B 197 5.82 -46.49 15.25
C LEU B 197 5.62 -47.01 13.83
N ARG B 198 6.60 -46.76 12.96
CA ARG B 198 6.62 -47.26 11.58
C ARG B 198 6.69 -48.79 11.48
N PHE B 199 7.36 -49.40 12.46
CA PHE B 199 7.53 -50.85 12.53
C PHE B 199 6.37 -51.53 13.25
N PHE B 200 5.58 -50.72 13.97
CA PHE B 200 4.34 -51.18 14.59
C PHE B 200 3.25 -51.34 13.54
N PRO B 201 2.51 -52.48 13.60
CA PRO B 201 1.33 -52.70 12.76
C PRO B 201 0.43 -51.47 12.68
N ASN B 202 -0.01 -51.15 11.47
CA ASN B 202 -0.83 -49.96 11.24
C ASN B 202 -1.83 -50.16 10.09
N PRO B 203 -3.12 -50.32 10.41
CA PRO B 203 -4.18 -50.42 9.39
C PRO B 203 -4.35 -49.13 8.59
N GLY B 204 -3.94 -48.00 9.18
CA GLY B 204 -3.92 -46.71 8.51
C GLY B 204 -2.99 -46.67 7.32
N LEU B 205 -1.73 -47.09 7.52
CA LEU B 205 -0.70 -47.11 6.47
C LEU B 205 -1.04 -48.00 5.27
N ARG B 206 -1.71 -49.12 5.53
CA ARG B 206 -2.19 -50.03 4.49
C ARG B 206 -3.30 -49.38 3.67
N ARG B 207 -4.23 -48.70 4.36
CA ARG B 207 -5.32 -47.94 3.72
C ARG B 207 -4.77 -46.80 2.84
N LEU B 208 -3.67 -46.20 3.28
CA LEU B 208 -2.99 -45.13 2.54
C LEU B 208 -2.37 -45.61 1.24
N LYS B 209 -1.59 -46.71 1.31
CA LYS B 209 -0.89 -47.26 0.14
C LYS B 209 -1.82 -47.63 -1.02
N GLN B 210 -2.99 -48.18 -0.69
CA GLN B 210 -4.02 -48.48 -1.68
C GLN B 210 -4.62 -47.21 -2.28
N ALA B 211 -4.72 -46.17 -1.45
CA ALA B 211 -5.21 -44.86 -1.87
C ALA B 211 -4.14 -44.02 -2.60
N ILE B 212 -2.88 -44.45 -2.54
CA ILE B 212 -1.80 -43.83 -3.33
C ILE B 212 -1.80 -44.39 -4.78
N GLU B 213 -2.42 -45.55 -4.97
CA GLU B 213 -2.47 -46.22 -6.28
C GLU B 213 -3.86 -46.79 -6.66
N LYS B 214 -4.76 -46.04 -7.30
CA LYS B 214 -4.70 -44.61 -7.60
C LYS B 214 -4.82 -43.81 -6.30
N ARG B 215 -4.29 -42.58 -6.18
CA ARG B 215 -3.84 -41.66 -7.25
C ARG B 215 -2.95 -42.15 -8.39
N ASP B 216 -1.95 -43.00 -8.11
CA ASP B 216 -1.10 -43.60 -9.16
C ASP B 216 -1.87 -44.68 -9.92
N HIS B 217 -1.87 -44.55 -11.25
CA HIS B 217 -2.99 -44.88 -12.16
C HIS B 217 -3.66 -43.51 -12.27
N ILE B 218 -4.98 -43.42 -12.46
CA ILE B 218 -5.69 -42.12 -12.70
C ILE B 218 -4.82 -41.06 -13.40
N VAL B 219 -3.86 -40.49 -12.66
CA VAL B 219 -2.85 -39.54 -13.16
C VAL B 219 -2.04 -40.19 -14.29
N GLU B 220 -1.58 -41.43 -14.07
CA GLU B 220 -0.78 -42.18 -15.06
C GLU B 220 -1.54 -42.48 -16.35
N MET B 221 -2.79 -42.95 -16.23
CA MET B 221 -3.65 -43.18 -17.38
C MET B 221 -3.92 -41.88 -18.14
N GLN B 222 -4.24 -40.83 -17.39
CA GLN B 222 -4.46 -39.50 -17.95
C GLN B 222 -3.18 -38.94 -18.58
N LEU B 223 -2.05 -39.19 -17.94
CA LEU B 223 -0.72 -38.85 -18.46
C LEU B 223 -0.41 -39.54 -19.80
N ARG B 224 -0.67 -40.85 -19.85
CA ARG B 224 -0.44 -41.66 -21.05
C ARG B 224 -1.37 -41.28 -22.21
N GLN B 225 -2.63 -41.00 -21.91
CA GLN B 225 -3.61 -40.62 -22.93
C GLN B 225 -3.55 -39.14 -23.34
N HIS B 226 -2.86 -38.31 -22.55
CA HIS B 226 -2.56 -36.94 -22.95
C HIS B 226 -1.40 -36.91 -23.94
N LYS B 227 -0.50 -37.87 -23.80
CA LYS B 227 0.76 -37.96 -24.52
C LYS B 227 0.62 -38.44 -26.00
N GLU B 228 -0.61 -38.70 -26.45
CA GLU B 228 -0.83 -39.44 -27.71
C GLU B 228 -1.08 -38.70 -29.06
N SER B 229 -2.13 -37.92 -29.32
CA SER B 229 -3.14 -37.18 -28.49
C SER B 229 -2.78 -35.71 -28.26
N LEU B 230 -1.50 -35.48 -27.95
CA LEU B 230 -0.96 -34.12 -27.79
C LEU B 230 -0.58 -33.51 -29.14
N VAL B 231 -0.68 -32.17 -29.22
CA VAL B 231 -0.21 -31.41 -30.38
C VAL B 231 0.82 -30.39 -29.87
N ALA B 232 2.08 -30.53 -30.32
CA ALA B 232 3.18 -29.65 -29.90
C ALA B 232 2.92 -28.19 -30.26
N GLY B 233 3.09 -27.31 -29.28
CA GLY B 233 2.79 -25.89 -29.42
C GLY B 233 1.38 -25.48 -29.00
N GLN B 234 0.49 -26.48 -28.88
CA GLN B 234 -0.91 -26.26 -28.49
C GLN B 234 -1.24 -27.05 -27.22
N TRP B 235 -1.86 -26.37 -26.25
CA TRP B 235 -2.24 -26.99 -24.98
C TRP B 235 -3.71 -26.76 -24.62
N ARG B 236 -4.40 -27.87 -24.36
CA ARG B 236 -5.82 -27.89 -24.03
C ARG B 236 -6.04 -27.72 -22.52
N ASP B 237 -5.09 -28.23 -21.74
CA ASP B 237 -5.14 -28.18 -20.27
C ASP B 237 -3.74 -28.09 -19.67
N MET B 238 -3.66 -28.19 -18.35
CA MET B 238 -2.38 -28.10 -17.62
C MET B 238 -1.44 -29.28 -17.84
N MET B 239 -1.99 -30.46 -18.14
CA MET B 239 -1.16 -31.64 -18.44
C MET B 239 -0.51 -31.57 -19.81
N ASP B 240 -1.22 -31.02 -20.80
CA ASP B 240 -0.64 -30.74 -22.12
C ASP B 240 0.57 -29.82 -22.04
N TYR B 241 0.47 -28.77 -21.20
CA TYR B 241 1.52 -27.76 -21.06
C TYR B 241 2.79 -28.31 -20.43
N MET B 242 2.66 -28.83 -19.20
CA MET B 242 3.79 -29.37 -18.41
C MET B 242 4.57 -30.45 -19.17
N LEU B 243 3.82 -31.37 -19.77
CA LEU B 243 4.37 -32.49 -20.55
C LEU B 243 5.22 -31.99 -21.72
N GLN B 244 4.83 -30.85 -22.28
CA GLN B 244 5.57 -30.19 -23.37
C GLN B 244 6.84 -29.46 -22.90
N GLY B 245 6.95 -29.21 -21.60
CA GLY B 245 8.12 -28.54 -21.03
C GLY B 245 9.03 -29.50 -20.29
N VAL B 246 9.14 -30.73 -20.81
CA VAL B 246 9.79 -31.85 -20.13
C VAL B 246 10.47 -32.80 -21.13
N ALA B 247 11.56 -33.44 -20.69
CA ALA B 247 12.35 -34.39 -21.50
C ALA B 247 11.72 -35.78 -21.62
N GLN B 248 12.04 -36.47 -22.72
CA GLN B 248 11.54 -37.82 -23.00
C GLN B 248 12.50 -38.60 -23.92
N GLN B 257 16.69 -32.72 -17.39
CA GLN B 257 16.61 -33.16 -16.00
C GLN B 257 15.19 -33.13 -15.39
N LEU B 258 14.34 -32.21 -15.85
CA LEU B 258 12.91 -32.27 -15.54
C LEU B 258 12.24 -33.36 -16.37
N LEU B 259 11.73 -34.38 -15.66
CA LEU B 259 11.18 -35.60 -16.25
C LEU B 259 9.66 -35.63 -16.22
N GLU B 260 9.07 -36.63 -16.87
CA GLU B 260 7.61 -36.85 -16.87
C GLU B 260 7.03 -37.16 -15.48
N GLY B 261 7.83 -37.78 -14.63
CA GLY B 261 7.45 -38.06 -13.24
C GLY B 261 7.22 -36.82 -12.38
N HIS B 262 7.92 -35.74 -12.71
CA HIS B 262 7.68 -34.41 -12.13
C HIS B 262 6.27 -33.92 -12.47
N VAL B 263 5.87 -34.11 -13.72
CA VAL B 263 4.52 -33.78 -14.22
C VAL B 263 3.46 -34.59 -13.46
N HIS B 264 3.73 -35.89 -13.32
CA HIS B 264 2.87 -36.82 -12.57
C HIS B 264 2.56 -36.28 -11.18
N MET B 265 3.61 -35.89 -10.44
CA MET B 265 3.48 -35.38 -9.08
C MET B 265 2.89 -33.98 -9.00
N ALA B 266 3.22 -33.13 -9.98
CA ALA B 266 2.67 -31.77 -10.07
C ALA B 266 1.14 -31.79 -10.25
N ALA B 267 0.65 -32.82 -10.95
CA ALA B 267 -0.78 -33.05 -11.12
C ALA B 267 -1.43 -33.45 -9.78
N VAL B 268 -0.80 -34.41 -9.09
CA VAL B 268 -1.22 -34.86 -7.76
C VAL B 268 -1.37 -33.71 -6.76
N ASP B 269 -0.37 -32.82 -6.75
CA ASP B 269 -0.36 -31.63 -5.90
C ASP B 269 -1.47 -30.64 -6.28
N LEU B 270 -1.68 -30.48 -7.59
CA LEU B 270 -2.79 -29.68 -8.11
C LEU B 270 -4.16 -30.22 -7.67
N LEU B 271 -4.40 -31.51 -7.94
CA LEU B 271 -5.66 -32.17 -7.63
C LEU B 271 -6.05 -32.11 -6.14
N ILE B 272 -5.21 -32.68 -5.28
CA ILE B 272 -5.48 -32.75 -3.83
C ILE B 272 -5.36 -31.38 -3.16
N GLY B 273 -4.36 -30.59 -3.56
CA GLY B 273 -4.16 -29.26 -3.01
C GLY B 273 -5.21 -28.24 -3.42
N GLY B 274 -5.94 -28.57 -4.50
CA GLY B 274 -6.93 -27.67 -5.09
C GLY B 274 -8.39 -27.83 -4.71
N THR B 275 -8.76 -28.99 -4.16
CA THR B 275 -10.18 -29.27 -3.88
C THR B 275 -10.65 -28.79 -2.51
N GLU B 276 -10.20 -29.47 -1.45
CA GLU B 276 -10.68 -29.24 -0.08
C GLU B 276 -10.28 -27.89 0.51
N THR B 277 -9.19 -27.31 0.00
CA THR B 277 -8.75 -25.97 0.41
C THR B 277 -9.78 -24.90 0.06
N THR B 278 -10.15 -24.82 -1.22
CA THR B 278 -11.12 -23.83 -1.70
C THR B 278 -12.55 -24.10 -1.26
N ALA B 279 -12.92 -25.38 -1.19
CA ALA B 279 -14.25 -25.83 -0.76
C ALA B 279 -14.59 -25.42 0.67
N ASN B 280 -13.64 -25.64 1.58
CA ASN B 280 -13.77 -25.25 2.98
C ASN B 280 -13.81 -23.74 3.20
N THR B 281 -13.01 -23.00 2.42
CA THR B 281 -13.04 -21.53 2.42
C THR B 281 -14.45 -21.03 2.06
N LEU B 282 -15.06 -21.66 1.05
CA LEU B 282 -16.43 -21.35 0.63
C LEU B 282 -17.43 -21.67 1.74
N SER B 283 -17.26 -22.82 2.38
CA SER B 283 -18.08 -23.24 3.51
C SER B 283 -17.98 -22.22 4.66
N TRP B 284 -16.75 -21.84 5.04
CA TRP B 284 -16.50 -20.84 6.09
C TRP B 284 -17.21 -19.51 5.80
N ALA B 285 -17.09 -19.05 4.56
CA ALA B 285 -17.77 -17.84 4.08
C ALA B 285 -19.28 -17.93 4.23
N VAL B 286 -19.86 -19.10 3.91
CA VAL B 286 -21.29 -19.37 4.09
C VAL B 286 -21.65 -19.22 5.56
N VAL B 287 -20.92 -19.93 6.43
CA VAL B 287 -21.17 -19.91 7.88
C VAL B 287 -21.10 -18.49 8.44
N PHE B 288 -20.04 -17.76 8.08
CA PHE B 288 -19.86 -16.36 8.49
C PHE B 288 -21.02 -15.44 8.08
N LEU B 289 -21.50 -15.62 6.85
CA LEU B 289 -22.61 -14.82 6.32
C LEU B 289 -23.95 -15.13 7.01
N LEU B 290 -24.08 -16.36 7.55
CA LEU B 290 -25.27 -16.77 8.30
C LEU B 290 -25.35 -16.09 9.66
N HIS B 291 -24.19 -15.84 10.27
CA HIS B 291 -24.10 -15.07 11.52
C HIS B 291 -24.24 -13.55 11.31
N HIS B 292 -24.01 -13.10 10.08
CA HIS B 292 -24.03 -11.68 9.74
C HIS B 292 -24.92 -11.36 8.52
N PRO B 293 -26.26 -11.36 8.71
CA PRO B 293 -27.19 -11.09 7.59
C PRO B 293 -27.08 -9.67 7.01
N GLU B 294 -26.58 -8.72 7.81
CA GLU B 294 -26.35 -7.34 7.36
C GLU B 294 -25.27 -7.25 6.28
N ILE B 295 -24.29 -8.15 6.34
CA ILE B 295 -23.21 -8.25 5.35
C ILE B 295 -23.77 -8.81 4.04
N GLN B 296 -24.55 -9.89 4.15
CA GLN B 296 -25.19 -10.53 3.00
C GLN B 296 -26.12 -9.59 2.22
N GLN B 297 -26.91 -8.81 2.97
CA GLN B 297 -27.81 -7.82 2.36
C GLN B 297 -27.02 -6.73 1.62
N ARG B 298 -25.96 -6.24 2.26
CA ARG B 298 -25.08 -5.22 1.66
C ARG B 298 -24.32 -5.75 0.44
N LEU B 299 -24.01 -7.05 0.45
CA LEU B 299 -23.36 -7.73 -0.67
C LEU B 299 -24.29 -7.88 -1.87
N GLN B 300 -25.57 -8.16 -1.59
CA GLN B 300 -26.61 -8.29 -2.62
C GLN B 300 -26.90 -6.96 -3.30
N GLU B 301 -27.01 -5.89 -2.51
CA GLU B 301 -27.23 -4.52 -3.00
C GLU B 301 -26.10 -4.06 -3.91
N GLU B 302 -24.87 -4.32 -3.46
CA GLU B 302 -23.65 -4.08 -4.23
C GLU B 302 -23.70 -4.84 -5.58
N LEU B 303 -24.06 -6.12 -5.52
CA LEU B 303 -24.21 -6.97 -6.71
C LEU B 303 -25.26 -6.47 -7.69
N ASP B 304 -26.42 -6.05 -7.17
CA ASP B 304 -27.50 -5.49 -7.98
C ASP B 304 -27.13 -4.08 -8.47
N HIS B 305 -26.23 -4.03 -9.44
CA HIS B 305 -25.71 -2.80 -10.05
C HIS B 305 -25.13 -3.05 -11.45
N SER B 314 -25.54 -10.67 -16.96
CA SER B 314 -26.04 -10.81 -15.59
C SER B 314 -25.15 -11.77 -14.76
N ARG B 315 -23.84 -11.51 -14.79
CA ARG B 315 -22.86 -12.40 -14.17
C ARG B 315 -21.80 -11.69 -13.31
N VAL B 316 -21.36 -10.52 -13.78
CA VAL B 316 -20.16 -9.81 -13.29
C VAL B 316 -18.87 -10.65 -13.48
N PRO B 317 -18.04 -10.31 -14.50
CA PRO B 317 -16.81 -11.06 -14.76
C PRO B 317 -15.67 -10.72 -13.79
N TYR B 318 -14.58 -11.48 -13.86
CA TYR B 318 -13.43 -11.34 -12.95
C TYR B 318 -12.58 -10.11 -13.28
N LYS B 319 -12.60 -9.69 -14.54
CA LYS B 319 -11.93 -8.45 -14.99
C LYS B 319 -12.47 -7.21 -14.26
N ASP B 320 -13.69 -7.31 -13.73
CA ASP B 320 -14.34 -6.24 -12.97
C ASP B 320 -14.46 -6.57 -11.48
N ARG B 321 -13.31 -6.76 -10.84
CA ARG B 321 -13.21 -6.98 -9.39
C ARG B 321 -13.48 -5.70 -8.60
N ALA B 322 -12.93 -4.59 -9.10
CA ALA B 322 -12.98 -3.27 -8.44
C ALA B 322 -14.39 -2.74 -8.19
N ARG B 323 -15.35 -3.21 -8.99
CA ARG B 323 -16.75 -2.81 -8.86
C ARG B 323 -17.45 -3.44 -7.66
N LEU B 324 -16.85 -4.48 -7.09
CA LEU B 324 -17.38 -5.13 -5.88
C LEU B 324 -16.34 -5.15 -4.72
N PRO B 325 -15.97 -3.96 -4.17
CA PRO B 325 -14.90 -3.92 -3.16
C PRO B 325 -15.29 -4.48 -1.77
N LEU B 326 -16.56 -4.37 -1.40
CA LEU B 326 -17.07 -4.97 -0.15
C LEU B 326 -17.11 -6.50 -0.25
N LEU B 327 -17.23 -7.02 -1.48
CA LEU B 327 -17.12 -8.46 -1.75
C LEU B 327 -15.68 -8.96 -1.64
N ASN B 328 -14.75 -8.17 -2.16
CA ASN B 328 -13.31 -8.45 -2.06
C ASN B 328 -12.82 -8.47 -0.62
N ALA B 329 -13.33 -7.51 0.17
CA ALA B 329 -13.05 -7.38 1.59
C ALA B 329 -13.63 -8.51 2.43
N THR B 330 -14.86 -8.92 2.09
CA THR B 330 -15.53 -10.05 2.74
C THR B 330 -14.76 -11.36 2.51
N ILE B 331 -14.31 -11.57 1.26
CA ILE B 331 -13.43 -12.70 0.90
C ILE B 331 -12.12 -12.63 1.67
N ALA B 332 -11.53 -11.44 1.72
CA ALA B 332 -10.29 -11.18 2.47
C ALA B 332 -10.43 -11.45 3.96
N GLU B 333 -11.61 -11.16 4.53
CA GLU B 333 -11.86 -11.41 5.96
C GLU B 333 -12.00 -12.88 6.32
N VAL B 334 -12.68 -13.64 5.46
CA VAL B 334 -12.81 -15.10 5.61
C VAL B 334 -11.42 -15.76 5.57
N LEU B 335 -10.59 -15.32 4.61
CA LEU B 335 -9.19 -15.76 4.48
C LEU B 335 -8.34 -15.40 5.70
N ARG B 336 -8.57 -14.20 6.24
CA ARG B 336 -7.87 -13.70 7.43
C ARG B 336 -8.29 -14.48 8.68
N LEU B 337 -9.59 -14.50 8.96
CA LEU B 337 -10.11 -15.08 10.20
C LEU B 337 -10.09 -16.60 10.22
N ARG B 338 -10.26 -17.22 9.05
CA ARG B 338 -10.28 -18.68 8.91
C ARG B 338 -9.36 -19.21 7.78
N PRO B 339 -8.01 -19.12 7.96
CA PRO B 339 -7.14 -19.69 6.94
C PRO B 339 -7.20 -21.22 6.95
N VAL B 340 -7.62 -21.75 5.81
CA VAL B 340 -7.90 -23.18 5.61
C VAL B 340 -6.68 -24.08 5.88
N VAL B 341 -5.48 -23.58 5.62
CA VAL B 341 -4.25 -24.30 5.94
C VAL B 341 -3.56 -23.55 7.10
N PRO B 342 -4.07 -23.73 8.35
CA PRO B 342 -3.78 -22.80 9.46
C PRO B 342 -2.34 -22.79 9.98
N LEU B 343 -1.59 -23.86 9.73
CA LEU B 343 -0.17 -23.93 10.07
C LEU B 343 0.71 -24.17 8.84
N ALA B 344 0.20 -23.74 7.68
CA ALA B 344 0.84 -23.91 6.37
C ALA B 344 1.35 -25.34 6.17
N LEU B 345 2.61 -25.48 5.76
CA LEU B 345 3.34 -26.73 5.84
C LEU B 345 4.66 -26.46 6.56
N PRO B 346 5.31 -27.50 7.13
CA PRO B 346 6.57 -27.24 7.82
C PRO B 346 7.69 -26.82 6.86
N HIS B 347 8.52 -25.87 7.31
CA HIS B 347 9.69 -25.42 6.57
C HIS B 347 10.93 -26.00 7.22
N ARG B 348 12.02 -26.10 6.45
CA ARG B 348 13.33 -26.50 6.97
C ARG B 348 14.38 -25.47 6.60
N THR B 349 15.23 -25.16 7.58
CA THR B 349 16.32 -24.21 7.43
C THR B 349 17.43 -24.81 6.53
N THR B 350 17.75 -24.09 5.45
CA THR B 350 18.66 -24.60 4.41
C THR B 350 20.14 -24.35 4.71
N ARG B 351 20.44 -23.18 5.26
CA ARG B 351 21.78 -22.80 5.70
C ARG B 351 21.66 -22.21 7.12
N PRO B 352 22.78 -22.08 7.87
CA PRO B 352 22.65 -21.38 9.15
C PRO B 352 22.20 -19.93 8.94
N SER B 353 21.23 -19.50 9.74
CA SER B 353 20.57 -18.18 9.58
C SER B 353 19.99 -17.68 10.90
N SER B 354 19.20 -16.60 10.84
CA SER B 354 18.60 -15.98 12.02
C SER B 354 17.23 -15.35 11.75
N ILE B 355 16.30 -15.54 12.68
CA ILE B 355 15.02 -14.82 12.68
C ILE B 355 14.90 -13.97 13.95
N SER B 356 14.59 -12.69 13.76
CA SER B 356 14.21 -11.75 14.84
C SER B 356 15.27 -11.63 15.95
N GLY B 357 16.54 -11.69 15.55
CA GLY B 357 17.66 -11.62 16.48
C GLY B 357 18.26 -12.97 16.85
N TYR B 358 17.43 -14.00 16.89
CA TYR B 358 17.82 -15.34 17.35
C TYR B 358 18.46 -16.20 16.27
N ASP B 359 19.46 -17.00 16.68
CA ASP B 359 20.12 -17.96 15.81
C ASP B 359 19.23 -19.16 15.47
N ILE B 360 19.19 -19.51 14.19
CA ILE B 360 18.45 -20.67 13.70
C ILE B 360 19.45 -21.62 13.01
N PRO B 361 19.83 -22.73 13.70
CA PRO B 361 20.75 -23.70 13.08
C PRO B 361 20.12 -24.48 11.92
N GLU B 362 20.98 -24.97 11.02
CA GLU B 362 20.59 -25.70 9.81
C GLU B 362 19.86 -27.01 10.12
N GLY B 363 18.79 -27.25 9.37
CA GLY B 363 17.99 -28.48 9.51
C GLY B 363 16.80 -28.37 10.46
N THR B 364 16.69 -27.23 11.16
CA THR B 364 15.61 -27.01 12.12
C THR B 364 14.27 -26.70 11.44
N VAL B 365 13.27 -27.49 11.82
CA VAL B 365 11.91 -27.38 11.28
C VAL B 365 11.23 -26.12 11.81
N ILE B 366 10.47 -25.46 10.94
CA ILE B 366 9.80 -24.19 11.26
C ILE B 366 8.33 -24.23 10.86
N ILE B 367 7.47 -23.95 11.84
CA ILE B 367 6.02 -23.89 11.65
C ILE B 367 5.58 -22.42 11.47
N PRO B 368 5.02 -22.08 10.28
CA PRO B 368 4.39 -20.77 10.13
C PRO B 368 2.94 -20.81 10.61
N ASN B 369 2.72 -20.34 11.84
CA ASN B 369 1.37 -20.27 12.42
C ASN B 369 0.57 -19.13 11.80
N LEU B 370 -0.16 -19.47 10.74
CA LEU B 370 -0.91 -18.49 9.97
C LEU B 370 -2.15 -17.94 10.67
N GLN B 371 -2.95 -18.84 11.25
CA GLN B 371 -4.17 -18.43 11.98
C GLN B 371 -3.85 -17.56 13.19
N GLY B 372 -2.76 -17.92 13.88
CA GLY B 372 -2.21 -17.13 14.99
C GLY B 372 -1.78 -15.74 14.58
N ALA B 373 -1.00 -15.65 13.50
CA ALA B 373 -0.53 -14.37 12.94
C ALA B 373 -1.67 -13.42 12.59
N HIS B 374 -2.80 -13.98 12.15
CA HIS B 374 -3.99 -13.21 11.77
C HIS B 374 -4.80 -12.71 12.97
N LEU B 375 -4.56 -13.29 14.14
CA LEU B 375 -5.30 -12.97 15.37
C LEU B 375 -4.56 -11.99 16.29
N ASP B 376 -3.58 -11.30 15.71
CA ASP B 376 -2.78 -10.30 16.40
C ASP B 376 -3.53 -8.98 16.49
N GLU B 377 -3.74 -8.50 17.73
CA GLU B 377 -4.42 -7.21 17.98
C GLU B 377 -3.55 -6.00 17.56
N THR B 378 -2.24 -6.23 17.47
CA THR B 378 -1.25 -5.22 17.02
C THR B 378 -1.47 -4.81 15.56
N VAL B 379 -1.86 -5.76 14.73
CA VAL B 379 -1.97 -5.57 13.28
C VAL B 379 -3.43 -5.37 12.87
N TRP B 380 -4.33 -6.15 13.47
CA TRP B 380 -5.76 -6.05 13.22
C TRP B 380 -6.49 -5.85 14.54
N GLU B 381 -7.03 -4.64 14.75
CA GLU B 381 -7.83 -4.35 15.93
C GLU B 381 -9.11 -5.19 15.95
N ARG B 382 -9.54 -5.57 17.15
CA ARG B 382 -10.64 -6.51 17.37
C ARG B 382 -10.47 -7.73 16.44
N PRO B 383 -9.36 -8.49 16.62
CA PRO B 383 -8.97 -9.51 15.63
C PRO B 383 -9.89 -10.72 15.55
N HIS B 384 -10.58 -11.04 16.64
CA HIS B 384 -11.45 -12.23 16.69
C HIS B 384 -12.80 -12.07 15.98
N GLU B 385 -13.12 -10.84 15.56
CA GLU B 385 -14.40 -10.52 14.94
C GLU B 385 -14.37 -10.48 13.41
N PHE B 386 -15.46 -10.94 12.81
CA PHE B 386 -15.68 -10.87 11.37
C PHE B 386 -16.17 -9.48 11.01
N TRP B 387 -15.24 -8.69 10.47
CA TRP B 387 -15.50 -7.29 10.16
C TRP B 387 -14.87 -6.95 8.80
N PRO B 388 -15.62 -7.19 7.70
CA PRO B 388 -15.13 -6.95 6.34
C PRO B 388 -14.77 -5.51 6.02
N ASP B 389 -15.44 -4.55 6.67
CA ASP B 389 -15.19 -3.12 6.47
C ASP B 389 -13.77 -2.67 6.85
N ARG B 390 -13.08 -3.52 7.60
CA ARG B 390 -11.66 -3.37 7.95
C ARG B 390 -10.74 -3.28 6.73
N PHE B 391 -11.05 -4.06 5.70
CA PHE B 391 -10.32 -4.00 4.42
C PHE B 391 -10.91 -2.98 3.43
N LEU B 392 -11.65 -2.02 3.96
CA LEU B 392 -12.15 -0.89 3.19
C LEU B 392 -11.56 0.42 3.71
N GLU B 393 -11.09 1.23 2.75
CA GLU B 393 -10.46 2.54 2.97
C GLU B 393 -11.33 3.47 3.84
N PRO B 394 -10.70 4.44 4.56
CA PRO B 394 -9.27 4.75 4.65
C PRO B 394 -8.56 4.19 5.89
N GLY B 395 -9.12 3.13 6.49
CA GLY B 395 -8.51 2.48 7.65
C GLY B 395 -7.88 1.14 7.34
N LYS B 396 -7.41 0.97 6.10
CA LYS B 396 -6.88 -0.29 5.60
C LYS B 396 -5.34 -0.25 5.40
N ASN B 397 -4.65 -1.41 5.37
CA ASN B 397 -5.20 -2.74 5.61
C ASN B 397 -4.29 -3.65 6.42
N SER B 398 -3.00 -3.65 6.05
CA SER B 398 -2.05 -4.74 6.36
C SER B 398 -2.60 -6.07 5.84
N ARG B 399 -2.00 -6.55 4.76
CA ARG B 399 -2.43 -7.77 4.08
C ARG B 399 -2.26 -9.00 4.99
N ALA B 400 -3.26 -9.85 5.00
CA ALA B 400 -3.15 -11.18 5.60
C ALA B 400 -2.33 -12.09 4.68
N LEU B 401 -1.89 -13.23 5.21
CA LEU B 401 -1.11 -14.18 4.43
C LEU B 401 -1.65 -15.61 4.56
N ALA B 402 -2.89 -15.80 4.12
CA ALA B 402 -3.57 -17.10 4.15
C ALA B 402 -2.96 -18.12 3.19
N PHE B 403 -2.31 -17.62 2.14
CA PHE B 403 -1.66 -18.44 1.13
C PHE B 403 -0.15 -18.60 1.37
N GLY B 404 0.32 -18.07 2.49
CA GLY B 404 1.75 -18.03 2.82
C GLY B 404 2.44 -16.86 2.15
N CYS B 405 3.77 -16.94 2.07
CA CYS B 405 4.61 -15.96 1.36
C CYS B 405 5.99 -16.55 1.05
N GLY B 406 6.72 -15.89 0.17
CA GLY B 406 8.06 -16.34 -0.21
C GLY B 406 8.05 -17.48 -1.21
N ALA B 407 9.11 -18.29 -1.19
CA ALA B 407 9.33 -19.38 -2.16
C ALA B 407 8.27 -20.49 -2.14
N ARG B 408 7.57 -20.61 -1.01
CA ARG B 408 6.58 -21.66 -0.83
C ARG B 408 5.12 -21.18 -0.89
N VAL B 409 4.90 -19.97 -1.43
CA VAL B 409 3.54 -19.45 -1.69
C VAL B 409 2.68 -20.51 -2.35
N CYS B 410 1.42 -20.56 -1.95
CA CYS B 410 0.44 -21.43 -2.57
C CYS B 410 0.49 -21.29 -4.09
N LEU B 411 0.79 -22.41 -4.75
CA LEU B 411 0.91 -22.48 -6.20
C LEU B 411 -0.41 -22.11 -6.90
N GLY B 412 -1.53 -22.50 -6.29
CA GLY B 412 -2.84 -22.31 -6.90
C GLY B 412 -3.65 -21.12 -6.44
N GLU B 413 -2.98 -20.17 -5.78
CA GLU B 413 -3.59 -18.90 -5.34
C GLU B 413 -4.40 -18.16 -6.44
N PRO B 414 -3.82 -17.97 -7.66
CA PRO B 414 -4.62 -17.34 -8.73
C PRO B 414 -5.94 -18.07 -9.07
N LEU B 415 -5.92 -19.39 -9.03
CA LEU B 415 -7.12 -20.20 -9.26
C LEU B 415 -8.07 -20.19 -8.05
N ALA B 416 -7.50 -20.08 -6.85
CA ALA B 416 -8.26 -20.05 -5.60
C ALA B 416 -9.12 -18.78 -5.44
N ARG B 417 -8.50 -17.63 -5.67
CA ARG B 417 -9.15 -16.32 -5.54
C ARG B 417 -10.22 -16.11 -6.61
N LEU B 418 -9.95 -16.61 -7.82
CA LEU B 418 -10.93 -16.62 -8.91
C LEU B 418 -12.19 -17.42 -8.53
N GLU B 419 -11.98 -18.61 -7.98
CA GLU B 419 -13.06 -19.50 -7.54
C GLU B 419 -13.94 -18.83 -6.49
N LEU B 420 -13.31 -18.30 -5.44
CA LEU B 420 -14.01 -17.61 -4.36
C LEU B 420 -14.88 -16.45 -4.87
N PHE B 421 -14.32 -15.65 -5.78
CA PHE B 421 -15.03 -14.53 -6.41
C PHE B 421 -16.22 -15.02 -7.24
N VAL B 422 -15.97 -15.98 -8.13
CA VAL B 422 -16.97 -16.49 -9.08
C VAL B 422 -18.10 -17.27 -8.38
N VAL B 423 -17.73 -18.17 -7.46
CA VAL B 423 -18.70 -19.01 -6.75
C VAL B 423 -19.62 -18.15 -5.86
N LEU B 424 -19.03 -17.30 -5.01
CA LEU B 424 -19.80 -16.43 -4.12
C LEU B 424 -20.59 -15.36 -4.85
N THR B 425 -20.05 -14.85 -5.96
CA THR B 425 -20.71 -13.83 -6.78
C THR B 425 -22.02 -14.36 -7.39
N ARG B 426 -22.00 -15.62 -7.84
CA ARG B 426 -23.15 -16.27 -8.45
C ARG B 426 -24.14 -16.79 -7.41
N LEU B 427 -23.61 -17.29 -6.29
CA LEU B 427 -24.41 -17.87 -5.22
C LEU B 427 -25.25 -16.80 -4.52
N LEU B 428 -24.66 -15.63 -4.29
CA LEU B 428 -25.32 -14.50 -3.64
C LEU B 428 -26.24 -13.73 -4.59
N GLN B 429 -25.91 -13.76 -5.88
CA GLN B 429 -26.74 -13.19 -6.94
C GLN B 429 -28.04 -13.95 -7.13
N ALA B 430 -27.96 -15.29 -7.07
CA ALA B 430 -29.11 -16.16 -7.28
C ALA B 430 -29.86 -16.49 -5.99
N PHE B 431 -29.15 -16.63 -4.88
CA PHE B 431 -29.74 -17.15 -3.63
C PHE B 431 -29.56 -16.23 -2.42
N THR B 432 -30.40 -16.47 -1.40
CA THR B 432 -30.24 -15.91 -0.06
C THR B 432 -30.02 -17.07 0.91
N LEU B 433 -28.86 -17.05 1.58
CA LEU B 433 -28.43 -18.11 2.48
C LEU B 433 -29.15 -18.00 3.82
N LEU B 434 -29.86 -19.07 4.19
CA LEU B 434 -30.69 -19.13 5.40
C LEU B 434 -30.27 -20.30 6.30
N PRO B 435 -30.46 -20.16 7.64
CA PRO B 435 -30.16 -21.25 8.59
C PRO B 435 -30.97 -22.51 8.35
N SER B 436 -30.35 -23.67 8.59
CA SER B 436 -30.98 -24.99 8.39
C SER B 436 -32.26 -25.15 9.21
N GLY B 437 -32.17 -24.80 10.49
CA GLY B 437 -33.31 -24.74 11.40
C GLY B 437 -33.39 -23.36 11.99
N ASP B 438 -33.31 -23.28 13.31
CA ASP B 438 -33.41 -22.01 14.03
C ASP B 438 -32.07 -21.58 14.61
N ALA B 439 -31.36 -22.53 15.23
CA ALA B 439 -30.03 -22.29 15.79
C ALA B 439 -28.97 -22.16 14.71
N LEU B 440 -28.07 -21.20 14.91
CA LEU B 440 -26.99 -20.91 13.95
C LEU B 440 -25.88 -21.97 14.00
N PRO B 441 -25.17 -22.19 12.87
CA PRO B 441 -24.03 -23.12 12.83
C PRO B 441 -22.82 -22.57 13.60
N SER B 442 -22.13 -23.47 14.30
CA SER B 442 -20.99 -23.11 15.14
C SER B 442 -19.79 -22.67 14.31
N LEU B 443 -19.25 -21.51 14.69
CA LEU B 443 -18.01 -21.00 14.11
C LEU B 443 -16.78 -21.76 14.60
N GLN B 444 -16.91 -22.47 15.71
CA GLN B 444 -15.80 -23.21 16.33
C GLN B 444 -15.36 -24.44 15.51
N PRO B 445 -14.09 -24.44 15.05
CA PRO B 445 -13.60 -25.54 14.21
C PRO B 445 -13.29 -26.81 15.01
N LEU B 446 -13.16 -27.92 14.28
CA LEU B 446 -12.79 -29.24 14.82
C LEU B 446 -11.49 -29.21 15.66
N PRO B 447 -11.43 -29.98 16.77
CA PRO B 447 -10.44 -29.75 17.83
C PRO B 447 -8.89 -29.69 17.58
N HIS B 448 -8.14 -30.72 17.11
CA HIS B 448 -8.47 -31.84 16.19
C HIS B 448 -8.74 -31.41 14.75
N CYS B 449 -7.87 -30.54 14.26
CA CYS B 449 -7.77 -30.23 12.84
C CYS B 449 -6.44 -30.70 12.29
N SER B 450 -6.51 -31.37 11.15
CA SER B 450 -5.35 -31.91 10.45
C SER B 450 -4.58 -30.77 9.74
N VAL B 451 -4.28 -30.97 8.46
CA VAL B 451 -3.69 -29.92 7.62
C VAL B 451 -4.74 -28.87 7.24
N ILE B 452 -6.02 -29.24 7.31
CA ILE B 452 -7.13 -28.37 6.92
C ILE B 452 -8.02 -27.96 8.12
N LEU B 453 -8.33 -26.67 8.17
CA LEU B 453 -9.25 -26.09 9.14
C LEU B 453 -10.71 -26.36 8.72
N LYS B 454 -11.30 -27.39 9.32
CA LYS B 454 -12.68 -27.80 9.00
C LYS B 454 -13.66 -27.29 10.05
N MET B 455 -14.87 -26.95 9.61
CA MET B 455 -15.97 -26.60 10.50
C MET B 455 -16.80 -27.85 10.84
N GLN B 456 -17.56 -27.78 11.92
CA GLN B 456 -18.50 -28.84 12.31
C GLN B 456 -19.58 -29.02 11.24
N PRO B 457 -19.99 -30.27 10.95
CA PRO B 457 -21.02 -30.54 9.94
C PRO B 457 -22.25 -29.64 10.12
N PHE B 458 -22.63 -28.95 9.05
CA PHE B 458 -23.76 -28.02 9.05
C PHE B 458 -24.58 -28.13 7.77
N GLN B 459 -25.80 -27.59 7.81
CA GLN B 459 -26.67 -27.55 6.64
C GLN B 459 -27.14 -26.11 6.40
N VAL B 460 -27.49 -25.81 5.14
CA VAL B 460 -27.85 -24.44 4.75
C VAL B 460 -29.07 -24.43 3.82
N ARG B 461 -29.79 -23.31 3.82
CA ARG B 461 -30.98 -23.13 3.01
C ARG B 461 -30.72 -22.11 1.90
N LEU B 462 -30.74 -22.59 0.65
CA LEU B 462 -30.58 -21.74 -0.53
C LEU B 462 -31.92 -21.48 -1.20
N GLN B 463 -32.51 -20.34 -0.85
CA GLN B 463 -33.81 -19.93 -1.39
C GLN B 463 -33.62 -18.79 -2.41
N PRO B 464 -34.14 -18.99 -3.66
CA PRO B 464 -33.93 -18.07 -4.79
C PRO B 464 -34.42 -16.63 -4.55
N ARG B 465 -33.51 -15.67 -4.72
CA ARG B 465 -33.79 -14.22 -4.65
C ARG B 465 -32.69 -13.41 -5.32
N LYS C 10 34.82 -2.40 7.35
CA LYS C 10 34.03 -3.52 6.74
C LYS C 10 33.26 -3.06 5.49
N LEU C 11 33.97 -3.05 4.36
CA LEU C 11 33.44 -2.62 3.06
C LEU C 11 32.60 -3.73 2.38
N PRO C 12 31.73 -3.37 1.40
CA PRO C 12 31.05 -4.41 0.60
C PRO C 12 32.06 -5.26 -0.18
N PRO C 13 31.78 -6.58 -0.34
CA PRO C 13 32.75 -7.50 -0.96
C PRO C 13 33.20 -7.08 -2.36
N LEU C 14 34.49 -7.23 -2.63
CA LEU C 14 35.09 -6.80 -3.89
C LEU C 14 34.98 -7.90 -4.94
N ALA C 15 34.31 -7.58 -6.04
CA ALA C 15 34.28 -8.44 -7.22
C ALA C 15 35.56 -8.24 -8.03
N PRO C 16 36.25 -9.35 -8.38
CA PRO C 16 37.52 -9.26 -9.12
C PRO C 16 37.33 -8.87 -10.59
N GLY C 17 38.39 -8.34 -11.19
CA GLY C 17 38.38 -7.95 -12.59
C GLY C 17 38.19 -6.46 -12.81
N PHE C 18 38.52 -6.03 -14.02
CA PHE C 18 38.39 -4.65 -14.47
C PHE C 18 37.79 -4.60 -15.89
N LEU C 19 37.38 -3.40 -16.31
CA LEU C 19 36.68 -3.17 -17.59
C LEU C 19 35.38 -3.99 -17.74
N HIS C 20 34.56 -3.96 -16.69
CA HIS C 20 33.23 -4.58 -16.71
C HIS C 20 32.24 -3.80 -17.59
N LEU C 21 32.66 -2.61 -18.02
CA LEU C 21 31.87 -1.74 -18.92
C LEU C 21 31.76 -2.30 -20.34
N LEU C 22 32.75 -3.07 -20.75
CA LEU C 22 32.77 -3.72 -22.06
C LEU C 22 31.80 -4.91 -22.15
N GLN C 23 31.23 -5.30 -21.02
CA GLN C 23 30.20 -6.34 -20.97
C GLN C 23 28.95 -5.90 -21.72
N PRO C 24 28.43 -6.75 -22.63
CA PRO C 24 27.11 -6.47 -23.21
C PRO C 24 26.03 -6.75 -22.17
N ASP C 25 25.00 -5.89 -22.15
CA ASP C 25 23.97 -5.88 -21.11
C ASP C 25 24.59 -5.73 -19.71
N LEU C 26 25.24 -4.60 -19.51
CA LEU C 26 25.90 -4.24 -18.25
C LEU C 26 25.02 -4.50 -17.00
N PRO C 27 23.75 -3.98 -16.99
CA PRO C 27 22.87 -4.22 -15.83
C PRO C 27 22.54 -5.71 -15.57
N ILE C 28 22.37 -6.50 -16.62
CA ILE C 28 22.06 -7.93 -16.49
C ILE C 28 23.31 -8.72 -16.08
N TYR C 29 24.47 -8.31 -16.58
CA TYR C 29 25.76 -8.84 -16.11
C TYR C 29 25.95 -8.58 -14.61
N LEU C 30 25.68 -7.34 -14.19
CA LEU C 30 25.79 -6.90 -12.79
C LEU C 30 24.85 -7.64 -11.85
N LEU C 31 23.64 -7.92 -12.32
CA LEU C 31 22.69 -8.75 -11.57
C LEU C 31 23.21 -10.17 -11.37
N GLY C 32 23.89 -10.70 -12.39
CA GLY C 32 24.53 -12.02 -12.34
C GLY C 32 25.56 -12.17 -11.24
N LEU C 33 26.26 -11.08 -10.94
CA LEU C 33 27.28 -11.05 -9.89
C LEU C 33 26.73 -11.10 -8.46
N THR C 34 25.41 -10.90 -8.30
CA THR C 34 24.75 -10.97 -6.98
C THR C 34 24.67 -12.40 -6.46
N GLN C 35 24.64 -13.36 -7.39
CA GLN C 35 24.66 -14.80 -7.09
C GLN C 35 25.88 -15.17 -6.23
N LYS C 36 27.03 -14.60 -6.56
CA LYS C 36 28.26 -14.84 -5.82
C LYS C 36 28.51 -13.87 -4.66
N PHE C 37 28.06 -12.62 -4.81
CA PHE C 37 28.49 -11.51 -3.93
C PHE C 37 27.40 -10.74 -3.16
N GLY C 38 26.13 -11.11 -3.36
CA GLY C 38 25.00 -10.42 -2.73
C GLY C 38 24.53 -9.18 -3.48
N PRO C 39 23.48 -8.50 -2.97
CA PRO C 39 22.92 -7.33 -3.67
C PRO C 39 23.82 -6.07 -3.65
N ILE C 40 24.79 -6.04 -2.75
CA ILE C 40 25.72 -4.91 -2.62
C ILE C 40 27.18 -5.37 -2.62
N TYR C 41 27.90 -4.96 -3.66
CA TYR C 41 29.32 -5.31 -3.85
C TYR C 41 30.07 -4.14 -4.49
N ARG C 42 31.40 -4.17 -4.37
CA ARG C 42 32.28 -3.24 -5.09
C ARG C 42 32.84 -3.93 -6.33
N LEU C 43 33.02 -3.15 -7.40
CA LEU C 43 33.74 -3.60 -8.60
C LEU C 43 34.31 -2.42 -9.40
N HIS C 44 35.36 -2.70 -10.17
CA HIS C 44 36.03 -1.68 -10.97
C HIS C 44 35.32 -1.45 -12.32
N LEU C 45 34.38 -0.52 -12.33
CA LEU C 45 33.84 0.00 -13.58
C LEU C 45 34.82 1.07 -14.06
N GLY C 46 35.46 0.80 -15.20
CA GLY C 46 36.56 1.62 -15.70
C GLY C 46 37.82 1.38 -14.87
N LEU C 47 38.28 2.42 -14.19
CA LEU C 47 39.48 2.36 -13.37
C LEU C 47 39.19 2.43 -11.87
N GLN C 48 38.22 3.26 -11.50
CA GLN C 48 37.86 3.50 -10.09
C GLN C 48 37.06 2.34 -9.48
N ASP C 49 37.26 2.15 -8.18
CA ASP C 49 36.45 1.26 -7.35
C ASP C 49 35.09 1.91 -7.08
N VAL C 50 34.01 1.18 -7.40
CA VAL C 50 32.64 1.69 -7.34
C VAL C 50 31.70 0.62 -6.76
N VAL C 51 30.81 1.01 -5.83
CA VAL C 51 29.80 0.08 -5.29
C VAL C 51 28.50 0.06 -6.13
N VAL C 52 27.91 -1.13 -6.26
CA VAL C 52 26.69 -1.32 -7.07
C VAL C 52 25.59 -1.93 -6.20
N LEU C 53 24.40 -1.32 -6.30
CA LEU C 53 23.20 -1.80 -5.63
C LEU C 53 22.28 -2.47 -6.66
N ASN C 54 21.84 -3.68 -6.36
CA ASN C 54 21.05 -4.49 -7.30
C ASN C 54 19.68 -4.95 -6.77
N SER C 55 19.18 -4.31 -5.72
CA SER C 55 17.89 -4.67 -5.12
C SER C 55 17.13 -3.44 -4.63
N LYS C 56 15.80 -3.54 -4.66
CA LYS C 56 14.89 -2.52 -4.12
C LYS C 56 15.24 -2.14 -2.67
N ARG C 57 15.54 -3.14 -1.84
CA ARG C 57 15.92 -2.95 -0.44
C ARG C 57 17.18 -2.10 -0.29
N THR C 58 18.27 -2.51 -0.93
CA THR C 58 19.53 -1.77 -0.91
C THR C 58 19.41 -0.34 -1.47
N ILE C 59 18.68 -0.20 -2.59
CA ILE C 59 18.46 1.13 -3.22
C ILE C 59 17.61 2.05 -2.33
N GLU C 60 16.53 1.50 -1.76
CA GLU C 60 15.65 2.28 -0.87
C GLU C 60 16.30 2.62 0.46
N GLU C 61 17.16 1.73 0.96
CA GLU C 61 17.94 2.02 2.17
C GLU C 61 18.89 3.20 1.96
N ALA C 62 19.59 3.19 0.82
CA ALA C 62 20.51 4.27 0.46
C ALA C 62 19.81 5.59 0.13
N MET C 63 18.85 5.54 -0.79
CA MET C 63 18.24 6.77 -1.33
C MET C 63 17.09 7.37 -0.50
N VAL C 64 16.29 6.51 0.15
CA VAL C 64 15.14 6.99 0.94
C VAL C 64 15.48 7.09 2.44
N LYS C 65 15.96 6.00 3.04
CA LYS C 65 16.25 5.97 4.49
C LYS C 65 17.44 6.87 4.85
N LYS C 66 18.58 6.65 4.20
CA LYS C 66 19.75 7.52 4.37
C LYS C 66 19.76 8.64 3.33
N TRP C 67 18.71 9.47 3.37
CA TRP C 67 18.39 10.50 2.38
C TRP C 67 19.58 11.34 1.88
N ALA C 68 20.25 12.03 2.81
CA ALA C 68 21.33 12.95 2.45
C ALA C 68 22.64 12.24 2.15
N ASP C 69 22.80 11.03 2.71
CA ASP C 69 24.06 10.28 2.69
C ASP C 69 24.57 9.92 1.29
N PHE C 70 23.66 9.67 0.36
CA PHE C 70 24.00 9.19 -0.98
C PHE C 70 23.39 10.05 -2.10
N ALA C 71 22.95 11.25 -1.73
CA ALA C 71 22.28 12.20 -2.63
C ALA C 71 23.23 12.98 -3.57
N GLY C 72 24.53 12.76 -3.46
CA GLY C 72 25.52 13.52 -4.23
C GLY C 72 25.73 13.05 -5.66
N ARG C 73 26.55 13.81 -6.39
CA ARG C 73 26.99 13.45 -7.74
C ARG C 73 28.51 13.50 -7.82
N PRO C 74 29.12 12.64 -8.66
CA PRO C 74 30.55 12.81 -8.94
C PRO C 74 30.76 13.95 -9.94
N GLU C 75 32.03 14.27 -10.23
CA GLU C 75 32.35 15.29 -11.22
C GLU C 75 33.50 14.91 -12.15
N PRO C 76 33.26 13.98 -13.10
CA PRO C 76 34.27 13.76 -14.14
C PRO C 76 34.22 14.88 -15.19
N LEU C 77 35.16 14.86 -16.15
CA LEU C 77 35.36 15.97 -17.10
C LEU C 77 34.12 16.41 -17.90
N THR C 78 33.32 15.44 -18.37
CA THR C 78 32.15 15.76 -19.22
C THR C 78 31.05 16.51 -18.48
N TYR C 79 30.94 16.25 -17.17
CA TYR C 79 30.02 16.98 -16.29
C TYR C 79 30.40 18.46 -16.26
N LYS C 80 31.70 18.71 -16.17
CA LYS C 80 32.27 20.06 -16.27
C LYS C 80 32.14 20.64 -17.70
N LEU C 81 32.43 19.82 -18.71
CA LEU C 81 32.36 20.23 -20.13
C LEU C 81 30.97 20.68 -20.60
N VAL C 82 29.92 20.08 -20.03
CA VAL C 82 28.54 20.44 -20.38
C VAL C 82 28.01 21.64 -19.57
N SER C 83 28.72 21.99 -18.50
CA SER C 83 28.30 23.06 -17.59
C SER C 83 29.46 23.94 -17.11
N ARG C 84 30.23 24.46 -18.08
CA ARG C 84 31.37 25.34 -17.81
C ARG C 84 30.96 26.71 -17.31
N ASN C 85 29.88 27.23 -17.90
CA ASN C 85 29.36 28.56 -17.59
C ASN C 85 28.43 28.56 -16.37
N TYR C 86 27.47 27.64 -16.37
CA TYR C 86 26.38 27.65 -15.39
C TYR C 86 26.28 26.30 -14.67
N PRO C 87 25.85 26.31 -13.38
CA PRO C 87 25.66 25.05 -12.64
C PRO C 87 24.47 24.23 -13.14
N ASP C 88 24.70 22.93 -13.33
CA ASP C 88 23.67 21.99 -13.79
C ASP C 88 22.91 21.37 -12.60
N LEU C 89 21.68 20.95 -12.86
CA LEU C 89 20.85 20.29 -11.85
C LEU C 89 21.10 18.77 -11.78
N SER C 90 20.99 18.09 -12.92
CA SER C 90 21.12 16.63 -12.98
C SER C 90 22.52 16.15 -12.61
N LEU C 91 23.53 16.98 -12.90
CA LEU C 91 24.93 16.65 -12.66
C LEU C 91 25.56 17.49 -11.54
N GLY C 92 24.73 18.27 -10.88
CA GLY C 92 25.14 19.08 -9.74
C GLY C 92 25.14 18.29 -8.45
N ASP C 93 26.19 18.51 -7.66
CA ASP C 93 26.38 17.88 -6.35
C ASP C 93 25.30 18.32 -5.36
N TYR C 94 25.04 17.47 -4.38
CA TYR C 94 24.08 17.76 -3.32
C TYR C 94 24.58 18.89 -2.42
N SER C 95 23.88 20.03 -2.51
CA SER C 95 24.13 21.20 -1.67
C SER C 95 22.78 21.86 -1.39
N LEU C 96 22.77 22.84 -0.48
CA LEU C 96 21.55 23.62 -0.21
C LEU C 96 21.12 24.48 -1.41
N LEU C 97 22.11 25.03 -2.12
CA LEU C 97 21.89 25.78 -3.36
C LEU C 97 21.28 24.90 -4.45
N TRP C 98 21.78 23.67 -4.57
CA TRP C 98 21.21 22.67 -5.48
C TRP C 98 19.77 22.29 -5.10
N LYS C 99 19.49 22.15 -3.80
CA LYS C 99 18.16 21.77 -3.29
C LYS C 99 17.11 22.77 -3.70
N ALA C 100 17.44 24.06 -3.52
CA ALA C 100 16.62 25.18 -3.97
C ALA C 100 16.48 25.21 -5.50
N HIS C 101 17.56 24.84 -6.20
CA HIS C 101 17.57 24.73 -7.67
C HIS C 101 16.51 23.74 -8.15
N LYS C 102 16.54 22.51 -7.61
CA LYS C 102 15.56 21.47 -7.96
C LYS C 102 14.12 21.84 -7.57
N LYS C 103 13.96 22.48 -6.41
CA LYS C 103 12.67 22.93 -5.90
C LYS C 103 11.94 23.89 -6.88
N LEU C 104 12.70 24.82 -7.48
CA LEU C 104 12.14 25.82 -8.40
C LEU C 104 11.62 25.21 -9.70
N THR C 105 12.46 24.42 -10.37
CA THR C 105 12.09 23.73 -11.61
C THR C 105 11.06 22.62 -11.39
N ARG C 106 11.12 21.98 -10.21
CA ARG C 106 10.07 21.04 -9.77
C ARG C 106 8.73 21.77 -9.60
N SER C 107 8.77 22.98 -9.07
CA SER C 107 7.58 23.84 -8.95
C SER C 107 7.12 24.40 -10.30
N ALA C 108 8.07 24.59 -11.22
CA ALA C 108 7.78 25.08 -12.56
C ALA C 108 6.99 24.07 -13.38
N LEU C 109 7.35 22.79 -13.24
CA LEU C 109 6.65 21.69 -13.91
C LEU C 109 5.29 21.40 -13.27
N LEU C 110 5.21 21.57 -11.94
CA LEU C 110 3.99 21.23 -11.20
C LEU C 110 2.97 22.36 -11.07
N LEU C 111 3.43 23.54 -10.66
CA LEU C 111 2.54 24.69 -10.42
C LEU C 111 2.52 25.66 -11.59
N GLY C 112 3.68 25.83 -12.24
CA GLY C 112 3.83 26.74 -13.38
C GLY C 112 2.98 26.37 -14.59
N ILE C 113 3.05 25.11 -14.98
CA ILE C 113 2.28 24.61 -16.13
C ILE C 113 1.12 23.68 -15.71
N ARG C 114 0.65 23.85 -14.48
CA ARG C 114 -0.47 23.07 -13.90
C ARG C 114 -1.70 23.00 -14.81
N ASP C 115 -2.13 24.16 -15.30
CA ASP C 115 -3.35 24.28 -16.11
C ASP C 115 -3.16 23.89 -17.58
N SER C 116 -1.92 24.00 -18.07
CA SER C 116 -1.61 23.84 -19.50
C SER C 116 -0.98 22.51 -19.89
N MET C 117 -0.34 21.83 -18.94
CA MET C 117 0.35 20.55 -19.18
C MET C 117 -0.56 19.50 -19.83
N GLU C 118 -1.77 19.32 -19.28
CA GLU C 118 -2.77 18.41 -19.85
C GLU C 118 -3.18 18.73 -21.31
N PRO C 119 -3.67 19.97 -21.59
CA PRO C 119 -4.03 20.31 -22.99
C PRO C 119 -2.89 20.23 -24.02
N VAL C 120 -1.67 20.65 -23.64
CA VAL C 120 -0.52 20.66 -24.57
C VAL C 120 -0.12 19.24 -25.01
N VAL C 121 -0.10 18.31 -24.06
CA VAL C 121 0.14 16.89 -24.36
C VAL C 121 -0.97 16.37 -25.29
N GLU C 122 -2.24 16.56 -24.88
CA GLU C 122 -3.42 16.13 -25.64
C GLU C 122 -3.45 16.64 -27.08
N GLN C 123 -3.16 17.94 -27.26
CA GLN C 123 -3.13 18.60 -28.57
C GLN C 123 -2.07 18.00 -29.50
N LEU C 124 -0.88 17.77 -28.96
CA LEU C 124 0.25 17.26 -29.73
C LEU C 124 0.14 15.80 -30.15
N THR C 125 -0.39 14.95 -29.28
CA THR C 125 -0.69 13.56 -29.65
C THR C 125 -1.94 13.43 -30.55
N GLN C 126 -2.84 14.42 -30.48
CA GLN C 126 -3.97 14.51 -31.40
C GLN C 126 -3.50 14.76 -32.82
N GLU C 127 -2.53 15.67 -32.96
CA GLU C 127 -1.84 15.91 -34.22
C GLU C 127 -1.05 14.68 -34.71
N PHE C 128 -0.45 13.96 -33.76
CA PHE C 128 0.25 12.69 -34.03
C PHE C 128 -0.68 11.64 -34.63
N CYS C 129 -1.87 11.48 -34.04
CA CYS C 129 -2.85 10.49 -34.48
C CYS C 129 -3.50 10.79 -35.83
N GLU C 130 -3.69 12.09 -36.12
CA GLU C 130 -4.20 12.54 -37.42
C GLU C 130 -3.23 12.24 -38.54
N ARG C 131 -1.94 12.47 -38.27
CA ARG C 131 -0.83 12.18 -39.18
C ARG C 131 -0.72 10.67 -39.43
N MET C 132 -1.06 9.90 -38.41
CA MET C 132 -1.07 8.44 -38.49
C MET C 132 -2.29 7.89 -39.23
N ARG C 133 -3.42 8.58 -39.08
CA ARG C 133 -4.66 8.22 -39.79
C ARG C 133 -4.51 8.41 -41.31
N ALA C 134 -3.72 9.41 -41.70
CA ALA C 134 -3.45 9.73 -43.11
C ALA C 134 -2.79 8.61 -43.92
N GLN C 135 -2.04 7.74 -43.23
CA GLN C 135 -1.34 6.61 -43.86
C GLN C 135 -1.71 5.24 -43.22
N PRO C 136 -2.89 4.68 -43.57
CA PRO C 136 -3.36 3.42 -42.96
C PRO C 136 -2.57 2.18 -43.40
N GLY C 137 -2.20 2.13 -44.68
CA GLY C 137 -1.49 0.99 -45.26
C GLY C 137 0.02 1.09 -45.29
N THR C 138 0.56 2.17 -44.73
CA THR C 138 2.00 2.45 -44.72
C THR C 138 2.64 2.05 -43.38
N PRO C 139 3.76 1.29 -43.41
CA PRO C 139 4.56 1.07 -42.20
C PRO C 139 5.20 2.38 -41.74
N VAL C 140 5.33 2.53 -40.41
CA VAL C 140 5.80 3.78 -39.82
C VAL C 140 7.03 3.57 -38.96
N ALA C 141 8.04 4.42 -39.16
CA ALA C 141 9.21 4.51 -38.27
C ALA C 141 8.81 5.19 -36.96
N ILE C 142 8.23 4.40 -36.06
CA ILE C 142 7.54 4.87 -34.86
C ILE C 142 8.45 5.47 -33.77
N GLU C 143 9.71 5.02 -33.72
CA GLU C 143 10.71 5.54 -32.79
C GLU C 143 10.92 7.05 -32.97
N GLU C 144 11.16 7.45 -34.21
CA GLU C 144 11.35 8.84 -34.61
C GLU C 144 10.10 9.69 -34.32
N GLU C 145 8.92 9.11 -34.56
CA GLU C 145 7.63 9.78 -34.35
C GLU C 145 7.32 10.03 -32.87
N PHE C 146 7.72 9.10 -32.00
CA PHE C 146 7.63 9.29 -30.55
C PHE C 146 8.65 10.32 -30.05
N SER C 147 9.82 10.35 -30.71
CA SER C 147 10.89 11.30 -30.40
C SER C 147 10.51 12.73 -30.73
N LEU C 148 9.86 12.94 -31.87
CA LEU C 148 9.36 14.26 -32.27
C LEU C 148 8.28 14.72 -31.31
N LEU C 149 7.37 13.80 -30.94
CA LEU C 149 6.23 14.09 -30.06
C LEU C 149 6.65 14.58 -28.66
N THR C 150 7.44 13.77 -27.96
CA THR C 150 7.86 14.05 -26.59
C THR C 150 8.84 15.24 -26.51
N CYS C 151 9.59 15.45 -27.60
CA CYS C 151 10.46 16.62 -27.75
C CYS C 151 9.66 17.90 -27.96
N SER C 152 8.61 17.81 -28.79
CA SER C 152 7.67 18.91 -28.99
C SER C 152 6.99 19.26 -27.67
N ILE C 153 6.43 18.25 -27.00
CA ILE C 153 5.77 18.40 -25.68
C ILE C 153 6.64 19.20 -24.72
N ILE C 154 7.89 18.77 -24.51
CA ILE C 154 8.79 19.44 -23.56
C ILE C 154 9.22 20.84 -24.01
N CYS C 155 9.35 21.05 -25.31
CA CYS C 155 9.67 22.37 -25.85
C CYS C 155 8.53 23.39 -25.69
N TYR C 156 7.28 22.95 -25.92
CA TYR C 156 6.10 23.80 -25.75
C TYR C 156 5.88 24.18 -24.28
N LEU C 157 6.07 23.21 -23.40
CA LEU C 157 5.88 23.41 -21.96
C LEU C 157 7.00 24.25 -21.35
N THR C 158 8.21 24.17 -21.93
CA THR C 158 9.34 24.96 -21.47
C THR C 158 9.38 26.36 -22.11
N PHE C 159 9.11 26.44 -23.40
CA PHE C 159 9.28 27.69 -24.17
C PHE C 159 7.99 28.38 -24.63
N GLY C 160 6.88 27.65 -24.72
CA GLY C 160 5.60 28.25 -25.08
C GLY C 160 5.25 28.22 -26.56
N ASP C 161 4.46 29.21 -26.98
CA ASP C 161 3.88 29.29 -28.34
C ASP C 161 4.87 29.59 -29.47
N LYS C 162 5.98 30.24 -29.14
CA LYS C 162 6.98 30.69 -30.11
C LYS C 162 7.61 29.56 -30.95
N ILE C 163 7.48 28.32 -30.46
CA ILE C 163 7.97 27.12 -31.14
C ILE C 163 7.20 26.83 -32.43
N LYS C 164 5.87 26.80 -32.35
CA LYS C 164 5.02 26.72 -33.55
C LYS C 164 4.49 28.10 -33.87
N ASP C 165 5.36 28.88 -34.50
CA ASP C 165 5.15 30.30 -34.78
C ASP C 165 6.33 30.72 -35.65
N ASP C 166 7.53 30.43 -35.16
CA ASP C 166 8.78 30.61 -35.89
C ASP C 166 9.24 29.30 -36.53
N ASN C 167 8.40 28.26 -36.43
CA ASN C 167 8.67 26.91 -36.95
C ASN C 167 10.01 26.35 -36.44
N LEU C 168 10.12 26.31 -35.11
CA LEU C 168 11.41 26.02 -34.43
C LEU C 168 11.69 24.55 -34.13
N MET C 169 10.67 23.70 -34.26
CA MET C 169 10.81 22.25 -33.99
C MET C 169 11.86 21.48 -34.80
N PRO C 170 12.06 21.81 -36.11
CA PRO C 170 13.13 21.11 -36.82
C PRO C 170 14.56 21.43 -36.36
N ALA C 171 14.82 22.68 -35.96
CA ALA C 171 16.15 23.07 -35.46
C ALA C 171 16.40 22.62 -34.02
N TYR C 172 15.33 22.60 -33.22
CA TYR C 172 15.44 22.26 -31.80
C TYR C 172 15.58 20.76 -31.56
N TYR C 173 14.80 19.98 -32.31
CA TYR C 173 14.86 18.52 -32.27
C TYR C 173 16.21 17.99 -32.73
N LYS C 174 16.70 18.51 -33.85
CA LYS C 174 18.03 18.17 -34.40
C LYS C 174 19.14 18.48 -33.40
N CYS C 175 19.02 19.64 -32.74
CA CYS C 175 19.96 20.07 -31.70
C CYS C 175 19.92 19.18 -30.46
N ILE C 176 18.71 18.98 -29.90
CA ILE C 176 18.50 18.13 -28.70
C ILE C 176 19.03 16.69 -28.89
N GLN C 177 18.75 16.12 -30.06
CA GLN C 177 19.20 14.75 -30.38
C GLN C 177 20.72 14.61 -30.48
N GLU C 178 21.35 15.51 -31.26
CA GLU C 178 22.81 15.60 -31.38
C GLU C 178 23.54 15.71 -30.05
N VAL C 179 22.99 16.51 -29.14
CA VAL C 179 23.54 16.72 -27.80
C VAL C 179 23.64 15.40 -27.01
N LEU C 180 22.55 14.63 -26.97
CA LEU C 180 22.56 13.31 -26.30
C LEU C 180 23.37 12.26 -27.06
N LYS C 181 23.26 12.26 -28.39
CA LYS C 181 23.98 11.32 -29.26
C LYS C 181 25.50 11.40 -29.07
N THR C 182 26.03 12.64 -29.06
CA THR C 182 27.46 12.87 -28.83
C THR C 182 27.84 12.48 -27.41
N TRP C 183 27.11 13.00 -26.42
CA TRP C 183 27.47 12.82 -25.01
C TRP C 183 27.55 11.36 -24.56
N SER C 184 26.54 10.57 -24.94
CA SER C 184 26.47 9.15 -24.57
C SER C 184 27.35 8.23 -25.43
N HIS C 185 28.01 8.81 -26.45
CA HIS C 185 28.94 8.07 -27.31
C HIS C 185 30.22 7.73 -26.53
N TRP C 186 30.75 6.55 -26.80
CA TRP C 186 31.92 6.00 -26.09
C TRP C 186 33.15 6.90 -26.15
N SER C 187 33.34 7.61 -27.26
CA SER C 187 34.48 8.52 -27.44
C SER C 187 34.46 9.71 -26.46
N ILE C 188 33.27 10.00 -25.92
CA ILE C 188 33.09 11.06 -24.93
C ILE C 188 33.02 10.46 -23.52
N GLN C 189 32.36 9.33 -23.38
CA GLN C 189 32.23 8.64 -22.09
C GLN C 189 33.54 8.02 -21.60
N ILE C 190 34.43 7.68 -22.54
CA ILE C 190 35.74 7.07 -22.24
C ILE C 190 36.65 7.98 -21.40
N VAL C 191 36.43 9.29 -21.52
CA VAL C 191 37.22 10.31 -20.83
C VAL C 191 36.87 10.35 -19.34
N ASP C 192 35.58 10.14 -19.03
CA ASP C 192 35.08 10.07 -17.65
C ASP C 192 35.61 8.88 -16.84
N VAL C 193 35.88 7.77 -17.53
CA VAL C 193 36.33 6.54 -16.89
C VAL C 193 37.85 6.37 -16.93
N ILE C 194 38.47 6.72 -18.05
CA ILE C 194 39.93 6.77 -18.21
C ILE C 194 40.33 8.24 -18.37
N PRO C 195 40.58 8.94 -17.24
CA PRO C 195 40.71 10.40 -17.20
C PRO C 195 41.84 11.01 -18.04
N PHE C 196 42.96 10.29 -18.18
CA PHE C 196 44.13 10.83 -18.89
C PHE C 196 43.95 10.95 -20.41
N LEU C 197 42.87 10.36 -20.93
CA LEU C 197 42.50 10.45 -22.35
C LEU C 197 42.03 11.85 -22.77
N ARG C 198 41.89 12.75 -21.79
CA ARG C 198 41.60 14.17 -22.04
C ARG C 198 42.75 14.89 -22.75
N PHE C 199 43.96 14.37 -22.60
CA PHE C 199 45.16 14.88 -23.25
C PHE C 199 45.40 14.24 -24.62
N PHE C 200 44.68 13.15 -24.89
CA PHE C 200 44.67 12.51 -26.21
C PHE C 200 43.66 13.21 -27.10
N PRO C 201 44.05 13.50 -28.38
CA PRO C 201 43.14 14.10 -29.37
C PRO C 201 41.83 13.31 -29.49
N ASN C 202 40.72 14.03 -29.53
CA ASN C 202 39.40 13.40 -29.48
C ASN C 202 38.39 14.07 -30.40
N PRO C 203 38.24 13.56 -31.65
CA PRO C 203 37.03 13.85 -32.42
C PRO C 203 35.86 13.17 -31.71
N GLY C 204 34.92 13.98 -31.24
CA GLY C 204 33.91 13.56 -30.29
C GLY C 204 33.75 14.68 -29.28
N LEU C 205 34.82 14.99 -28.55
CA LEU C 205 34.84 16.15 -27.65
C LEU C 205 34.65 17.48 -28.39
N ARG C 206 35.13 17.55 -29.62
CA ARG C 206 34.92 18.72 -30.50
C ARG C 206 33.51 18.71 -31.08
N ARG C 207 33.01 17.52 -31.41
CA ARG C 207 31.63 17.30 -31.84
C ARG C 207 30.64 17.62 -30.71
N LEU C 208 31.09 17.41 -29.46
CA LEU C 208 30.32 17.76 -28.27
C LEU C 208 30.22 19.26 -28.04
N LYS C 209 31.38 19.94 -28.04
CA LYS C 209 31.46 21.39 -27.80
C LYS C 209 30.63 22.21 -28.79
N GLN C 210 30.56 21.75 -30.03
CA GLN C 210 29.72 22.34 -31.07
C GLN C 210 28.24 22.19 -30.76
N ALA C 211 27.86 21.02 -30.23
CA ALA C 211 26.49 20.75 -29.80
C ALA C 211 26.12 21.54 -28.53
N ILE C 212 27.09 21.70 -27.62
CA ILE C 212 26.94 22.54 -26.42
C ILE C 212 26.70 24.00 -26.83
N GLU C 213 27.54 24.48 -27.75
CA GLU C 213 27.42 25.81 -28.35
C GLU C 213 26.03 26.03 -28.97
N LYS C 214 25.57 25.07 -29.78
CA LYS C 214 24.27 25.13 -30.43
C LYS C 214 23.09 25.08 -29.45
N ARG C 215 23.16 24.21 -28.44
CA ARG C 215 22.12 24.14 -27.40
C ARG C 215 22.10 25.39 -26.51
N ASP C 216 23.27 25.95 -26.23
CA ASP C 216 23.40 27.18 -25.45
C ASP C 216 22.84 28.40 -26.17
N HIS C 217 23.01 28.45 -27.49
CA HIS C 217 22.42 29.52 -28.32
C HIS C 217 20.88 29.43 -28.37
N ILE C 218 20.36 28.21 -28.39
CA ILE C 218 18.91 27.98 -28.40
C ILE C 218 18.23 28.42 -27.10
N VAL C 219 18.79 27.99 -25.96
CA VAL C 219 18.26 28.31 -24.63
C VAL C 219 18.40 29.81 -24.31
N GLU C 220 19.56 30.39 -24.66
CA GLU C 220 19.88 31.80 -24.38
C GLU C 220 18.97 32.78 -25.13
N MET C 221 18.73 32.52 -26.42
CA MET C 221 17.82 33.32 -27.25
C MET C 221 16.39 33.24 -26.72
N GLN C 222 16.00 32.05 -26.28
CA GLN C 222 14.71 31.80 -25.68
C GLN C 222 14.57 32.52 -24.33
N LEU C 223 15.67 32.52 -23.56
CA LEU C 223 15.74 33.20 -22.27
C LEU C 223 15.49 34.70 -22.38
N ARG C 224 16.20 35.33 -23.32
CA ARG C 224 16.04 36.76 -23.63
C ARG C 224 14.63 37.12 -24.08
N GLN C 225 14.08 36.31 -25.02
CA GLN C 225 12.74 36.50 -25.56
C GLN C 225 11.63 36.43 -24.51
N HIS C 226 11.81 35.59 -23.50
CA HIS C 226 10.89 35.48 -22.37
C HIS C 226 10.99 36.68 -21.45
N LYS C 227 12.22 37.01 -21.03
CA LYS C 227 12.52 38.16 -20.15
C LYS C 227 11.94 39.49 -20.62
N GLU C 228 12.05 39.74 -21.93
CA GLU C 228 11.56 40.98 -22.54
C GLU C 228 10.03 41.08 -22.62
N SER C 229 9.35 39.93 -22.71
CA SER C 229 7.89 39.88 -22.83
C SER C 229 7.16 39.52 -21.53
N LEU C 230 7.94 39.20 -20.49
CA LEU C 230 7.45 38.70 -19.20
C LEU C 230 6.61 39.70 -18.39
N VAL C 231 5.60 39.17 -17.71
CA VAL C 231 4.78 39.93 -16.76
C VAL C 231 4.96 39.31 -15.37
N ALA C 232 5.25 40.15 -14.38
CA ALA C 232 5.69 39.73 -13.02
C ALA C 232 4.73 38.84 -12.22
N GLY C 233 3.45 38.84 -12.59
CA GLY C 233 2.46 37.95 -11.97
C GLY C 233 2.08 36.73 -12.79
N GLN C 234 2.26 36.84 -14.12
CA GLN C 234 1.78 35.84 -15.08
C GLN C 234 2.89 34.91 -15.57
N TRP C 235 2.55 33.64 -15.81
CA TRP C 235 3.48 32.70 -16.44
C TRP C 235 2.82 31.82 -17.51
N ARG C 236 3.33 31.95 -18.73
CA ARG C 236 2.81 31.25 -19.90
C ARG C 236 3.34 29.82 -19.99
N ASP C 237 4.58 29.64 -19.54
CA ASP C 237 5.28 28.35 -19.58
C ASP C 237 6.26 28.23 -18.41
N MET C 238 7.15 27.23 -18.49
CA MET C 238 8.09 26.92 -17.41
C MET C 238 9.24 27.90 -17.25
N MET C 239 9.73 28.47 -18.36
CA MET C 239 10.78 29.49 -18.31
C MET C 239 10.29 30.80 -17.68
N ASP C 240 9.03 31.15 -17.97
CA ASP C 240 8.36 32.29 -17.32
C ASP C 240 8.36 32.16 -15.79
N TYR C 241 7.99 30.97 -15.30
CA TYR C 241 7.93 30.68 -13.87
C TYR C 241 9.32 30.70 -13.21
N MET C 242 10.31 30.12 -13.88
CA MET C 242 11.67 29.99 -13.35
C MET C 242 12.43 31.31 -13.30
N LEU C 243 12.21 32.16 -14.30
CA LEU C 243 12.79 33.51 -14.36
C LEU C 243 12.28 34.41 -13.24
N GLN C 244 11.01 34.25 -12.89
CA GLN C 244 10.37 35.03 -11.83
C GLN C 244 10.82 34.65 -10.42
N GLY C 245 11.27 33.41 -10.25
CA GLY C 245 11.76 32.92 -8.95
C GLY C 245 13.27 32.99 -8.82
N VAL C 246 13.85 34.02 -9.44
CA VAL C 246 15.29 34.18 -9.56
C VAL C 246 15.70 35.65 -9.37
N ALA C 247 16.83 35.85 -8.68
CA ALA C 247 17.48 37.17 -8.45
C ALA C 247 16.57 38.21 -7.79
N GLY C 256 23.80 32.57 -1.00
CA GLY C 256 23.65 31.79 -2.22
C GLY C 256 22.29 31.94 -2.85
N GLN C 257 22.24 32.72 -3.93
CA GLN C 257 20.98 33.02 -4.65
C GLN C 257 20.89 32.25 -5.97
N LEU C 258 19.66 32.04 -6.44
CA LEU C 258 19.43 31.41 -7.73
C LEU C 258 19.49 32.45 -8.84
N LEU C 259 20.39 32.20 -9.79
CA LEU C 259 20.68 33.11 -10.90
C LEU C 259 19.93 32.70 -12.16
N GLU C 260 19.97 33.56 -13.18
CA GLU C 260 19.38 33.24 -14.49
C GLU C 260 20.11 32.08 -15.19
N GLY C 261 21.37 31.87 -14.82
CA GLY C 261 22.17 30.73 -15.26
C GLY C 261 21.62 29.39 -14.81
N HIS C 262 21.02 29.38 -13.61
CA HIS C 262 20.31 28.21 -13.08
C HIS C 262 19.12 27.81 -13.96
N VAL C 263 18.34 28.82 -14.39
CA VAL C 263 17.19 28.64 -15.29
C VAL C 263 17.65 28.04 -16.63
N HIS C 264 18.75 28.60 -17.15
CA HIS C 264 19.36 28.16 -18.40
C HIS C 264 19.62 26.64 -18.41
N MET C 265 20.23 26.14 -17.34
CA MET C 265 20.58 24.71 -17.24
C MET C 265 19.40 23.81 -16.90
N ALA C 266 18.44 24.34 -16.13
CA ALA C 266 17.22 23.62 -15.77
C ALA C 266 16.35 23.34 -16.99
N ALA C 267 16.38 24.27 -17.96
CA ALA C 267 15.74 24.08 -19.26
C ALA C 267 16.50 23.04 -20.08
N VAL C 268 17.84 23.11 -20.07
CA VAL C 268 18.71 22.11 -20.73
C VAL C 268 18.39 20.69 -20.25
N ASP C 269 18.23 20.54 -18.93
CA ASP C 269 17.87 19.26 -18.29
C ASP C 269 16.47 18.78 -18.62
N LEU C 270 15.54 19.73 -18.72
CA LEU C 270 14.16 19.46 -19.16
C LEU C 270 14.12 18.94 -20.59
N LEU C 271 14.75 19.69 -21.49
CA LEU C 271 14.76 19.37 -22.92
C LEU C 271 15.39 18.01 -23.21
N ILE C 272 16.67 17.85 -22.86
CA ILE C 272 17.43 16.64 -23.19
C ILE C 272 16.96 15.42 -22.37
N GLY C 273 16.58 15.66 -21.12
CA GLY C 273 16.07 14.62 -20.24
C GLY C 273 14.66 14.14 -20.55
N GLY C 274 13.88 15.01 -21.21
CA GLY C 274 12.47 14.75 -21.46
C GLY C 274 12.06 14.23 -22.83
N THR C 275 13.02 13.93 -23.71
CA THR C 275 12.68 13.42 -25.05
C THR C 275 12.91 11.92 -25.19
N GLU C 276 14.19 11.49 -25.24
CA GLU C 276 14.54 10.09 -25.52
C GLU C 276 14.06 9.10 -24.47
N THR C 277 13.95 9.57 -23.23
CA THR C 277 13.50 8.75 -22.10
C THR C 277 12.07 8.25 -22.27
N THR C 278 11.13 9.18 -22.38
CA THR C 278 9.71 8.85 -22.55
C THR C 278 9.38 8.27 -23.94
N ALA C 279 10.08 8.74 -24.97
CA ALA C 279 9.91 8.24 -26.35
C ALA C 279 10.27 6.77 -26.50
N ASN C 280 11.41 6.37 -25.92
CA ASN C 280 11.84 4.97 -25.93
C ASN C 280 10.92 4.07 -25.11
N THR C 281 10.46 4.59 -23.95
CA THR C 281 9.49 3.92 -23.10
C THR C 281 8.22 3.59 -23.90
N LEU C 282 7.74 4.57 -24.66
CA LEU C 282 6.59 4.40 -25.56
C LEU C 282 6.85 3.35 -26.63
N SER C 283 8.03 3.41 -27.26
CA SER C 283 8.46 2.43 -28.26
C SER C 283 8.51 1.01 -27.68
N TRP C 284 9.10 0.87 -26.49
CA TRP C 284 9.14 -0.41 -25.76
C TRP C 284 7.74 -1.00 -25.56
N ALA C 285 6.81 -0.17 -25.10
CA ALA C 285 5.40 -0.53 -24.94
C ALA C 285 4.79 -1.10 -26.23
N VAL C 286 5.09 -0.47 -27.37
CA VAL C 286 4.63 -0.93 -28.70
C VAL C 286 5.13 -2.36 -29.01
N VAL C 287 6.44 -2.59 -28.86
CA VAL C 287 7.06 -3.90 -29.12
C VAL C 287 6.48 -4.99 -28.21
N PHE C 288 6.30 -4.66 -26.93
CA PHE C 288 5.66 -5.54 -25.97
C PHE C 288 4.25 -5.94 -26.40
N LEU C 289 3.48 -4.95 -26.86
CA LEU C 289 2.14 -5.19 -27.40
C LEU C 289 2.17 -6.00 -28.70
N LEU C 290 3.25 -5.85 -29.48
CA LEU C 290 3.44 -6.66 -30.69
C LEU C 290 3.70 -8.13 -30.34
N HIS C 291 4.33 -8.38 -29.20
CA HIS C 291 4.54 -9.73 -28.66
C HIS C 291 3.35 -10.30 -27.88
N HIS C 292 2.46 -9.41 -27.43
CA HIS C 292 1.32 -9.78 -26.59
C HIS C 292 0.00 -9.19 -27.11
N PRO C 293 -0.54 -9.76 -28.23
CA PRO C 293 -1.80 -9.22 -28.77
C PRO C 293 -3.03 -9.51 -27.91
N GLU C 294 -2.93 -10.48 -26.99
CA GLU C 294 -3.96 -10.74 -25.99
C GLU C 294 -4.13 -9.54 -25.04
N ILE C 295 -3.00 -8.90 -24.72
CA ILE C 295 -2.94 -7.74 -23.82
C ILE C 295 -3.54 -6.51 -24.49
N GLN C 296 -3.15 -6.25 -25.74
CA GLN C 296 -3.70 -5.14 -26.54
C GLN C 296 -5.22 -5.20 -26.61
N GLN C 297 -5.76 -6.39 -26.91
CA GLN C 297 -7.20 -6.61 -27.03
C GLN C 297 -7.94 -6.34 -25.71
N ARG C 298 -7.35 -6.80 -24.60
CA ARG C 298 -7.89 -6.57 -23.26
C ARG C 298 -7.86 -5.08 -22.88
N LEU C 299 -6.79 -4.40 -23.29
CA LEU C 299 -6.66 -2.94 -23.11
C LEU C 299 -7.69 -2.18 -23.96
N GLN C 300 -7.95 -2.70 -25.15
CA GLN C 300 -8.92 -2.11 -26.09
C GLN C 300 -10.35 -2.27 -25.60
N GLU C 301 -10.66 -3.44 -25.04
CA GLU C 301 -11.96 -3.74 -24.42
C GLU C 301 -12.20 -2.84 -23.21
N GLU C 302 -11.15 -2.67 -22.39
CA GLU C 302 -11.16 -1.78 -21.23
C GLU C 302 -11.44 -0.34 -21.63
N LEU C 303 -10.78 0.11 -22.70
CA LEU C 303 -10.98 1.46 -23.25
C LEU C 303 -12.37 1.67 -23.84
N ASP C 304 -12.87 0.65 -24.55
CA ASP C 304 -14.21 0.67 -25.14
C ASP C 304 -15.33 0.78 -24.10
N HIS C 305 -15.11 0.17 -22.93
CA HIS C 305 -16.08 0.22 -21.84
C HIS C 305 -16.23 1.60 -21.18
N GLU C 306 -15.14 2.38 -21.14
CA GLU C 306 -15.19 3.73 -20.55
C GLU C 306 -15.63 4.77 -21.58
N SER C 314 -14.96 11.41 -26.29
CA SER C 314 -14.31 10.19 -26.77
C SER C 314 -12.83 10.08 -26.34
N ARG C 315 -12.46 10.78 -25.27
CA ARG C 315 -11.16 10.62 -24.63
C ARG C 315 -11.34 10.22 -23.16
N VAL C 316 -10.31 9.62 -22.58
CA VAL C 316 -10.26 9.41 -21.13
C VAL C 316 -9.30 10.45 -20.54
N PRO C 317 -9.81 11.33 -19.64
CA PRO C 317 -8.95 12.34 -19.00
C PRO C 317 -8.04 11.74 -17.94
N TYR C 318 -6.97 12.45 -17.59
CA TYR C 318 -5.94 11.94 -16.67
C TYR C 318 -6.40 11.87 -15.21
N LYS C 319 -7.40 12.67 -14.86
CA LYS C 319 -8.06 12.59 -13.56
C LYS C 319 -8.82 11.26 -13.38
N ASP C 320 -9.23 10.65 -14.50
CA ASP C 320 -9.96 9.38 -14.52
C ASP C 320 -9.05 8.14 -14.69
N ARG C 321 -7.81 8.24 -14.22
CA ARG C 321 -6.81 7.15 -14.24
C ARG C 321 -7.34 5.81 -13.76
N ALA C 322 -8.01 5.83 -12.60
CA ALA C 322 -8.55 4.65 -11.92
C ALA C 322 -9.45 3.78 -12.79
N ARG C 323 -10.21 4.43 -13.68
CA ARG C 323 -11.12 3.75 -14.61
C ARG C 323 -10.44 2.84 -15.64
N LEU C 324 -9.10 2.89 -15.73
CA LEU C 324 -8.33 1.99 -16.59
C LEU C 324 -7.21 1.25 -15.81
N PRO C 325 -7.59 0.28 -14.93
CA PRO C 325 -6.59 -0.39 -14.09
C PRO C 325 -5.54 -1.21 -14.84
N LEU C 326 -5.96 -1.96 -15.87
CA LEU C 326 -5.04 -2.81 -16.65
C LEU C 326 -4.07 -2.00 -17.49
N LEU C 327 -4.51 -0.81 -17.93
CA LEU C 327 -3.68 0.15 -18.66
C LEU C 327 -2.51 0.65 -17.82
N ASN C 328 -2.83 1.10 -16.60
CA ASN C 328 -1.82 1.57 -15.65
C ASN C 328 -0.87 0.47 -15.19
N ALA C 329 -1.41 -0.76 -15.13
CA ALA C 329 -0.62 -1.95 -14.82
C ALA C 329 0.36 -2.28 -15.96
N THR C 330 -0.13 -2.21 -17.19
CA THR C 330 0.67 -2.45 -18.40
C THR C 330 1.83 -1.45 -18.53
N ILE C 331 1.53 -0.18 -18.24
CA ILE C 331 2.55 0.88 -18.19
C ILE C 331 3.59 0.61 -17.10
N ALA C 332 3.12 0.27 -15.90
CA ALA C 332 3.99 -0.09 -14.78
C ALA C 332 4.89 -1.28 -15.09
N GLU C 333 4.39 -2.22 -15.91
CA GLU C 333 5.17 -3.38 -16.36
C GLU C 333 6.29 -3.04 -17.34
N VAL C 334 5.98 -2.18 -18.31
CA VAL C 334 6.97 -1.70 -19.29
C VAL C 334 8.11 -0.98 -18.56
N LEU C 335 7.75 -0.14 -17.59
CA LEU C 335 8.71 0.57 -16.73
C LEU C 335 9.55 -0.39 -15.88
N ARG C 336 8.90 -1.43 -15.36
CA ARG C 336 9.53 -2.47 -14.55
C ARG C 336 10.53 -3.28 -15.37
N LEU C 337 10.04 -3.84 -16.48
CA LEU C 337 10.83 -4.76 -17.29
C LEU C 337 11.87 -4.07 -18.16
N ARG C 338 11.58 -2.83 -18.56
CA ARG C 338 12.46 -2.03 -19.43
C ARG C 338 12.59 -0.56 -18.96
N PRO C 339 13.40 -0.31 -17.89
CA PRO C 339 13.66 1.07 -17.52
C PRO C 339 14.68 1.69 -18.47
N VAL C 340 14.31 2.82 -19.08
CA VAL C 340 15.10 3.47 -20.14
C VAL C 340 16.40 4.12 -19.66
N VAL C 341 16.48 4.38 -18.35
CA VAL C 341 17.73 4.81 -17.71
C VAL C 341 18.14 3.67 -16.77
N PRO C 342 18.67 2.55 -17.33
CA PRO C 342 18.76 1.27 -16.60
C PRO C 342 19.73 1.25 -15.42
N LEU C 343 20.71 2.15 -15.41
CA LEU C 343 21.65 2.28 -14.28
C LEU C 343 21.55 3.63 -13.61
N ALA C 344 20.40 4.28 -13.79
CA ALA C 344 20.11 5.64 -13.29
C ALA C 344 21.23 6.62 -13.68
N LEU C 345 21.60 7.49 -12.74
CA LEU C 345 22.82 8.29 -12.82
C LEU C 345 23.70 7.93 -11.62
N PRO C 346 25.05 8.10 -11.75
CA PRO C 346 25.92 7.79 -10.61
C PRO C 346 25.64 8.70 -9.41
N HIS C 347 25.65 8.10 -8.21
CA HIS C 347 25.48 8.82 -6.96
C HIS C 347 26.81 8.93 -6.25
N ARG C 348 26.93 9.88 -5.33
CA ARG C 348 28.14 10.06 -4.54
C ARG C 348 27.84 10.21 -3.05
N THR C 349 28.65 9.51 -2.25
CA THR C 349 28.54 9.53 -0.79
C THR C 349 28.98 10.89 -0.24
N THR C 350 28.07 11.53 0.49
CA THR C 350 28.26 12.89 1.00
C THR C 350 28.94 12.95 2.37
N ARG C 351 28.73 11.90 3.16
CA ARG C 351 29.28 11.75 4.51
C ARG C 351 29.53 10.26 4.79
N PRO C 352 30.44 9.92 5.73
CA PRO C 352 30.62 8.50 6.07
C PRO C 352 29.30 7.86 6.49
N SER C 353 28.96 6.73 5.87
CA SER C 353 27.67 6.08 6.05
C SER C 353 27.76 4.55 5.89
N SER C 354 26.61 3.89 5.81
CA SER C 354 26.54 2.44 5.62
C SER C 354 25.29 2.02 4.84
N ILE C 355 25.46 1.05 3.95
CA ILE C 355 24.34 0.36 3.30
C ILE C 355 24.46 -1.12 3.63
N SER C 356 23.34 -1.69 4.13
CA SER C 356 23.17 -3.13 4.32
C SER C 356 24.21 -3.78 5.25
N GLY C 357 24.66 -3.01 6.24
CA GLY C 357 25.66 -3.47 7.22
C GLY C 357 27.11 -3.12 6.88
N TYR C 358 27.35 -2.65 5.66
CA TYR C 358 28.69 -2.40 5.16
C TYR C 358 29.06 -0.93 5.20
N ASP C 359 30.29 -0.64 5.66
CA ASP C 359 30.83 0.72 5.72
C ASP C 359 31.01 1.31 4.32
N ILE C 360 30.38 2.46 4.11
CA ILE C 360 30.51 3.21 2.86
C ILE C 360 31.23 4.53 3.18
N PRO C 361 32.52 4.62 2.81
CA PRO C 361 33.31 5.85 3.00
C PRO C 361 32.77 7.01 2.17
N GLU C 362 33.11 8.23 2.58
CA GLU C 362 32.71 9.46 1.88
C GLU C 362 33.38 9.60 0.51
N GLY C 363 32.62 10.09 -0.46
CA GLY C 363 33.13 10.36 -1.81
C GLY C 363 33.08 9.19 -2.79
N THR C 364 32.67 8.01 -2.30
CA THR C 364 32.58 6.81 -3.15
C THR C 364 31.32 6.81 -4.03
N VAL C 365 31.52 6.43 -5.29
CA VAL C 365 30.49 6.44 -6.33
C VAL C 365 29.57 5.21 -6.25
N ILE C 366 28.26 5.45 -6.37
CA ILE C 366 27.23 4.41 -6.27
C ILE C 366 26.44 4.29 -7.56
N ILE C 367 26.37 3.07 -8.10
CA ILE C 367 25.56 2.76 -9.28
C ILE C 367 24.30 2.00 -8.86
N PRO C 368 23.10 2.63 -9.00
CA PRO C 368 21.86 1.95 -8.66
C PRO C 368 21.29 1.19 -9.86
N ASN C 369 21.52 -0.13 -9.87
CA ASN C 369 21.04 -0.99 -10.96
C ASN C 369 19.52 -1.16 -10.90
N LEU C 370 18.83 -0.37 -11.72
CA LEU C 370 17.37 -0.37 -11.75
C LEU C 370 16.79 -1.54 -12.55
N GLN C 371 17.39 -1.84 -13.71
CA GLN C 371 16.96 -2.98 -14.54
C GLN C 371 17.13 -4.31 -13.82
N GLY C 372 18.30 -4.52 -13.22
CA GLY C 372 18.63 -5.72 -12.46
C GLY C 372 17.79 -5.92 -11.21
N ALA C 373 17.50 -4.83 -10.50
CA ALA C 373 16.64 -4.85 -9.30
C ALA C 373 15.19 -5.24 -9.62
N HIS C 374 14.72 -4.85 -10.80
CA HIS C 374 13.37 -5.21 -11.25
C HIS C 374 13.26 -6.67 -11.71
N LEU C 375 14.41 -7.32 -11.86
CA LEU C 375 14.48 -8.72 -12.25
C LEU C 375 14.70 -9.66 -11.06
N ASP C 376 14.42 -9.16 -9.84
CA ASP C 376 14.51 -9.92 -8.61
C ASP C 376 13.29 -10.83 -8.43
N GLU C 377 13.54 -12.13 -8.34
CA GLU C 377 12.48 -13.15 -8.11
C GLU C 377 11.94 -13.13 -6.68
N THR C 378 12.72 -12.55 -5.76
CA THR C 378 12.33 -12.33 -4.36
C THR C 378 11.17 -11.34 -4.26
N VAL C 379 11.12 -10.38 -5.18
CA VAL C 379 10.13 -9.31 -5.16
C VAL C 379 9.06 -9.53 -6.24
N TRP C 380 9.51 -9.83 -7.46
CA TRP C 380 8.62 -10.10 -8.58
C TRP C 380 8.91 -11.50 -9.11
N GLU C 381 8.05 -12.45 -8.78
CA GLU C 381 8.16 -13.81 -9.34
C GLU C 381 7.79 -13.83 -10.81
N ARG C 382 8.36 -14.79 -11.55
CA ARG C 382 8.45 -14.73 -13.02
C ARG C 382 9.03 -13.38 -13.47
N PRO C 383 10.21 -12.97 -12.92
CA PRO C 383 10.68 -11.59 -13.12
C PRO C 383 11.02 -11.19 -14.55
N HIS C 384 11.27 -12.16 -15.42
CA HIS C 384 11.64 -11.89 -16.81
C HIS C 384 10.46 -11.80 -17.77
N GLU C 385 9.25 -11.97 -17.23
CA GLU C 385 8.06 -12.08 -18.05
C GLU C 385 7.17 -10.85 -17.99
N PHE C 386 6.73 -10.41 -19.16
CA PHE C 386 5.78 -9.31 -19.30
C PHE C 386 4.40 -9.79 -18.85
N TRP C 387 4.06 -9.46 -17.60
CA TRP C 387 2.85 -9.92 -16.97
C TRP C 387 2.14 -8.74 -16.28
N PRO C 388 1.36 -7.93 -17.05
CA PRO C 388 0.64 -6.78 -16.49
C PRO C 388 -0.27 -7.10 -15.30
N ASP C 389 -0.87 -8.30 -15.31
CA ASP C 389 -1.77 -8.76 -14.24
C ASP C 389 -1.14 -8.79 -12.85
N ARG C 390 0.19 -8.91 -12.84
CA ARG C 390 1.07 -8.74 -11.68
C ARG C 390 0.74 -7.48 -10.84
N PHE C 391 0.46 -6.37 -11.52
CA PHE C 391 0.16 -5.10 -10.86
C PHE C 391 -1.34 -4.84 -10.61
N LEU C 392 -2.12 -5.92 -10.49
CA LEU C 392 -3.55 -5.81 -10.21
C LEU C 392 -3.91 -6.27 -8.79
N GLU C 393 -4.92 -5.58 -8.22
CA GLU C 393 -5.24 -5.52 -6.78
C GLU C 393 -5.23 -6.82 -5.94
N PRO C 394 -5.84 -7.93 -6.43
CA PRO C 394 -5.70 -9.18 -5.67
C PRO C 394 -4.28 -9.73 -5.68
N GLY C 395 -3.55 -9.45 -4.59
CA GLY C 395 -2.15 -9.88 -4.43
C GLY C 395 -1.17 -9.15 -5.32
N LYS C 396 -1.40 -7.85 -5.49
CA LYS C 396 -0.50 -6.95 -6.24
C LYS C 396 0.86 -6.90 -5.55
N ASN C 397 1.89 -7.36 -6.25
CA ASN C 397 3.26 -7.24 -5.73
C ASN C 397 3.77 -5.80 -5.81
N SER C 398 4.88 -5.54 -5.10
CA SER C 398 5.29 -4.19 -4.73
C SER C 398 5.77 -3.29 -5.88
N ARG C 399 5.98 -2.02 -5.53
CA ARG C 399 6.25 -0.92 -6.46
C ARG C 399 7.65 -1.02 -7.06
N ALA C 400 7.75 -0.75 -8.35
CA ALA C 400 9.04 -0.62 -9.03
C ALA C 400 9.56 0.81 -8.89
N LEU C 401 10.79 1.04 -9.32
CA LEU C 401 11.39 2.37 -9.25
C LEU C 401 12.26 2.74 -10.45
N ALA C 402 11.63 2.76 -11.63
CA ALA C 402 12.28 3.13 -12.89
C ALA C 402 12.66 4.61 -12.96
N PHE C 403 12.03 5.42 -12.11
CA PHE C 403 12.34 6.84 -11.97
C PHE C 403 13.32 7.11 -10.83
N GLY C 404 13.77 6.05 -10.16
CA GLY C 404 14.59 6.15 -8.96
C GLY C 404 13.75 6.47 -7.74
N CYS C 405 14.41 6.94 -6.69
CA CYS C 405 13.78 7.33 -5.41
C CYS C 405 14.72 8.22 -4.60
N GLY C 406 14.17 8.98 -3.65
CA GLY C 406 14.96 9.85 -2.79
C GLY C 406 15.17 11.23 -3.39
N ALA C 407 16.21 11.92 -2.91
CA ALA C 407 16.53 13.29 -3.34
C ALA C 407 16.83 13.43 -4.84
N ARG C 408 17.16 12.32 -5.50
CA ARG C 408 17.51 12.35 -6.92
C ARG C 408 16.46 11.70 -7.85
N VAL C 409 15.21 11.61 -7.38
CA VAL C 409 14.08 11.16 -8.24
C VAL C 409 14.03 11.94 -9.54
N CYS C 410 13.65 11.24 -10.61
CA CYS C 410 13.40 11.87 -11.89
C CYS C 410 12.51 13.10 -11.71
N LEU C 411 13.00 14.24 -12.20
CA LEU C 411 12.33 15.53 -12.08
C LEU C 411 11.01 15.55 -12.85
N GLY C 412 11.01 14.92 -14.03
CA GLY C 412 9.88 14.96 -14.95
C GLY C 412 8.94 13.77 -14.87
N GLU C 413 8.98 13.06 -13.75
CA GLU C 413 8.10 11.90 -13.49
C GLU C 413 6.60 12.19 -13.66
N PRO C 414 6.06 13.28 -13.08
CA PRO C 414 4.63 13.56 -13.32
C PRO C 414 4.30 13.74 -14.81
N LEU C 415 5.14 14.48 -15.53
CA LEU C 415 4.97 14.72 -16.97
C LEU C 415 5.14 13.45 -17.79
N ALA C 416 6.11 12.61 -17.41
CA ALA C 416 6.36 11.33 -18.07
C ALA C 416 5.14 10.40 -18.00
N ARG C 417 4.58 10.26 -16.79
CA ARG C 417 3.41 9.39 -16.55
C ARG C 417 2.15 9.88 -17.26
N LEU C 418 2.02 11.21 -17.37
CA LEU C 418 0.95 11.82 -18.16
C LEU C 418 1.12 11.54 -19.66
N GLU C 419 2.33 11.74 -20.16
CA GLU C 419 2.68 11.44 -21.55
C GLU C 419 2.36 9.99 -21.90
N LEU C 420 2.86 9.05 -21.10
CA LEU C 420 2.63 7.62 -21.28
C LEU C 420 1.15 7.24 -21.28
N PHE C 421 0.37 7.81 -20.36
CA PHE C 421 -1.07 7.59 -20.29
C PHE C 421 -1.78 8.12 -21.54
N VAL C 422 -1.64 9.42 -21.78
CA VAL C 422 -2.33 10.13 -22.88
C VAL C 422 -1.98 9.58 -24.28
N VAL C 423 -0.69 9.31 -24.53
CA VAL C 423 -0.23 8.84 -25.85
C VAL C 423 -0.72 7.40 -26.14
N LEU C 424 -0.49 6.48 -25.20
CA LEU C 424 -0.96 5.09 -25.33
C LEU C 424 -2.49 4.96 -25.27
N THR C 425 -3.14 5.83 -24.50
CA THR C 425 -4.61 5.84 -24.38
C THR C 425 -5.30 6.22 -25.71
N ARG C 426 -4.66 7.14 -26.45
CA ARG C 426 -5.17 7.59 -27.74
C ARG C 426 -4.74 6.67 -28.90
N LEU C 427 -3.53 6.12 -28.80
CA LEU C 427 -2.99 5.20 -29.80
C LEU C 427 -3.80 3.92 -29.88
N LEU C 428 -4.09 3.33 -28.72
CA LEU C 428 -4.76 2.03 -28.64
C LEU C 428 -6.24 2.06 -29.01
N GLN C 429 -6.96 3.09 -28.56
CA GLN C 429 -8.37 3.23 -28.89
C GLN C 429 -8.61 3.49 -30.38
N ALA C 430 -7.78 4.36 -30.97
CA ALA C 430 -7.93 4.76 -32.37
C ALA C 430 -7.28 3.79 -33.37
N PHE C 431 -6.27 3.04 -32.92
CA PHE C 431 -5.53 2.14 -33.80
C PHE C 431 -5.37 0.70 -33.29
N THR C 432 -5.10 -0.20 -34.23
CA THR C 432 -4.61 -1.55 -33.96
C THR C 432 -3.16 -1.59 -34.46
N LEU C 433 -2.27 -2.14 -33.64
CA LEU C 433 -0.85 -2.23 -33.95
C LEU C 433 -0.52 -3.59 -34.54
N LEU C 434 -0.09 -3.56 -35.79
CA LEU C 434 0.39 -4.76 -36.51
C LEU C 434 1.91 -4.66 -36.64
N PRO C 435 2.63 -5.81 -36.68
CA PRO C 435 4.06 -5.78 -37.03
C PRO C 435 4.30 -5.16 -38.41
N SER C 436 5.49 -4.58 -38.61
CA SER C 436 5.90 -3.96 -39.89
C SER C 436 5.62 -4.86 -41.08
N GLY C 437 6.13 -6.09 -40.99
CA GLY C 437 5.90 -7.10 -42.01
C GLY C 437 5.72 -8.47 -41.40
N ASP C 438 6.68 -9.34 -41.68
CA ASP C 438 6.59 -10.77 -41.41
C ASP C 438 6.74 -11.18 -39.94
N ALA C 439 7.80 -10.71 -39.29
CA ALA C 439 8.16 -11.17 -37.95
C ALA C 439 7.97 -10.09 -36.86
N LEU C 440 7.92 -10.56 -35.62
CA LEU C 440 7.83 -9.70 -34.44
C LEU C 440 9.17 -8.99 -34.21
N PRO C 441 9.14 -7.71 -33.79
CA PRO C 441 10.40 -6.99 -33.52
C PRO C 441 11.12 -7.59 -32.31
N SER C 442 12.44 -7.67 -32.39
CA SER C 442 13.27 -8.22 -31.32
C SER C 442 13.02 -7.47 -30.02
N LEU C 443 12.87 -8.22 -28.94
CA LEU C 443 12.63 -7.65 -27.62
C LEU C 443 13.95 -7.29 -26.94
N GLN C 444 15.05 -7.91 -27.38
CA GLN C 444 16.38 -7.71 -26.78
C GLN C 444 16.96 -6.33 -27.09
N PRO C 445 17.41 -5.61 -26.04
CA PRO C 445 17.91 -4.24 -26.22
C PRO C 445 19.31 -4.21 -26.83
N LEU C 446 19.71 -3.03 -27.31
CA LEU C 446 21.05 -2.78 -27.84
C LEU C 446 22.14 -3.10 -26.79
N PRO C 447 23.02 -4.09 -27.11
CA PRO C 447 23.98 -4.66 -26.13
C PRO C 447 24.91 -3.66 -25.46
N HIS C 448 25.16 -2.52 -26.13
CA HIS C 448 26.14 -1.56 -25.64
C HIS C 448 25.59 -0.31 -24.98
N CYS C 449 25.48 -0.42 -23.65
CA CYS C 449 25.42 0.70 -22.69
C CYS C 449 24.46 1.85 -22.98
N SER C 450 25.06 3.01 -23.34
CA SER C 450 24.41 4.33 -23.29
C SER C 450 23.90 4.63 -21.86
N VAL C 451 23.34 5.82 -21.68
CA VAL C 451 22.58 6.14 -20.47
C VAL C 451 21.10 5.88 -20.79
N ILE C 452 20.88 5.32 -21.98
CA ILE C 452 19.54 5.12 -22.54
C ILE C 452 19.36 3.68 -23.07
N LEU C 453 18.37 2.98 -22.51
CA LEU C 453 18.05 1.60 -22.89
C LEU C 453 17.23 1.59 -24.19
N LYS C 454 17.93 1.41 -25.32
CA LYS C 454 17.33 1.49 -26.65
C LYS C 454 17.17 0.11 -27.31
N MET C 455 16.08 -0.06 -28.05
CA MET C 455 15.80 -1.28 -28.82
C MET C 455 16.35 -1.18 -30.25
N GLN C 456 16.46 -2.34 -30.90
CA GLN C 456 16.81 -2.43 -32.33
C GLN C 456 15.72 -1.77 -33.19
N PRO C 457 16.13 -0.98 -34.21
CA PRO C 457 15.16 -0.25 -35.05
C PRO C 457 14.09 -1.16 -35.66
N PHE C 458 12.87 -0.63 -35.71
CA PHE C 458 11.70 -1.38 -36.18
C PHE C 458 10.65 -0.43 -36.74
N GLN C 459 9.75 -0.97 -37.56
CA GLN C 459 8.59 -0.23 -38.03
C GLN C 459 7.30 -0.88 -37.53
N VAL C 460 6.19 -0.14 -37.60
CA VAL C 460 4.89 -0.62 -37.11
C VAL C 460 3.79 -0.25 -38.10
N ARG C 461 2.68 -0.99 -38.07
CA ARG C 461 1.53 -0.71 -38.90
C ARG C 461 0.35 -0.31 -38.03
N LEU C 462 -0.28 0.80 -38.39
CA LEU C 462 -1.43 1.33 -37.65
C LEU C 462 -2.70 1.27 -38.48
N GLN C 463 -3.65 0.48 -37.99
CA GLN C 463 -4.93 0.25 -38.65
C GLN C 463 -6.08 0.62 -37.71
N PRO C 464 -6.95 1.56 -38.15
CA PRO C 464 -8.16 1.89 -37.36
C PRO C 464 -9.20 0.76 -37.47
N ARG C 465 -9.91 0.43 -36.39
CA ARG C 465 -9.82 1.05 -35.06
C ARG C 465 -9.41 0.03 -33.99
N GLY C 466 -9.38 0.46 -32.73
CA GLY C 466 -9.09 -0.41 -31.59
C GLY C 466 -10.29 -1.19 -31.11
S SO4 D . 22.86 13.10 30.46
O1 SO4 D . 21.45 13.40 30.78
O2 SO4 D . 23.07 13.10 28.99
O3 SO4 D . 23.73 14.13 31.07
O4 SO4 D . 23.21 11.77 30.99
S SO4 E . -3.35 14.24 45.33
O1 SO4 E . -3.95 15.42 44.68
O2 SO4 E . -3.87 13.00 44.72
O3 SO4 E . -1.88 14.29 45.17
O4 SO4 E . -3.70 14.24 46.77
CHA HEM F . -7.13 10.64 20.91
CHB HEM F . -6.77 13.26 16.86
CHC HEM F . -11.64 13.38 16.52
CHD HEM F . -11.95 10.95 20.70
C1A HEM F . -6.63 11.33 19.84
C2A HEM F . -5.25 11.48 19.58
C3A HEM F . -5.16 12.23 18.43
C4A HEM F . -6.46 12.52 17.99
CMA HEM F . -3.89 12.67 17.75
CAA HEM F . -4.13 10.94 20.45
CBA HEM F . -3.23 9.87 19.82
CGA HEM F . -2.09 9.48 20.75
O1A HEM F . -2.16 9.68 21.99
O2A HEM F . -1.06 8.94 20.29
C1B HEM F . -8.08 13.51 16.42
C2B HEM F . -8.36 14.25 15.23
C3B HEM F . -9.74 14.31 15.10
C4B HEM F . -10.28 13.57 16.28
CMB HEM F . -7.32 14.84 14.28
CAB HEM F . -10.56 14.95 14.05
CBB HEM F . -10.32 14.83 12.75
C1C HEM F . -12.18 12.65 17.59
C2C HEM F . -13.53 12.26 17.75
C3C HEM F . -13.61 11.56 18.96
C4C HEM F . -12.29 11.53 19.50
CMC HEM F . -14.64 12.57 16.76
CAC HEM F . -14.78 10.93 19.63
CBC HEM F . -16.01 10.83 19.11
C1D HEM F . -10.63 10.68 21.06
C2D HEM F . -10.32 9.91 22.29
C3D HEM F . -8.98 9.83 22.34
C4D HEM F . -8.49 10.55 21.15
CMD HEM F . -11.31 9.34 23.28
CAD HEM F . -8.11 9.15 23.39
CBD HEM F . -7.86 7.68 23.02
CGD HEM F . -6.70 7.05 23.76
O1D HEM F . -6.07 7.64 24.66
O2D HEM F . -6.34 5.89 23.45
NA HEM F . -7.36 11.99 18.88
NB HEM F . -9.23 13.13 17.01
NC HEM F . -11.45 12.19 18.66
ND HEM F . -9.51 11.03 20.42
FE HEM F . -9.36 12.02 18.80
C1 STR G . -10.56 17.78 29.31
C2 STR G . -11.00 18.02 30.76
C3 STR G . -11.93 16.93 31.21
O3 STR G . -12.78 17.14 32.06
C4 STR G . -11.80 15.57 30.63
C5 STR G . -10.94 15.28 29.65
C6 STR G . -10.88 13.83 29.20
C7 STR G . -10.97 13.76 27.67
C8 STR G . -9.92 14.66 27.02
C9 STR G . -10.14 16.15 27.44
C10 STR G . -10.06 16.36 28.97
C11 STR G . -9.31 17.16 26.60
C12 STR G . -9.20 16.88 25.09
C13 STR G . -8.86 15.42 24.78
C14 STR G . -9.89 14.54 25.49
C15 STR G . -9.80 13.16 24.84
C16 STR G . -9.43 13.48 23.39
C17 STR G . -9.12 14.99 23.33
C18 STR G . -7.38 15.16 25.16
C19 STR G . -8.63 16.19 29.52
C20 STR G . -8.10 15.38 22.28
O20 STR G . -7.83 16.57 22.11
C21 STR G . -7.41 14.35 21.45
S SO4 H . 18.66 -25.29 25.19
O1 SO4 H . 17.62 -24.25 25.30
O2 SO4 H . 18.27 -26.29 24.18
O3 SO4 H . 19.94 -24.66 24.80
O4 SO4 H . 18.82 -25.96 26.50
CHA HEM I . 0.70 -24.55 -0.44
CHB HEM I . -3.07 -22.17 1.41
CHC HEM I . -5.73 -23.33 -2.51
CHD HEM I . -1.97 -25.80 -4.30
C1A HEM I . -0.11 -23.80 0.39
C2A HEM I . 0.29 -23.31 1.66
C3A HEM I . -0.78 -22.64 2.18
C4A HEM I . -1.83 -22.72 1.24
CMA HEM I . -0.85 -21.94 3.52
CAA HEM I . 1.64 -23.52 2.32
CBA HEM I . 2.58 -22.31 2.25
CGA HEM I . 3.92 -22.61 2.88
O1A HEM I . 4.33 -23.80 3.03
O2A HEM I . 4.64 -21.67 3.28
C1B HEM I . -4.12 -22.28 0.48
C2B HEM I . -5.40 -21.67 0.70
C3B HEM I . -6.17 -21.98 -0.40
C4B HEM I . -5.31 -22.81 -1.28
CMB HEM I . -5.78 -20.84 1.91
CAB HEM I . -7.57 -21.62 -0.70
CBB HEM I . -8.19 -20.53 -0.23
C1C HEM I . -4.92 -24.06 -3.39
C2C HEM I . -5.26 -24.43 -4.72
C3C HEM I . -4.18 -25.14 -5.23
C4C HEM I . -3.19 -25.19 -4.21
CMC HEM I . -6.58 -24.09 -5.40
CAC HEM I . -4.01 -25.77 -6.57
CBC HEM I . -4.43 -25.24 -7.72
C1D HEM I . -0.94 -25.62 -3.37
C2D HEM I . 0.40 -26.21 -3.57
C3D HEM I . 1.14 -25.85 -2.50
C4D HEM I . 0.23 -25.06 -1.64
CMD HEM I . 0.84 -27.03 -4.77
CAD HEM I . 2.58 -26.20 -2.22
CBD HEM I . 3.52 -25.12 -2.79
CGD HEM I . 4.98 -25.31 -2.42
O1D HEM I . 5.37 -26.19 -1.60
O2D HEM I . 5.86 -24.58 -2.94
NA HEM I . -1.42 -23.47 0.17
NB HEM I . -4.11 -22.95 -0.68
NC HEM I . -3.66 -24.52 -3.11
ND HEM I . -0.99 -24.96 -2.19
FE HEM I . -2.46 -24.02 -1.46
C1 STR J . -1.68 -35.95 0.41
C2 STR J . -1.27 -37.42 0.21
C3 STR J . -0.60 -37.59 -1.13
O3 STR J . -0.57 -38.69 -1.65
C4 STR J . 0.03 -36.44 -1.80
C5 STR J . 0.13 -35.24 -1.20
C6 STR J . 0.97 -34.19 -1.91
C7 STR J . 0.16 -32.91 -2.03
C8 STR J . -0.34 -32.44 -0.67
C9 STR J . -1.26 -33.51 -0.02
C10 STR J . -0.58 -34.91 0.11
C11 STR J . -1.95 -33.01 1.28
C12 STR J . -2.47 -31.55 1.27
C13 STR J . -1.47 -30.56 0.68
C14 STR J . -1.07 -31.09 -0.70
C15 STR J . -0.46 -29.91 -1.48
C16 STR J . -1.16 -28.69 -0.89
C17 STR J . -2.06 -29.20 0.27
C18 STR J . -0.30 -30.39 1.68
C19 STR J . 0.47 -34.95 1.23
C20 STR J . -2.31 -28.21 1.39
O20 STR J . -3.05 -28.53 2.32
C21 STR J . -1.71 -26.84 1.40
S SO4 K . 39.92 -4.25 -0.06
O1 SO4 K . 38.84 -5.24 0.00
O2 SO4 K . 39.57 -3.18 -1.02
O3 SO4 K . 40.10 -3.65 1.27
O4 SO4 K . 41.17 -4.92 -0.49
CHA HEM L . 16.69 11.73 -13.56
CHB HEM L . 14.19 7.98 -15.31
CHC HEM L . 11.52 11.05 -18.00
CHD HEM L . 14.17 14.75 -16.38
C1A HEM L . 16.23 10.46 -13.80
C2A HEM L . 16.77 9.30 -13.19
C3A HEM L . 16.06 8.24 -13.69
C4A HEM L . 15.09 8.74 -14.59
CMA HEM L . 16.25 6.78 -13.35
CAA HEM L . 17.93 9.27 -12.20
CBA HEM L . 17.59 8.81 -10.78
CGA HEM L . 18.81 8.89 -9.88
O1A HEM L . 19.77 9.67 -10.12
O2A HEM L . 18.87 8.18 -8.85
C1B HEM L . 13.24 8.50 -16.20
C2B HEM L . 12.27 7.69 -16.88
C3B HEM L . 11.51 8.53 -17.65
C4B HEM L . 12.05 9.90 -17.39
CMB HEM L . 12.14 6.18 -16.76
CAB HEM L . 10.37 8.27 -18.58
CBB HEM L . 9.74 7.11 -18.71
C1C HEM L . 11.95 12.35 -17.74
C2C HEM L . 11.30 13.52 -18.17
C3C HEM L . 12.08 14.60 -17.71
C4C HEM L . 13.17 14.03 -17.00
CMC HEM L . 10.01 13.56 -18.98
CAC HEM L . 11.86 16.07 -17.86
CBC HEM L . 10.98 16.63 -18.69
C1D HEM L . 15.05 14.18 -15.46
C2D HEM L . 15.99 15.02 -14.73
C3D HEM L . 16.70 14.19 -13.94
C4D HEM L . 16.17 12.83 -14.21
CMD HEM L . 16.16 16.52 -14.84
CAD HEM L . 17.81 14.54 -12.96
CBD HEM L . 17.26 14.75 -11.54
CGD HEM L . 18.35 14.77 -10.50
O1D HEM L . 19.55 14.59 -10.79
O2D HEM L . 18.06 14.95 -9.28
NA HEM L . 15.24 10.11 -14.68
NB HEM L . 13.07 9.79 -16.52
NC HEM L . 13.07 12.68 -17.02
ND HEM L . 15.18 12.88 -15.13
FE HEM L . 14.21 11.40 -15.79
C1 STR M . 23.84 15.57 -22.01
C2 STR M . 24.85 16.59 -22.52
C3 STR M . 24.39 17.98 -22.18
O3 STR M . 24.65 18.90 -22.93
C4 STR M . 23.60 18.23 -20.95
C5 STR M . 23.19 17.22 -20.18
C6 STR M . 22.47 17.59 -18.88
C7 STR M . 21.17 16.78 -18.77
C8 STR M . 21.42 15.28 -18.96
C9 STR M . 22.07 14.98 -20.34
C10 STR M . 23.41 15.74 -20.54
C11 STR M . 22.09 13.49 -20.71
C12 STR M . 20.85 12.66 -20.33
C13 STR M . 20.35 12.93 -18.91
C14 STR M . 20.15 14.43 -18.77
C15 STR M . 19.26 14.66 -17.54
C16 STR M . 18.36 13.42 -17.55
C17 STR M . 18.91 12.47 -18.64
C18 STR M . 21.34 12.30 -17.89
C19 STR M . 24.52 15.20 -19.63
C20 STR M . 18.70 11.00 -18.35
O20 STR M . 19.08 10.17 -19.17
C21 STR M . 18.01 10.53 -17.09
#